data_2MFF
#
_entry.id   2MFF
#
loop_
_entity.id
_entity.type
_entity.pdbx_description
1 polymer 'Carbon storage regulator homolog'
2 polymer 'SL3(RsmZ) RNA'
#
loop_
_entity_poly.entity_id
_entity_poly.type
_entity_poly.pdbx_seq_one_letter_code
_entity_poly.pdbx_strand_id
1 'polypeptide(L)' MLILTRKVGESINIGDDITITILGVSGQQVRIGINAPKDVAVHREEIYQRIQAGLTAPDKRETPHHHHHH A,C
2 'polyribonucleotide' GGGAUCGCAGGAAGCGAUCCC B,D
#
# COMPACT_ATOMS: atom_id res chain seq x y z
N MET A 1 -8.11 -4.18 9.91
CA MET A 1 -6.84 -4.42 9.19
C MET A 1 -6.96 -5.64 8.29
N LEU A 2 -6.24 -5.65 7.17
CA LEU A 2 -6.15 -6.79 6.27
C LEU A 2 -4.68 -7.02 5.99
N ILE A 3 -4.18 -8.24 6.25
CA ILE A 3 -2.76 -8.54 6.18
C ILE A 3 -2.46 -9.49 5.03
N LEU A 4 -1.26 -9.34 4.47
CA LEU A 4 -0.75 -10.14 3.37
C LEU A 4 0.75 -10.37 3.60
N THR A 5 1.30 -11.42 3.01
CA THR A 5 2.70 -11.77 3.17
C THR A 5 3.31 -12.08 1.81
N ARG A 6 4.44 -11.45 1.51
CA ARG A 6 5.11 -11.55 0.22
C ARG A 6 6.61 -11.58 0.39
N LYS A 7 7.33 -11.58 -0.74
CA LYS A 7 8.77 -11.65 -0.78
C LYS A 7 9.31 -10.44 -1.54
N VAL A 8 10.55 -10.03 -1.27
CA VAL A 8 11.09 -8.89 -1.99
C VAL A 8 11.00 -9.12 -3.51
N GLY A 9 10.50 -8.11 -4.23
CA GLY A 9 10.33 -8.19 -5.67
C GLY A 9 8.90 -8.51 -6.09
N GLU A 10 7.96 -8.58 -5.15
CA GLU A 10 6.56 -8.90 -5.45
C GLU A 10 5.64 -7.69 -5.20
N SER A 11 4.34 -7.84 -5.50
CA SER A 11 3.40 -6.73 -5.46
C SER A 11 2.05 -7.09 -4.82
N ILE A 12 1.27 -6.04 -4.55
CA ILE A 12 -0.05 -6.09 -3.89
C ILE A 12 -0.93 -5.03 -4.56
N ASN A 13 -2.25 -5.11 -4.38
CA ASN A 13 -3.17 -4.23 -5.10
C ASN A 13 -4.21 -3.58 -4.19
N ILE A 14 -4.69 -2.40 -4.61
CA ILE A 14 -5.70 -1.63 -3.90
C ILE A 14 -6.62 -0.96 -4.92
N GLY A 15 -7.92 -1.01 -4.66
CA GLY A 15 -8.91 -0.42 -5.55
C GLY A 15 -8.75 -0.96 -6.97
N ASP A 16 -8.99 -0.09 -7.96
CA ASP A 16 -8.84 -0.41 -9.37
C ASP A 16 -7.88 0.58 -10.04
N ASP A 17 -7.13 1.32 -9.24
CA ASP A 17 -6.23 2.37 -9.73
C ASP A 17 -4.88 2.37 -8.99
N ILE A 18 -4.66 1.47 -8.04
CA ILE A 18 -3.42 1.49 -7.27
C ILE A 18 -2.81 0.10 -7.16
N THR A 19 -1.48 0.07 -7.10
CA THR A 19 -0.70 -1.15 -6.89
C THR A 19 0.46 -0.79 -5.97
N ILE A 20 0.97 -1.79 -5.24
CA ILE A 20 2.02 -1.62 -4.25
C ILE A 20 3.09 -2.67 -4.52
N THR A 21 4.35 -2.36 -4.18
CA THR A 21 5.45 -3.26 -4.44
C THR A 21 6.46 -3.21 -3.30
N ILE A 22 7.12 -4.34 -3.03
CA ILE A 22 8.15 -4.45 -2.01
C ILE A 22 9.50 -4.57 -2.74
N LEU A 23 10.12 -3.42 -3.04
CA LEU A 23 11.32 -3.41 -3.86
C LEU A 23 12.47 -4.11 -3.13
N GLY A 24 12.45 -4.16 -1.80
CA GLY A 24 13.41 -4.95 -1.03
C GLY A 24 13.52 -4.50 0.42
N VAL A 25 14.55 -4.97 1.13
CA VAL A 25 14.80 -4.57 2.51
C VAL A 25 16.26 -4.08 2.64
N SER A 26 16.59 -3.49 3.79
CA SER A 26 17.93 -2.94 4.04
C SER A 26 18.29 -3.14 5.50
N GLY A 27 18.14 -4.38 5.97
CA GLY A 27 18.33 -4.73 7.37
C GLY A 27 16.96 -4.94 7.99
N GLN A 28 16.48 -3.96 8.75
CA GLN A 28 15.12 -3.99 9.28
C GLN A 28 14.30 -2.85 8.68
N GLN A 29 14.93 -2.06 7.79
CA GLN A 29 14.23 -1.11 6.96
C GLN A 29 13.62 -1.88 5.80
N VAL A 30 12.64 -1.26 5.12
CA VAL A 30 11.96 -1.89 4.01
C VAL A 30 11.70 -0.84 2.92
N ARG A 31 12.09 -1.18 1.70
CA ARG A 31 11.94 -0.34 0.52
C ARG A 31 10.63 -0.69 -0.16
N ILE A 32 9.69 0.26 -0.21
CA ILE A 32 8.35 0.01 -0.71
C ILE A 32 8.03 1.01 -1.81
N GLY A 33 7.32 0.56 -2.85
CA GLY A 33 6.96 1.38 -3.98
C GLY A 33 5.45 1.38 -4.15
N ILE A 34 4.94 2.39 -4.86
CA ILE A 34 3.53 2.61 -5.07
C ILE A 34 3.32 2.97 -6.52
N ASN A 35 2.19 2.58 -7.07
CA ASN A 35 1.88 2.77 -8.48
C ASN A 35 0.43 3.20 -8.62
N ALA A 36 0.22 4.52 -8.62
CA ALA A 36 -1.10 5.12 -8.71
C ALA A 36 -1.07 6.36 -9.60
N PRO A 37 -2.22 6.74 -10.17
CA PRO A 37 -2.36 7.96 -10.92
C PRO A 37 -2.14 9.17 -10.01
N LYS A 38 -1.78 10.32 -10.58
CA LYS A 38 -1.66 11.56 -9.83
C LYS A 38 -3.04 11.99 -9.32
N ASP A 39 -4.06 11.19 -9.65
CA ASP A 39 -5.43 11.35 -9.21
C ASP A 39 -5.57 11.10 -7.71
N VAL A 40 -4.53 10.56 -7.07
CA VAL A 40 -4.55 10.21 -5.65
C VAL A 40 -3.24 10.63 -4.99
N ALA A 41 -3.29 10.76 -3.67
CA ALA A 41 -2.13 11.17 -2.89
C ALA A 41 -1.47 9.96 -2.25
N VAL A 42 -0.14 9.91 -2.26
CA VAL A 42 0.60 8.83 -1.60
C VAL A 42 1.87 9.39 -0.97
N HIS A 43 2.00 9.26 0.35
CA HIS A 43 3.14 9.83 1.06
C HIS A 43 3.40 9.07 2.36
N ARG A 44 4.60 9.27 2.95
CA ARG A 44 4.88 8.76 4.28
C ARG A 44 4.19 9.66 5.30
N GLU A 45 3.99 9.15 6.51
CA GLU A 45 3.28 9.86 7.57
C GLU A 45 3.80 11.29 7.75
N GLU A 46 5.11 11.49 7.57
CA GLU A 46 5.72 12.78 7.81
C GLU A 46 5.25 13.85 6.81
N ILE A 47 4.92 13.46 5.58
CA ILE A 47 4.41 14.41 4.58
C ILE A 47 2.89 14.45 4.68
N TYR A 48 2.29 13.31 5.03
CA TYR A 48 0.84 13.19 5.08
C TYR A 48 0.21 14.18 6.05
N GLN A 49 0.92 14.53 7.12
CA GLN A 49 0.40 15.43 8.15
C GLN A 49 0.23 16.85 7.63
N ARG A 50 0.86 17.19 6.50
CA ARG A 50 0.70 18.52 5.91
C ARG A 50 -0.54 18.53 5.01
N ILE A 51 -0.97 17.35 4.57
CA ILE A 51 -2.13 17.22 3.70
C ILE A 51 -3.41 17.31 4.51
N GLN A 52 -3.39 16.74 5.72
CA GLN A 52 -4.53 16.76 6.62
C GLN A 52 -4.59 18.07 7.39
N ALA A 53 -3.66 19.00 7.11
CA ALA A 53 -3.57 20.26 7.81
C ALA A 53 -4.68 21.24 7.39
N GLY A 54 -5.38 20.97 6.29
CA GLY A 54 -6.46 21.84 5.86
C GLY A 54 -6.68 21.85 4.35
N LEU A 55 -6.29 20.78 3.65
CA LEU A 55 -6.25 20.82 2.20
C LEU A 55 -6.27 19.43 1.55
N THR A 56 -6.93 18.46 2.18
CA THR A 56 -7.00 17.12 1.62
C THR A 56 -7.77 17.08 0.29
N ALA A 57 -8.20 18.26 -0.20
CA ALA A 57 -8.87 18.44 -1.47
C ALA A 57 -8.31 19.68 -2.15
N PRO A 58 -7.06 19.60 -2.67
CA PRO A 58 -6.33 20.70 -3.28
C PRO A 58 -7.10 21.47 -4.36
N ASP A 59 -6.49 22.57 -4.82
CA ASP A 59 -7.04 23.47 -5.82
C ASP A 59 -7.24 22.81 -7.19
N MET C 1 6.11 5.01 -10.64
CA MET C 1 6.33 4.53 -9.26
C MET C 1 6.66 5.68 -8.34
N LEU C 2 6.10 5.66 -7.13
CA LEU C 2 6.43 6.60 -6.06
C LEU C 2 6.93 5.73 -4.92
N ILE C 3 8.11 6.04 -4.38
CA ILE C 3 8.80 5.13 -3.48
C ILE C 3 9.09 5.78 -2.15
N LEU C 4 9.04 4.95 -1.10
CA LEU C 4 9.22 5.35 0.28
C LEU C 4 9.95 4.24 1.03
N THR C 5 10.61 4.60 2.13
CA THR C 5 11.33 3.64 2.94
C THR C 5 10.88 3.78 4.39
N ARG C 6 10.81 2.63 5.07
CA ARG C 6 10.24 2.49 6.40
C ARG C 6 11.03 1.45 7.15
N LYS C 7 10.62 1.15 8.39
CA LYS C 7 11.14 0.03 9.15
C LYS C 7 9.99 -0.69 9.81
N VAL C 8 10.22 -1.91 10.27
CA VAL C 8 9.16 -2.70 10.88
C VAL C 8 8.48 -1.94 12.02
N GLY C 9 7.18 -1.70 11.83
CA GLY C 9 6.35 -1.00 12.80
C GLY C 9 5.88 0.37 12.29
N GLU C 10 6.54 0.92 11.26
CA GLU C 10 6.18 2.22 10.70
C GLU C 10 5.02 2.08 9.72
N SER C 11 4.53 3.21 9.18
CA SER C 11 3.34 3.22 8.31
C SER C 11 3.49 4.20 7.15
N ILE C 12 2.53 4.12 6.22
CA ILE C 12 2.45 4.89 4.98
C ILE C 12 0.98 5.21 4.73
N ASN C 13 0.68 6.22 3.89
CA ASN C 13 -0.69 6.66 3.67
C ASN C 13 -1.02 6.77 2.18
N ILE C 14 -2.30 6.57 1.84
CA ILE C 14 -2.81 6.62 0.49
C ILE C 14 -4.21 7.26 0.51
N GLY C 15 -4.44 8.22 -0.39
CA GLY C 15 -5.72 8.90 -0.48
C GLY C 15 -6.14 9.48 0.87
N ASP C 16 -7.44 9.44 1.14
CA ASP C 16 -8.00 9.90 2.40
C ASP C 16 -8.84 8.80 3.04
N ASP C 17 -8.68 7.56 2.58
CA ASP C 17 -9.43 6.42 3.08
C ASP C 17 -8.54 5.19 3.30
N ILE C 18 -7.22 5.27 3.05
CA ILE C 18 -6.36 4.10 3.19
C ILE C 18 -5.07 4.45 3.92
N THR C 19 -4.56 3.46 4.67
CA THR C 19 -3.28 3.52 5.37
C THR C 19 -2.64 2.14 5.26
N ILE C 20 -1.31 2.09 5.34
CA ILE C 20 -0.53 0.87 5.18
C ILE C 20 0.47 0.79 6.32
N THR C 21 0.83 -0.42 6.75
CA THR C 21 1.76 -0.61 7.85
C THR C 21 2.62 -1.85 7.62
N ILE C 22 3.93 -1.71 7.81
CA ILE C 22 4.86 -2.81 7.71
C ILE C 22 4.91 -3.48 9.09
N LEU C 23 4.13 -4.55 9.26
CA LEU C 23 4.00 -5.19 10.57
C LEU C 23 5.33 -5.82 10.98
N GLY C 24 6.12 -6.25 9.98
CA GLY C 24 7.46 -6.77 10.21
C GLY C 24 7.90 -7.68 9.07
N VAL C 25 9.02 -8.37 9.25
CA VAL C 25 9.51 -9.31 8.26
C VAL C 25 9.66 -10.70 8.89
N SER C 26 9.91 -11.70 8.03
CA SER C 26 9.98 -13.10 8.43
C SER C 26 11.04 -13.81 7.58
N GLY C 27 12.21 -13.19 7.47
CA GLY C 27 13.24 -13.63 6.55
C GLY C 27 13.27 -12.64 5.40
N GLN C 28 13.51 -13.11 4.17
CA GLN C 28 13.47 -12.22 3.02
C GLN C 28 12.03 -12.02 2.55
N GLN C 29 11.08 -12.65 3.25
CA GLN C 29 9.66 -12.36 3.08
C GLN C 29 9.29 -11.24 4.03
N VAL C 30 8.17 -10.58 3.76
CA VAL C 30 7.73 -9.39 4.48
C VAL C 30 6.23 -9.50 4.73
N ARG C 31 5.76 -8.91 5.83
CA ARG C 31 4.36 -8.98 6.21
C ARG C 31 3.83 -7.57 6.45
N ILE C 32 2.76 -7.25 5.73
CA ILE C 32 2.24 -5.90 5.62
C ILE C 32 0.75 -5.92 5.94
N GLY C 33 0.26 -4.85 6.56
CA GLY C 33 -1.15 -4.71 6.88
C GLY C 33 -1.73 -3.52 6.13
N ILE C 34 -3.05 -3.54 5.97
CA ILE C 34 -3.77 -2.53 5.20
C ILE C 34 -4.98 -2.11 6.03
N ASN C 35 -5.35 -0.85 5.89
CA ASN C 35 -6.42 -0.26 6.68
C ASN C 35 -7.28 0.61 5.78
N ALA C 36 -8.33 0.00 5.23
CA ALA C 36 -9.22 0.65 4.29
C ALA C 36 -10.67 0.23 4.56
N PRO C 37 -11.63 1.05 4.13
CA PRO C 37 -13.04 0.73 4.18
C PRO C 37 -13.38 -0.40 3.21
N LYS C 38 -14.49 -1.09 3.45
CA LYS C 38 -15.00 -2.11 2.53
C LYS C 38 -15.51 -1.46 1.25
N ASP C 39 -15.47 -0.13 1.22
CA ASP C 39 -15.80 0.68 0.05
C ASP C 39 -14.73 0.51 -1.04
N VAL C 40 -13.63 -0.17 -0.71
CA VAL C 40 -12.54 -0.43 -1.63
C VAL C 40 -12.03 -1.85 -1.44
N ALA C 41 -11.32 -2.39 -2.44
CA ALA C 41 -10.84 -3.75 -2.39
C ALA C 41 -9.33 -3.77 -2.25
N VAL C 42 -8.81 -4.81 -1.57
CA VAL C 42 -7.37 -4.98 -1.39
C VAL C 42 -7.02 -6.46 -1.42
N HIS C 43 -6.05 -6.85 -2.26
CA HIS C 43 -5.60 -8.23 -2.34
C HIS C 43 -4.18 -8.29 -2.89
N ARG C 44 -3.49 -9.41 -2.68
CA ARG C 44 -2.21 -9.64 -3.35
C ARG C 44 -2.50 -9.99 -4.80
N GLU C 45 -1.50 -9.80 -5.68
CA GLU C 45 -1.66 -10.03 -7.11
C GLU C 45 -2.27 -11.39 -7.41
N GLU C 46 -1.96 -12.42 -6.61
CA GLU C 46 -2.45 -13.76 -6.89
C GLU C 46 -3.98 -13.86 -6.78
N ILE C 47 -4.60 -13.04 -5.92
CA ILE C 47 -6.06 -13.02 -5.79
C ILE C 47 -6.63 -11.99 -6.76
N TYR C 48 -5.92 -10.85 -6.89
CA TYR C 48 -6.39 -9.74 -7.70
C TYR C 48 -6.59 -10.13 -9.15
N GLN C 49 -5.78 -11.06 -9.65
CA GLN C 49 -5.84 -11.48 -11.04
C GLN C 49 -7.11 -12.26 -11.37
N ARG C 50 -7.83 -12.79 -10.36
CA ARG C 50 -9.09 -13.47 -10.60
C ARG C 50 -10.21 -12.45 -10.67
N ILE C 51 -10.00 -11.27 -10.07
CA ILE C 51 -11.00 -10.23 -10.03
C ILE C 51 -11.03 -9.48 -11.35
N GLN C 52 -9.86 -9.21 -11.92
CA GLN C 52 -9.75 -8.53 -13.21
C GLN C 52 -9.94 -9.50 -14.38
N ALA C 53 -10.22 -10.77 -14.08
CA ALA C 53 -10.37 -11.80 -15.10
C ALA C 53 -11.55 -11.55 -16.04
N GLY C 54 -12.49 -10.67 -15.67
CA GLY C 54 -13.62 -10.35 -16.52
C GLY C 54 -14.90 -10.10 -15.74
N LEU C 55 -14.81 -9.58 -14.52
CA LEU C 55 -15.98 -9.49 -13.64
C LEU C 55 -15.90 -8.33 -12.65
N THR C 56 -14.73 -8.09 -12.06
CA THR C 56 -14.52 -7.14 -10.98
C THR C 56 -15.63 -7.12 -9.94
N ALA C 57 -16.33 -8.25 -9.77
CA ALA C 57 -17.38 -8.39 -8.78
C ALA C 57 -17.55 -9.85 -8.39
N PRO C 58 -17.47 -10.17 -7.10
CA PRO C 58 -17.73 -11.50 -6.56
C PRO C 58 -19.07 -12.10 -6.97
N ASP C 59 -19.29 -13.35 -6.54
CA ASP C 59 -20.50 -14.10 -6.81
C ASP C 59 -21.73 -13.40 -6.25
N MET A 1 -8.23 -4.08 9.80
CA MET A 1 -6.96 -4.36 9.10
C MET A 1 -7.11 -5.59 8.21
N LEU A 2 -6.39 -5.59 7.08
CA LEU A 2 -6.29 -6.74 6.20
C LEU A 2 -4.82 -6.95 5.93
N ILE A 3 -4.29 -8.07 6.44
CA ILE A 3 -2.87 -8.37 6.39
C ILE A 3 -2.57 -9.26 5.21
N LEU A 4 -1.38 -9.07 4.65
CA LEU A 4 -0.85 -9.82 3.54
C LEU A 4 0.64 -10.04 3.79
N THR A 5 1.18 -11.09 3.18
CA THR A 5 2.58 -11.43 3.37
C THR A 5 3.21 -11.53 1.98
N ARG A 6 4.46 -11.08 1.88
CA ARG A 6 5.12 -10.90 0.60
C ARG A 6 6.59 -11.25 0.75
N LYS A 7 7.36 -11.17 -0.32
CA LYS A 7 8.81 -11.32 -0.26
C LYS A 7 9.42 -10.42 -1.31
N VAL A 8 10.68 -10.01 -1.11
CA VAL A 8 11.27 -9.00 -1.98
C VAL A 8 11.16 -9.40 -3.45
N GLY A 9 10.58 -8.50 -4.25
CA GLY A 9 10.40 -8.72 -5.67
C GLY A 9 8.97 -9.09 -6.07
N GLU A 10 8.00 -9.02 -5.13
CA GLU A 10 6.62 -9.39 -5.40
C GLU A 10 5.67 -8.18 -5.23
N SER A 11 4.36 -8.38 -5.44
CA SER A 11 3.41 -7.28 -5.55
C SER A 11 2.12 -7.48 -4.76
N ILE A 12 1.38 -6.38 -4.57
CA ILE A 12 0.11 -6.29 -3.87
C ILE A 12 -0.74 -5.23 -4.59
N ASN A 13 -2.06 -5.24 -4.39
CA ASN A 13 -2.95 -4.34 -5.12
C ASN A 13 -4.03 -3.73 -4.22
N ILE A 14 -4.51 -2.55 -4.63
CA ILE A 14 -5.53 -1.80 -3.92
C ILE A 14 -6.45 -1.13 -4.94
N GLY A 15 -7.76 -1.18 -4.70
CA GLY A 15 -8.75 -0.61 -5.59
C GLY A 15 -8.56 -1.12 -7.02
N ASP A 16 -8.84 -0.25 -8.00
CA ASP A 16 -8.64 -0.55 -9.40
C ASP A 16 -7.74 0.52 -10.04
N ASP A 17 -7.03 1.29 -9.21
CA ASP A 17 -6.16 2.36 -9.66
C ASP A 17 -4.82 2.35 -8.90
N ILE A 18 -4.58 1.40 -7.99
CA ILE A 18 -3.34 1.40 -7.22
C ILE A 18 -2.72 0.01 -7.16
N THR A 19 -1.39 -0.02 -7.11
CA THR A 19 -0.59 -1.24 -6.96
C THR A 19 0.58 -0.93 -6.03
N ILE A 20 1.13 -1.96 -5.39
CA ILE A 20 2.21 -1.83 -4.43
C ILE A 20 3.26 -2.90 -4.73
N THR A 21 4.53 -2.60 -4.45
CA THR A 21 5.61 -3.52 -4.76
C THR A 21 6.70 -3.43 -3.70
N ILE A 22 7.17 -4.60 -3.22
CA ILE A 22 8.22 -4.69 -2.22
C ILE A 22 9.56 -4.81 -2.95
N LEU A 23 10.22 -3.69 -3.21
CA LEU A 23 11.42 -3.69 -4.04
C LEU A 23 12.58 -4.40 -3.35
N GLY A 24 12.57 -4.41 -2.00
CA GLY A 24 13.57 -5.11 -1.22
C GLY A 24 13.67 -4.58 0.20
N VAL A 25 14.69 -5.02 0.95
CA VAL A 25 14.94 -4.55 2.31
C VAL A 25 16.42 -4.16 2.44
N SER A 26 16.76 -3.52 3.56
CA SER A 26 18.13 -3.05 3.81
C SER A 26 18.44 -3.24 5.29
N GLY A 27 18.11 -4.42 5.81
CA GLY A 27 18.15 -4.71 7.23
C GLY A 27 16.72 -4.78 7.75
N GLN A 28 16.48 -4.31 8.97
CA GLN A 28 15.12 -4.28 9.51
C GLN A 28 14.31 -3.13 8.91
N GLN A 29 14.91 -2.36 8.00
CA GLN A 29 14.19 -1.41 7.18
C GLN A 29 13.81 -2.06 5.86
N VAL A 30 12.78 -1.52 5.21
CA VAL A 30 12.15 -2.11 4.03
C VAL A 30 11.95 -1.00 3.01
N ARG A 31 12.00 -1.34 1.72
CA ARG A 31 11.84 -0.38 0.65
C ARG A 31 10.74 -0.85 -0.29
N ILE A 32 9.73 0.00 -0.46
CA ILE A 32 8.49 -0.34 -1.10
C ILE A 32 8.11 0.78 -2.06
N GLY A 33 7.53 0.40 -3.19
CA GLY A 33 7.08 1.34 -4.20
C GLY A 33 5.57 1.34 -4.28
N ILE A 34 5.03 2.40 -4.87
CA ILE A 34 3.61 2.62 -4.98
C ILE A 34 3.35 3.05 -6.41
N ASN A 35 2.21 2.66 -6.95
CA ASN A 35 1.90 2.86 -8.35
C ASN A 35 0.44 3.28 -8.48
N ALA A 36 0.23 4.59 -8.48
CA ALA A 36 -1.10 5.18 -8.53
C ALA A 36 -1.10 6.40 -9.43
N PRO A 37 -2.27 6.76 -9.97
CA PRO A 37 -2.45 7.96 -10.75
C PRO A 37 -2.26 9.19 -9.87
N LYS A 38 -1.92 10.33 -10.50
CA LYS A 38 -1.83 11.61 -9.80
C LYS A 38 -3.22 12.07 -9.36
N ASP A 39 -4.24 11.28 -9.72
CA ASP A 39 -5.61 11.46 -9.29
C ASP A 39 -5.78 11.16 -7.80
N VAL A 40 -4.74 10.60 -7.17
CA VAL A 40 -4.74 10.27 -5.75
C VAL A 40 -3.39 10.64 -5.15
N ALA A 41 -3.34 10.76 -3.82
CA ALA A 41 -2.13 11.19 -3.14
C ALA A 41 -1.53 10.07 -2.30
N VAL A 42 -0.21 10.07 -2.15
CA VAL A 42 0.49 9.08 -1.34
C VAL A 42 1.69 9.75 -0.66
N HIS A 43 1.79 9.62 0.66
CA HIS A 43 2.90 10.19 1.40
C HIS A 43 3.14 9.45 2.71
N ARG A 44 4.34 9.64 3.28
CA ARG A 44 4.63 9.16 4.62
C ARG A 44 3.86 10.02 5.62
N GLU A 45 3.60 9.50 6.82
CA GLU A 45 2.78 10.20 7.81
C GLU A 45 3.32 11.60 8.10
N GLU A 46 4.65 11.75 8.12
CA GLU A 46 5.27 13.03 8.43
C GLU A 46 4.92 14.10 7.40
N ILE A 47 4.63 13.72 6.15
CA ILE A 47 4.24 14.65 5.11
C ILE A 47 2.72 14.79 5.12
N TYR A 48 2.04 13.66 5.29
CA TYR A 48 0.59 13.58 5.24
C TYR A 48 -0.08 14.48 6.28
N GLN A 49 0.57 14.64 7.44
CA GLN A 49 0.01 15.43 8.53
C GLN A 49 -0.04 16.92 8.20
N ARG A 50 0.72 17.39 7.20
CA ARG A 50 0.66 18.79 6.79
C ARG A 50 -0.49 18.98 5.81
N ILE A 51 -0.91 17.90 5.16
CA ILE A 51 -1.99 17.93 4.18
C ILE A 51 -3.32 17.94 4.90
N GLN A 52 -3.46 17.13 5.96
CA GLN A 52 -4.67 17.08 6.74
C GLN A 52 -4.72 18.19 7.78
N ALA A 53 -3.72 19.08 7.79
CA ALA A 53 -3.63 20.16 8.77
C ALA A 53 -4.81 21.13 8.66
N GLY A 54 -5.56 21.10 7.55
CA GLY A 54 -6.75 21.94 7.40
C GLY A 54 -6.92 22.46 5.97
N LEU A 55 -6.48 21.69 4.96
CA LEU A 55 -6.44 22.20 3.60
C LEU A 55 -6.61 21.13 2.53
N THR A 56 -5.98 19.97 2.71
CA THR A 56 -5.90 18.91 1.71
C THR A 56 -5.57 19.44 0.29
N ALA A 57 -4.94 20.61 0.22
CA ALA A 57 -4.56 21.24 -1.03
C ALA A 57 -3.37 22.18 -0.81
N PRO A 58 -2.19 21.64 -0.46
CA PRO A 58 -0.98 22.41 -0.21
C PRO A 58 -0.68 23.48 -1.24
N ASP A 59 -1.07 23.24 -2.49
CA ASP A 59 -0.76 24.12 -3.61
C ASP A 59 -1.59 23.75 -4.83
N MET C 1 6.15 5.22 -10.51
CA MET C 1 6.37 4.65 -9.17
C MET C 1 6.73 5.75 -8.18
N LEU C 2 6.18 5.69 -6.97
CA LEU C 2 6.52 6.58 -5.88
C LEU C 2 7.01 5.66 -4.76
N ILE C 3 8.19 5.94 -4.22
CA ILE C 3 8.87 5.00 -3.36
C ILE C 3 9.24 5.61 -2.02
N LEU C 4 9.30 4.76 -0.99
CA LEU C 4 9.63 5.13 0.37
C LEU C 4 10.42 4.00 1.02
N THR C 5 11.16 4.32 2.07
CA THR C 5 11.93 3.35 2.82
C THR C 5 11.59 3.55 4.29
N ARG C 6 11.25 2.46 4.99
CA ARG C 6 10.74 2.54 6.35
C ARG C 6 11.32 1.42 7.20
N LYS C 7 10.96 1.44 8.49
CA LYS C 7 11.41 0.45 9.45
C LYS C 7 10.19 -0.31 9.95
N VAL C 8 10.39 -1.57 10.38
CA VAL C 8 9.26 -2.35 10.88
C VAL C 8 8.56 -1.61 12.01
N GLY C 9 7.25 -1.39 11.83
CA GLY C 9 6.41 -0.70 12.80
C GLY C 9 5.82 0.60 12.25
N GLU C 10 6.41 1.18 11.20
CA GLU C 10 5.92 2.42 10.63
C GLU C 10 4.66 2.22 9.79
N SER C 11 4.07 3.33 9.34
CA SER C 11 2.85 3.34 8.55
C SER C 11 2.95 4.40 7.46
N ILE C 12 2.06 4.32 6.45
CA ILE C 12 2.03 5.19 5.28
C ILE C 12 0.57 5.43 4.89
N ASN C 13 0.28 6.50 4.13
CA ASN C 13 -1.08 6.85 3.78
C ASN C 13 -1.28 6.98 2.27
N ILE C 14 -2.52 6.69 1.86
CA ILE C 14 -2.96 6.76 0.47
C ILE C 14 -4.37 7.34 0.44
N GLY C 15 -4.59 8.31 -0.44
CA GLY C 15 -5.88 8.98 -0.56
C GLY C 15 -6.32 9.52 0.80
N ASP C 16 -7.64 9.46 1.05
CA ASP C 16 -8.20 9.89 2.32
C ASP C 16 -9.03 8.77 2.95
N ASP C 17 -8.86 7.53 2.46
CA ASP C 17 -9.60 6.38 2.95
C ASP C 17 -8.69 5.16 3.18
N ILE C 18 -7.38 5.25 2.93
CA ILE C 18 -6.52 4.08 3.08
C ILE C 18 -5.24 4.41 3.85
N THR C 19 -4.75 3.43 4.60
CA THR C 19 -3.50 3.51 5.33
C THR C 19 -2.81 2.15 5.20
N ILE C 20 -1.47 2.15 5.33
CA ILE C 20 -0.64 0.97 5.14
C ILE C 20 0.33 0.86 6.32
N THR C 21 0.71 -0.36 6.68
CA THR C 21 1.60 -0.58 7.81
C THR C 21 2.55 -1.75 7.53
N ILE C 22 3.78 -1.66 8.02
CA ILE C 22 4.78 -2.72 7.94
C ILE C 22 4.84 -3.36 9.32
N LEU C 23 4.09 -4.45 9.52
CA LEU C 23 3.98 -5.05 10.85
C LEU C 23 5.30 -5.72 11.22
N GLY C 24 6.10 -6.11 10.22
CA GLY C 24 7.45 -6.62 10.43
C GLY C 24 7.90 -7.50 9.28
N VAL C 25 9.01 -8.23 9.46
CA VAL C 25 9.50 -9.17 8.46
C VAL C 25 9.74 -10.53 9.10
N SER C 26 10.01 -11.54 8.27
CA SER C 26 10.19 -12.91 8.68
C SER C 26 11.30 -13.53 7.84
N GLY C 27 12.42 -12.83 7.73
CA GLY C 27 13.46 -13.18 6.80
C GLY C 27 13.40 -12.19 5.64
N GLN C 28 13.66 -12.65 4.42
CA GLN C 28 13.56 -11.78 3.26
C GLN C 28 12.10 -11.63 2.82
N GLN C 29 11.19 -12.40 3.44
CA GLN C 29 9.77 -12.18 3.29
C GLN C 29 9.34 -11.06 4.24
N VAL C 30 8.19 -10.45 3.99
CA VAL C 30 7.74 -9.24 4.69
C VAL C 30 6.26 -9.38 5.02
N ARG C 31 5.84 -8.75 6.12
CA ARG C 31 4.45 -8.83 6.58
C ARG C 31 3.89 -7.42 6.70
N ILE C 32 2.79 -7.20 6.00
CA ILE C 32 2.25 -5.86 5.77
C ILE C 32 0.75 -5.87 6.06
N GLY C 33 0.23 -4.74 6.55
CA GLY C 33 -1.18 -4.60 6.86
C GLY C 33 -1.76 -3.44 6.09
N ILE C 34 -3.08 -3.46 5.88
CA ILE C 34 -3.79 -2.46 5.12
C ILE C 34 -5.03 -2.08 5.91
N ASN C 35 -5.42 -0.82 5.82
CA ASN C 35 -6.54 -0.29 6.56
C ASN C 35 -7.40 0.57 5.64
N ALA C 36 -8.46 -0.05 5.10
CA ALA C 36 -9.36 0.60 4.17
C ALA C 36 -10.79 0.16 4.42
N PRO C 37 -11.76 0.97 3.99
CA PRO C 37 -13.17 0.62 4.01
C PRO C 37 -13.45 -0.51 3.03
N LYS C 38 -14.56 -1.23 3.23
CA LYS C 38 -15.02 -2.25 2.29
C LYS C 38 -15.41 -1.59 0.96
N ASP C 39 -15.36 -0.26 0.94
CA ASP C 39 -15.63 0.58 -0.22
C ASP C 39 -14.57 0.40 -1.30
N VAL C 40 -13.46 -0.26 -0.96
CA VAL C 40 -12.36 -0.49 -1.89
C VAL C 40 -11.85 -1.92 -1.72
N ALA C 41 -11.13 -2.43 -2.73
CA ALA C 41 -10.61 -3.78 -2.70
C ALA C 41 -9.15 -3.78 -2.28
N VAL C 42 -8.73 -4.81 -1.53
CA VAL C 42 -7.32 -4.98 -1.16
C VAL C 42 -6.97 -6.45 -1.16
N HIS C 43 -5.97 -6.85 -1.97
CA HIS C 43 -5.54 -8.23 -2.05
C HIS C 43 -4.10 -8.30 -2.54
N ARG C 44 -3.42 -9.43 -2.29
CA ARG C 44 -2.12 -9.64 -2.89
C ARG C 44 -2.31 -9.94 -4.38
N GLU C 45 -1.27 -9.74 -5.18
CA GLU C 45 -1.38 -9.85 -6.63
C GLU C 45 -1.91 -11.22 -7.09
N GLU C 46 -1.78 -12.26 -6.26
CA GLU C 46 -2.29 -13.58 -6.60
C GLU C 46 -3.82 -13.56 -6.69
N ILE C 47 -4.49 -13.02 -5.66
CA ILE C 47 -5.94 -12.98 -5.62
C ILE C 47 -6.45 -11.96 -6.63
N TYR C 48 -5.68 -10.88 -6.82
CA TYR C 48 -6.06 -9.79 -7.69
C TYR C 48 -6.33 -10.26 -9.12
N GLN C 49 -5.63 -11.30 -9.57
CA GLN C 49 -5.77 -11.80 -10.93
C GLN C 49 -7.09 -12.53 -11.13
N ARG C 50 -7.76 -12.96 -10.06
CA ARG C 50 -9.06 -13.61 -10.16
C ARG C 50 -10.15 -12.53 -10.19
N ILE C 51 -9.83 -11.34 -9.69
CA ILE C 51 -10.76 -10.24 -9.67
C ILE C 51 -10.83 -9.60 -11.06
N GLN C 52 -9.68 -9.27 -11.63
CA GLN C 52 -9.62 -8.65 -12.95
C GLN C 52 -10.03 -9.63 -14.05
N ALA C 53 -10.39 -10.87 -13.68
CA ALA C 53 -10.80 -11.88 -14.62
C ALA C 53 -12.15 -11.58 -15.28
N GLY C 54 -12.89 -10.58 -14.76
CA GLY C 54 -14.19 -10.20 -15.33
C GLY C 54 -15.09 -9.47 -14.34
N LEU C 55 -14.54 -8.98 -13.24
CA LEU C 55 -15.33 -8.47 -12.13
C LEU C 55 -14.49 -7.57 -11.22
N THR C 56 -15.02 -7.23 -10.03
CA THR C 56 -14.31 -6.40 -9.08
C THR C 56 -14.54 -6.87 -7.63
N ALA C 57 -15.36 -7.90 -7.44
CA ALA C 57 -15.67 -8.40 -6.11
C ALA C 57 -16.07 -9.88 -6.16
N PRO C 58 -15.26 -10.77 -5.57
CA PRO C 58 -15.60 -12.18 -5.38
C PRO C 58 -16.91 -12.39 -4.65
N ASP C 59 -17.28 -13.67 -4.48
CA ASP C 59 -18.51 -14.06 -3.81
C ASP C 59 -18.57 -13.56 -2.37
N MET A 1 -8.23 -4.23 9.93
CA MET A 1 -6.95 -4.45 9.23
C MET A 1 -7.03 -5.68 8.35
N LEU A 2 -6.30 -5.67 7.23
CA LEU A 2 -6.20 -6.80 6.33
C LEU A 2 -4.70 -7.01 6.05
N ILE A 3 -4.19 -8.19 6.41
CA ILE A 3 -2.77 -8.46 6.38
C ILE A 3 -2.44 -9.42 5.24
N LEU A 4 -1.28 -9.21 4.62
CA LEU A 4 -0.79 -9.99 3.49
C LEU A 4 0.72 -10.18 3.63
N THR A 5 1.25 -11.21 2.97
CA THR A 5 2.67 -11.54 3.05
C THR A 5 3.26 -11.60 1.65
N ARG A 6 4.49 -11.08 1.52
CA ARG A 6 5.19 -10.97 0.26
C ARG A 6 6.67 -11.26 0.46
N LYS A 7 7.42 -11.18 -0.63
CA LYS A 7 8.86 -11.33 -0.64
C LYS A 7 9.44 -10.27 -1.54
N VAL A 8 10.74 -9.97 -1.39
CA VAL A 8 11.30 -8.85 -2.14
C VAL A 8 11.18 -9.07 -3.64
N GLY A 9 10.39 -8.19 -4.28
CA GLY A 9 10.12 -8.24 -5.71
C GLY A 9 8.65 -8.51 -6.02
N GLU A 10 7.87 -8.95 -5.03
CA GLU A 10 6.45 -9.26 -5.21
C GLU A 10 5.58 -8.00 -5.04
N SER A 11 4.27 -8.13 -5.26
CA SER A 11 3.37 -6.98 -5.30
C SER A 11 2.01 -7.24 -4.66
N ILE A 12 1.26 -6.15 -4.45
CA ILE A 12 -0.06 -6.12 -3.81
C ILE A 12 -0.91 -5.11 -4.59
N ASN A 13 -2.24 -5.18 -4.46
CA ASN A 13 -3.13 -4.29 -5.20
C ASN A 13 -4.15 -3.65 -4.29
N ILE A 14 -4.59 -2.44 -4.67
CA ILE A 14 -5.57 -1.66 -3.92
C ILE A 14 -6.50 -0.96 -4.91
N GLY A 15 -7.81 -1.01 -4.65
CA GLY A 15 -8.80 -0.42 -5.52
C GLY A 15 -8.65 -0.94 -6.94
N ASP A 16 -8.89 -0.07 -7.92
CA ASP A 16 -8.75 -0.37 -9.34
C ASP A 16 -7.80 0.63 -9.99
N ASP A 17 -7.04 1.37 -9.18
CA ASP A 17 -6.14 2.42 -9.65
C ASP A 17 -4.80 2.40 -8.93
N ILE A 18 -4.56 1.48 -8.00
CA ILE A 18 -3.31 1.46 -7.25
C ILE A 18 -2.71 0.06 -7.15
N THR A 19 -1.37 0.01 -7.14
CA THR A 19 -0.60 -1.21 -6.97
C THR A 19 0.60 -0.88 -6.09
N ILE A 20 1.11 -1.87 -5.37
CA ILE A 20 2.20 -1.71 -4.42
C ILE A 20 3.24 -2.80 -4.66
N THR A 21 4.52 -2.52 -4.40
CA THR A 21 5.58 -3.47 -4.66
C THR A 21 6.68 -3.34 -3.62
N ILE A 22 7.08 -4.45 -3.01
CA ILE A 22 8.17 -4.51 -2.06
C ILE A 22 9.47 -4.59 -2.85
N LEU A 23 10.14 -3.45 -3.07
CA LEU A 23 11.30 -3.40 -3.95
C LEU A 23 12.49 -4.12 -3.28
N GLY A 24 12.50 -4.17 -1.94
CA GLY A 24 13.52 -4.90 -1.20
C GLY A 24 13.64 -4.38 0.22
N VAL A 25 14.66 -4.86 0.95
CA VAL A 25 14.91 -4.43 2.32
C VAL A 25 16.37 -4.01 2.48
N SER A 26 16.67 -3.42 3.64
CA SER A 26 17.99 -2.92 3.98
C SER A 26 18.25 -3.19 5.46
N GLY A 27 17.91 -4.38 5.91
CA GLY A 27 17.93 -4.75 7.31
C GLY A 27 16.51 -4.83 7.82
N GLN A 28 16.28 -4.42 9.08
CA GLN A 28 14.92 -4.34 9.62
C GLN A 28 14.17 -3.13 9.06
N GLN A 29 14.80 -2.39 8.13
CA GLN A 29 14.12 -1.37 7.38
C GLN A 29 13.76 -1.93 6.01
N VAL A 30 12.72 -1.37 5.37
CA VAL A 30 12.11 -1.94 4.19
C VAL A 30 11.84 -0.81 3.20
N ARG A 31 11.89 -1.11 1.90
CA ARG A 31 11.67 -0.11 0.86
C ARG A 31 10.63 -0.62 -0.12
N ILE A 32 9.63 0.22 -0.36
CA ILE A 32 8.41 -0.14 -1.06
C ILE A 32 8.09 0.93 -2.10
N GLY A 33 7.49 0.50 -3.21
CA GLY A 33 7.10 1.40 -4.28
C GLY A 33 5.58 1.43 -4.40
N ILE A 34 5.08 2.47 -5.04
CA ILE A 34 3.65 2.69 -5.21
C ILE A 34 3.41 3.07 -6.66
N ASN A 35 2.26 2.67 -7.18
CA ASN A 35 1.93 2.87 -8.57
C ASN A 35 0.47 3.29 -8.65
N ALA A 36 0.26 4.60 -8.64
CA ALA A 36 -1.06 5.20 -8.66
C ALA A 36 -1.08 6.44 -9.54
N PRO A 37 -2.25 6.82 -10.04
CA PRO A 37 -2.43 8.06 -10.78
C PRO A 37 -2.23 9.26 -9.86
N LYS A 38 -1.90 10.42 -10.44
CA LYS A 38 -1.79 11.67 -9.69
C LYS A 38 -3.18 12.12 -9.23
N ASP A 39 -4.21 11.35 -9.62
CA ASP A 39 -5.59 11.52 -9.20
C ASP A 39 -5.77 11.17 -7.72
N VAL A 40 -4.73 10.60 -7.10
CA VAL A 40 -4.74 10.22 -5.69
C VAL A 40 -3.41 10.62 -5.06
N ALA A 41 -3.37 10.67 -3.73
CA ALA A 41 -2.19 11.11 -3.02
C ALA A 41 -1.55 9.93 -2.29
N VAL A 42 -0.21 9.93 -2.20
CA VAL A 42 0.53 8.89 -1.49
C VAL A 42 1.76 9.50 -0.82
N HIS A 43 1.91 9.27 0.49
CA HIS A 43 3.06 9.80 1.23
C HIS A 43 3.32 8.98 2.48
N ARG A 44 4.51 9.15 3.06
CA ARG A 44 4.82 8.61 4.37
C ARG A 44 4.14 9.49 5.43
N GLU A 45 3.92 8.95 6.62
CA GLU A 45 3.18 9.65 7.67
C GLU A 45 3.66 11.09 7.86
N GLU A 46 4.96 11.31 7.75
CA GLU A 46 5.57 12.61 7.98
C GLU A 46 5.02 13.67 7.04
N ILE A 47 4.90 13.34 5.75
CA ILE A 47 4.40 14.27 4.74
C ILE A 47 2.87 14.27 4.81
N TYR A 48 2.30 13.10 5.13
CA TYR A 48 0.86 12.91 5.13
C TYR A 48 0.17 13.88 6.10
N GLN A 49 0.85 14.28 7.17
CA GLN A 49 0.28 15.17 8.17
C GLN A 49 0.14 16.60 7.63
N ARG A 50 0.86 16.93 6.55
CA ARG A 50 0.73 18.23 5.90
C ARG A 50 -0.44 18.18 4.92
N ILE A 51 -0.83 16.97 4.50
CA ILE A 51 -1.95 16.78 3.60
C ILE A 51 -3.23 17.06 4.37
N GLN A 52 -3.49 16.26 5.41
CA GLN A 52 -4.70 16.32 6.20
C GLN A 52 -4.82 17.63 6.98
N ALA A 53 -3.85 18.53 6.82
CA ALA A 53 -3.87 19.85 7.44
C ALA A 53 -4.98 20.72 6.88
N GLY A 54 -5.61 20.32 5.77
CA GLY A 54 -6.73 21.05 5.20
C GLY A 54 -6.95 20.78 3.71
N LEU A 55 -6.37 19.71 3.16
CA LEU A 55 -6.34 19.51 1.72
C LEU A 55 -5.98 18.08 1.35
N THR A 56 -5.95 17.77 0.05
CA THR A 56 -5.45 16.51 -0.49
C THR A 56 -4.92 16.68 -1.91
N ALA A 57 -5.36 17.74 -2.60
CA ALA A 57 -4.96 18.00 -3.97
C ALA A 57 -4.96 19.50 -4.28
N PRO A 58 -3.99 20.26 -3.73
CA PRO A 58 -3.77 21.66 -4.04
C PRO A 58 -3.62 21.94 -5.53
N ASP A 59 -3.42 23.21 -5.86
CA ASP A 59 -3.24 23.66 -7.24
C ASP A 59 -2.09 22.93 -7.94
N MET C 1 6.11 5.44 -10.65
CA MET C 1 6.34 4.84 -9.32
C MET C 1 6.66 5.91 -8.30
N LEU C 2 6.25 5.71 -7.05
CA LEU C 2 6.60 6.59 -5.95
C LEU C 2 7.09 5.71 -4.80
N ILE C 3 8.36 5.88 -4.44
CA ILE C 3 9.02 4.99 -3.49
C ILE C 3 9.10 5.65 -2.11
N LEU C 4 8.99 4.82 -1.08
CA LEU C 4 9.04 5.23 0.32
C LEU C 4 9.76 4.15 1.12
N THR C 5 10.32 4.53 2.26
CA THR C 5 11.13 3.62 3.07
C THR C 5 10.66 3.69 4.52
N ARG C 6 10.62 2.53 5.17
CA ARG C 6 10.11 2.39 6.54
C ARG C 6 10.95 1.39 7.32
N LYS C 7 10.57 1.20 8.57
CA LYS C 7 11.11 0.19 9.46
C LYS C 7 9.94 -0.56 10.08
N VAL C 8 10.17 -1.81 10.53
CA VAL C 8 9.07 -2.60 11.04
C VAL C 8 8.36 -1.89 12.19
N GLY C 9 7.08 -1.58 11.97
CA GLY C 9 6.24 -0.88 12.92
C GLY C 9 5.76 0.48 12.41
N GLU C 10 6.41 1.01 11.37
CA GLU C 10 6.03 2.30 10.79
C GLU C 10 4.94 2.13 9.73
N SER C 11 4.45 3.24 9.16
CA SER C 11 3.30 3.23 8.27
C SER C 11 3.43 4.17 7.09
N ILE C 12 2.50 4.05 6.15
CA ILE C 12 2.42 4.80 4.90
C ILE C 12 0.94 5.11 4.64
N ASN C 13 0.63 6.10 3.80
CA ASN C 13 -0.74 6.51 3.58
C ASN C 13 -1.06 6.64 2.09
N ILE C 14 -2.35 6.45 1.75
CA ILE C 14 -2.86 6.53 0.39
C ILE C 14 -4.25 7.16 0.42
N GLY C 15 -4.49 8.11 -0.49
CA GLY C 15 -5.76 8.83 -0.57
C GLY C 15 -6.14 9.40 0.79
N ASP C 16 -7.44 9.39 1.10
CA ASP C 16 -7.96 9.85 2.37
C ASP C 16 -8.80 8.75 3.03
N ASP C 17 -8.67 7.51 2.55
CA ASP C 17 -9.43 6.37 3.04
C ASP C 17 -8.56 5.13 3.26
N ILE C 18 -7.25 5.19 3.01
CA ILE C 18 -6.40 4.00 3.14
C ILE C 18 -5.11 4.33 3.88
N THR C 19 -4.61 3.34 4.64
CA THR C 19 -3.35 3.40 5.34
C THR C 19 -2.68 2.04 5.25
N ILE C 20 -1.35 2.00 5.35
CA ILE C 20 -0.56 0.79 5.20
C ILE C 20 0.46 0.74 6.35
N THR C 21 0.83 -0.47 6.78
CA THR C 21 1.76 -0.62 7.90
C THR C 21 2.62 -1.86 7.70
N ILE C 22 3.95 -1.70 7.82
CA ILE C 22 4.90 -2.79 7.76
C ILE C 22 4.95 -3.44 9.14
N LEU C 23 4.14 -4.49 9.34
CA LEU C 23 4.00 -5.08 10.67
C LEU C 23 5.29 -5.81 11.07
N GLY C 24 6.08 -6.25 10.09
CA GLY C 24 7.36 -6.87 10.37
C GLY C 24 7.86 -7.71 9.20
N VAL C 25 8.95 -8.45 9.42
CA VAL C 25 9.52 -9.33 8.41
C VAL C 25 9.86 -10.69 9.01
N SER C 26 10.22 -11.64 8.15
CA SER C 26 10.57 -13.00 8.53
C SER C 26 11.68 -13.48 7.60
N GLY C 27 12.67 -12.60 7.39
CA GLY C 27 13.74 -12.83 6.43
C GLY C 27 13.50 -11.95 5.22
N GLN C 28 13.82 -12.47 4.03
CA GLN C 28 13.55 -11.77 2.79
C GLN C 28 12.06 -11.81 2.44
N GLN C 29 11.23 -12.37 3.33
CA GLN C 29 9.78 -12.25 3.22
C GLN C 29 9.34 -11.16 4.18
N VAL C 30 8.20 -10.54 3.88
CA VAL C 30 7.75 -9.33 4.58
C VAL C 30 6.25 -9.42 4.85
N ARG C 31 5.79 -8.81 5.95
CA ARG C 31 4.39 -8.78 6.32
C ARG C 31 3.90 -7.37 6.54
N ILE C 32 2.74 -7.11 5.96
CA ILE C 32 2.19 -5.77 5.81
C ILE C 32 0.70 -5.81 6.10
N GLY C 33 0.17 -4.75 6.69
CA GLY C 33 -1.24 -4.63 7.00
C GLY C 33 -1.84 -3.48 6.22
N ILE C 34 -3.16 -3.50 6.04
CA ILE C 34 -3.89 -2.52 5.27
C ILE C 34 -5.11 -2.12 6.08
N ASN C 35 -5.50 -0.86 5.94
CA ASN C 35 -6.58 -0.29 6.71
C ASN C 35 -7.43 0.57 5.78
N ALA C 36 -8.46 -0.05 5.21
CA ALA C 36 -9.35 0.59 4.26
C ALA C 36 -10.80 0.15 4.48
N PRO C 37 -11.75 0.98 4.04
CA PRO C 37 -13.15 0.64 4.02
C PRO C 37 -13.45 -0.44 3.00
N LYS C 38 -14.60 -1.10 3.15
CA LYS C 38 -15.09 -2.05 2.16
C LYS C 38 -15.50 -1.31 0.88
N ASP C 39 -15.36 0.02 0.90
CA ASP C 39 -15.56 0.87 -0.24
C ASP C 39 -14.49 0.60 -1.30
N VAL C 40 -13.44 -0.13 -0.92
CA VAL C 40 -12.32 -0.45 -1.81
C VAL C 40 -11.89 -1.90 -1.62
N ALA C 41 -11.18 -2.45 -2.61
CA ALA C 41 -10.74 -3.83 -2.59
C ALA C 41 -9.23 -3.87 -2.36
N VAL C 42 -8.75 -4.89 -1.65
CA VAL C 42 -7.32 -5.05 -1.40
C VAL C 42 -6.96 -6.54 -1.41
N HIS C 43 -6.00 -6.92 -2.26
CA HIS C 43 -5.58 -8.32 -2.37
C HIS C 43 -4.17 -8.43 -2.91
N ARG C 44 -3.59 -9.63 -2.84
CA ARG C 44 -2.31 -9.91 -3.51
C ARG C 44 -2.55 -10.02 -5.00
N GLU C 45 -1.51 -9.87 -5.80
CA GLU C 45 -1.63 -10.07 -7.24
C GLU C 45 -2.23 -11.44 -7.54
N GLU C 46 -1.97 -12.43 -6.68
CA GLU C 46 -2.45 -13.78 -6.90
C GLU C 46 -3.97 -13.86 -6.81
N ILE C 47 -4.61 -13.04 -5.98
CA ILE C 47 -6.06 -13.01 -5.86
C ILE C 47 -6.63 -11.99 -6.85
N TYR C 48 -5.91 -10.87 -7.01
CA TYR C 48 -6.37 -9.77 -7.85
C TYR C 48 -6.58 -10.20 -9.29
N GLN C 49 -5.79 -11.17 -9.75
CA GLN C 49 -5.86 -11.64 -11.13
C GLN C 49 -7.15 -12.41 -11.39
N ARG C 50 -7.85 -12.88 -10.36
CA ARG C 50 -9.14 -13.55 -10.54
C ARG C 50 -10.25 -12.50 -10.58
N ILE C 51 -9.99 -11.32 -10.04
CA ILE C 51 -10.98 -10.26 -10.01
C ILE C 51 -11.04 -9.58 -11.37
N GLN C 52 -9.88 -9.25 -11.94
CA GLN C 52 -9.82 -8.60 -13.24
C GLN C 52 -10.10 -9.58 -14.38
N ALA C 53 -10.38 -10.85 -14.06
CA ALA C 53 -10.65 -11.87 -15.05
C ALA C 53 -11.93 -11.59 -15.85
N GLY C 54 -12.76 -10.63 -15.40
CA GLY C 54 -13.99 -10.28 -16.11
C GLY C 54 -15.08 -9.73 -15.18
N LEU C 55 -14.70 -9.25 -14.00
CA LEU C 55 -15.66 -8.93 -12.94
C LEU C 55 -15.04 -8.00 -11.90
N THR C 56 -15.71 -7.85 -10.75
CA THR C 56 -15.19 -7.08 -9.62
C THR C 56 -15.61 -7.73 -8.30
N ALA C 57 -16.25 -8.91 -8.37
CA ALA C 57 -16.72 -9.62 -7.19
C ALA C 57 -16.72 -11.13 -7.48
N PRO C 58 -15.61 -11.82 -7.17
CA PRO C 58 -15.45 -13.25 -7.38
C PRO C 58 -16.66 -14.07 -6.96
N ASP C 59 -16.95 -15.11 -7.75
CA ASP C 59 -18.03 -16.08 -7.51
C ASP C 59 -19.42 -15.46 -7.42
N MET A 1 -7.75 -4.21 9.80
CA MET A 1 -6.47 -4.49 9.12
C MET A 1 -6.62 -5.71 8.21
N LEU A 2 -6.05 -5.62 7.00
CA LEU A 2 -5.99 -6.72 6.06
C LEU A 2 -4.51 -6.90 5.73
N ILE A 3 -4.00 -8.13 5.87
CA ILE A 3 -2.56 -8.37 5.87
C ILE A 3 -2.18 -9.44 4.87
N LEU A 4 -1.00 -9.28 4.26
CA LEU A 4 -0.51 -10.15 3.22
C LEU A 4 1.01 -10.26 3.33
N THR A 5 1.58 -11.41 2.98
CA THR A 5 3.03 -11.56 2.91
C THR A 5 3.48 -11.40 1.47
N ARG A 6 4.65 -10.79 1.29
CA ARG A 6 5.27 -10.63 -0.02
C ARG A 6 6.76 -10.85 0.10
N LYS A 7 7.29 -11.66 -0.82
CA LYS A 7 8.72 -11.89 -0.92
C LYS A 7 9.32 -10.67 -1.61
N VAL A 8 10.59 -10.37 -1.36
CA VAL A 8 11.17 -9.19 -2.00
C VAL A 8 11.10 -9.34 -3.52
N GLY A 9 10.32 -8.47 -4.15
CA GLY A 9 10.10 -8.46 -5.59
C GLY A 9 8.63 -8.66 -5.98
N GLU A 10 7.79 -9.11 -5.05
CA GLU A 10 6.37 -9.34 -5.31
C GLU A 10 5.55 -8.06 -5.13
N SER A 11 4.24 -8.14 -5.40
CA SER A 11 3.37 -6.97 -5.42
C SER A 11 1.98 -7.26 -4.84
N ILE A 12 1.22 -6.18 -4.59
CA ILE A 12 -0.10 -6.19 -3.98
C ILE A 12 -0.97 -5.16 -4.71
N ASN A 13 -2.29 -5.25 -4.60
CA ASN A 13 -3.18 -4.34 -5.31
C ASN A 13 -4.20 -3.71 -4.37
N ILE A 14 -4.63 -2.49 -4.72
CA ILE A 14 -5.62 -1.72 -3.97
C ILE A 14 -6.52 -1.02 -4.97
N GLY A 15 -7.84 -1.06 -4.72
CA GLY A 15 -8.82 -0.46 -5.61
C GLY A 15 -8.64 -0.99 -7.02
N ASP A 16 -8.86 -0.11 -8.01
CA ASP A 16 -8.69 -0.44 -9.42
C ASP A 16 -7.71 0.55 -10.06
N ASP A 17 -6.96 1.29 -9.23
CA ASP A 17 -6.06 2.32 -9.69
C ASP A 17 -4.73 2.35 -8.93
N ILE A 18 -4.51 1.41 -7.99
CA ILE A 18 -3.27 1.43 -7.21
C ILE A 18 -2.67 0.02 -7.13
N THR A 19 -1.33 -0.01 -7.07
CA THR A 19 -0.55 -1.22 -6.91
C THR A 19 0.63 -0.89 -5.99
N ILE A 20 1.14 -1.90 -5.29
CA ILE A 20 2.24 -1.77 -4.34
C ILE A 20 3.26 -2.85 -4.64
N THR A 21 4.54 -2.58 -4.38
CA THR A 21 5.62 -3.53 -4.66
C THR A 21 6.71 -3.43 -3.62
N ILE A 22 7.19 -4.57 -3.11
CA ILE A 22 8.28 -4.64 -2.15
C ILE A 22 9.58 -4.79 -2.92
N LEU A 23 10.30 -3.70 -3.15
CA LEU A 23 11.51 -3.74 -3.96
C LEU A 23 12.63 -4.48 -3.22
N GLY A 24 12.57 -4.51 -1.88
CA GLY A 24 13.51 -5.28 -1.08
C GLY A 24 13.62 -4.76 0.36
N VAL A 25 14.58 -5.29 1.12
CA VAL A 25 14.82 -4.84 2.50
C VAL A 25 16.27 -4.42 2.68
N SER A 26 16.60 -3.80 3.81
CA SER A 26 17.93 -3.26 4.07
C SER A 26 18.31 -3.46 5.54
N GLY A 27 18.13 -4.68 6.03
CA GLY A 27 18.38 -5.01 7.43
C GLY A 27 17.03 -5.19 8.11
N GLN A 28 16.61 -4.18 8.88
CA GLN A 28 15.28 -4.16 9.47
C GLN A 28 14.48 -3.00 8.89
N GLN A 29 15.09 -2.30 7.92
CA GLN A 29 14.39 -1.34 7.10
C GLN A 29 13.83 -2.10 5.90
N VAL A 30 12.88 -1.48 5.20
CA VAL A 30 12.21 -2.06 4.06
C VAL A 30 12.04 -0.96 3.02
N ARG A 31 12.08 -1.33 1.74
CA ARG A 31 11.94 -0.36 0.66
C ARG A 31 10.85 -0.84 -0.28
N ILE A 32 9.85 0.02 -0.47
CA ILE A 32 8.59 -0.32 -1.12
C ILE A 32 8.21 0.78 -2.09
N GLY A 33 7.61 0.40 -3.20
CA GLY A 33 7.16 1.32 -4.23
C GLY A 33 5.65 1.32 -4.32
N ILE A 34 5.10 2.37 -4.92
CA ILE A 34 3.68 2.59 -5.04
C ILE A 34 3.43 3.01 -6.48
N ASN A 35 2.28 2.63 -7.02
CA ASN A 35 1.97 2.86 -8.41
C ASN A 35 0.52 3.29 -8.52
N ALA A 36 0.32 4.61 -8.55
CA ALA A 36 -1.01 5.20 -8.60
C ALA A 36 -1.02 6.45 -9.48
N PRO A 37 -2.22 6.83 -9.97
CA PRO A 37 -2.45 8.06 -10.69
C PRO A 37 -2.36 9.27 -9.77
N LYS A 38 -2.13 10.45 -10.35
CA LYS A 38 -2.15 11.70 -9.60
C LYS A 38 -3.57 12.04 -9.16
N ASP A 39 -4.54 11.21 -9.58
CA ASP A 39 -5.91 11.28 -9.11
C ASP A 39 -6.00 10.92 -7.63
N VAL A 40 -4.91 10.41 -7.05
CA VAL A 40 -4.84 10.03 -5.65
C VAL A 40 -3.49 10.46 -5.07
N ALA A 41 -3.43 10.56 -3.74
CA ALA A 41 -2.24 11.03 -3.06
C ALA A 41 -1.59 9.90 -2.27
N VAL A 42 -0.26 9.90 -2.19
CA VAL A 42 0.47 8.89 -1.42
C VAL A 42 1.66 9.56 -0.75
N HIS A 43 1.74 9.47 0.58
CA HIS A 43 2.84 10.09 1.32
C HIS A 43 3.05 9.44 2.68
N ARG A 44 4.20 9.73 3.30
CA ARG A 44 4.48 9.33 4.67
C ARG A 44 3.53 10.07 5.59
N GLU A 45 3.30 9.53 6.79
CA GLU A 45 2.44 10.19 7.76
C GLU A 45 2.93 11.60 8.07
N GLU A 46 4.25 11.82 7.93
CA GLU A 46 4.86 13.10 8.23
C GLU A 46 4.51 14.16 7.19
N ILE A 47 4.34 13.77 5.91
CA ILE A 47 3.97 14.70 4.85
C ILE A 47 2.46 14.85 4.83
N TYR A 48 1.76 13.75 5.13
CA TYR A 48 0.32 13.66 5.06
C TYR A 48 -0.36 14.69 5.96
N GLN A 49 0.28 15.07 7.07
CA GLN A 49 -0.30 16.01 8.01
C GLN A 49 -0.32 17.43 7.46
N ARG A 50 0.48 17.73 6.43
CA ARG A 50 0.47 19.05 5.81
C ARG A 50 -0.67 19.10 4.80
N ILE A 51 -1.12 17.93 4.35
CA ILE A 51 -2.21 17.83 3.39
C ILE A 51 -3.53 18.04 4.13
N GLN A 52 -3.75 17.28 5.21
CA GLN A 52 -4.97 17.37 5.98
C GLN A 52 -5.04 18.66 6.78
N ALA A 53 -4.04 19.54 6.65
CA ALA A 53 -4.00 20.81 7.35
C ALA A 53 -5.09 21.77 6.88
N GLY A 54 -5.76 21.46 5.76
CA GLY A 54 -6.85 22.29 5.26
C GLY A 54 -7.09 22.12 3.76
N LEU A 55 -6.59 21.03 3.16
CA LEU A 55 -6.56 20.88 1.71
C LEU A 55 -6.37 19.43 1.30
N THR A 56 -6.13 19.19 0.01
CA THR A 56 -5.86 17.85 -0.51
C THR A 56 -4.91 17.91 -1.71
N ALA A 57 -4.35 19.09 -1.99
CA ALA A 57 -3.46 19.30 -3.13
C ALA A 57 -2.48 20.44 -2.83
N PRO A 58 -1.39 20.15 -2.11
CA PRO A 58 -0.32 21.08 -1.80
C PRO A 58 0.26 21.79 -3.04
N ASP A 59 1.20 22.71 -2.77
CA ASP A 59 1.86 23.51 -3.78
C ASP A 59 2.59 22.66 -4.81
N MET C 1 6.29 5.13 -10.52
CA MET C 1 6.49 4.56 -9.18
C MET C 1 6.86 5.65 -8.19
N LEU C 2 6.28 5.61 -6.99
CA LEU C 2 6.62 6.50 -5.89
C LEU C 2 7.12 5.59 -4.78
N ILE C 3 8.31 5.89 -4.25
CA ILE C 3 9.01 4.94 -3.38
C ILE C 3 9.40 5.59 -2.06
N LEU C 4 9.49 4.73 -1.04
CA LEU C 4 9.83 5.11 0.31
C LEU C 4 10.66 4.01 0.97
N THR C 5 11.43 4.37 1.99
CA THR C 5 12.19 3.42 2.78
C THR C 5 11.78 3.62 4.22
N ARG C 6 11.37 2.53 4.89
CA ARG C 6 10.81 2.58 6.22
C ARG C 6 11.38 1.47 7.08
N LYS C 7 10.88 1.30 8.30
CA LYS C 7 11.31 0.21 9.15
C LYS C 7 10.12 -0.52 9.74
N VAL C 8 10.33 -1.73 10.24
CA VAL C 8 9.24 -2.50 10.80
C VAL C 8 8.56 -1.74 11.94
N GLY C 9 7.28 -1.46 11.73
CA GLY C 9 6.45 -0.73 12.69
C GLY C 9 5.93 0.59 12.13
N GLU C 10 6.54 1.12 11.05
CA GLU C 10 6.10 2.38 10.45
C GLU C 10 4.81 2.21 9.66
N SER C 11 4.22 3.35 9.24
CA SER C 11 2.98 3.38 8.48
C SER C 11 3.05 4.47 7.41
N ILE C 12 2.13 4.39 6.44
CA ILE C 12 2.07 5.26 5.26
C ILE C 12 0.61 5.49 4.89
N ASN C 13 0.31 6.54 4.11
CA ASN C 13 -1.05 6.90 3.77
C ASN C 13 -1.29 6.92 2.26
N ILE C 14 -2.54 6.65 1.88
CA ILE C 14 -2.99 6.64 0.49
C ILE C 14 -4.40 7.24 0.44
N GLY C 15 -4.64 8.15 -0.50
CA GLY C 15 -5.93 8.80 -0.65
C GLY C 15 -6.36 9.43 0.67
N ASP C 16 -7.66 9.40 0.94
CA ASP C 16 -8.24 9.91 2.18
C ASP C 16 -9.06 8.84 2.89
N ASP C 17 -8.88 7.57 2.48
CA ASP C 17 -9.62 6.45 3.03
C ASP C 17 -8.72 5.23 3.29
N ILE C 18 -7.41 5.30 3.03
CA ILE C 18 -6.55 4.14 3.20
C ILE C 18 -5.27 4.49 3.96
N THR C 19 -4.77 3.52 4.70
CA THR C 19 -3.51 3.59 5.41
C THR C 19 -2.80 2.25 5.24
N ILE C 20 -1.46 2.25 5.34
CA ILE C 20 -0.63 1.08 5.09
C ILE C 20 0.36 0.97 6.25
N THR C 21 0.79 -0.25 6.58
CA THR C 21 1.69 -0.48 7.70
C THR C 21 2.63 -1.63 7.37
N ILE C 22 3.86 -1.57 7.91
CA ILE C 22 4.84 -2.64 7.77
C ILE C 22 4.92 -3.34 9.14
N LEU C 23 4.12 -4.39 9.32
CA LEU C 23 4.01 -5.04 10.62
C LEU C 23 5.36 -5.68 10.98
N GLY C 24 6.11 -6.10 9.97
CA GLY C 24 7.46 -6.61 10.18
C GLY C 24 7.91 -7.50 9.02
N VAL C 25 9.03 -8.22 9.21
CA VAL C 25 9.52 -9.15 8.20
C VAL C 25 9.66 -10.55 8.80
N SER C 26 9.89 -11.53 7.95
CA SER C 26 9.99 -12.94 8.32
C SER C 26 10.98 -13.63 7.39
N GLY C 27 12.13 -12.99 7.17
CA GLY C 27 13.10 -13.42 6.19
C GLY C 27 13.01 -12.50 4.98
N GLN C 28 13.17 -13.05 3.79
CA GLN C 28 12.99 -12.30 2.56
C GLN C 28 11.50 -12.11 2.25
N GLN C 29 10.61 -12.55 3.15
CA GLN C 29 9.21 -12.21 3.07
C GLN C 29 8.91 -11.10 4.05
N VAL C 30 7.83 -10.37 3.81
CA VAL C 30 7.51 -9.17 4.57
C VAL C 30 6.01 -9.14 4.85
N ARG C 31 5.63 -8.84 6.08
CA ARG C 31 4.24 -8.73 6.47
C ARG C 31 3.84 -7.26 6.43
N ILE C 32 2.93 -6.96 5.52
CA ILE C 32 2.44 -5.61 5.28
C ILE C 32 0.94 -5.63 5.53
N GLY C 33 0.44 -4.59 6.20
CA GLY C 33 -0.95 -4.48 6.55
C GLY C 33 -1.59 -3.33 5.80
N ILE C 34 -2.92 -3.37 5.69
CA ILE C 34 -3.70 -2.40 4.97
C ILE C 34 -4.90 -2.06 5.84
N ASN C 35 -5.35 -0.82 5.76
CA ASN C 35 -6.41 -0.31 6.61
C ASN C 35 -7.32 0.56 5.75
N ALA C 36 -8.36 -0.08 5.20
CA ALA C 36 -9.30 0.59 4.30
C ALA C 36 -10.73 0.12 4.56
N PRO C 37 -11.71 0.94 4.16
CA PRO C 37 -13.12 0.58 4.17
C PRO C 37 -13.43 -0.47 3.12
N LYS C 38 -14.54 -1.19 3.31
CA LYS C 38 -15.03 -2.12 2.31
C LYS C 38 -15.48 -1.37 1.05
N ASP C 39 -15.36 -0.04 1.08
CA ASP C 39 -15.62 0.84 -0.05
C ASP C 39 -14.56 0.62 -1.14
N VAL C 40 -13.50 -0.13 -0.82
CA VAL C 40 -12.40 -0.40 -1.74
C VAL C 40 -11.97 -1.86 -1.58
N ALA C 41 -11.27 -2.39 -2.59
CA ALA C 41 -10.84 -3.77 -2.59
C ALA C 41 -9.34 -3.84 -2.37
N VAL C 42 -8.87 -4.86 -1.65
CA VAL C 42 -7.44 -5.05 -1.41
C VAL C 42 -7.09 -6.53 -1.40
N HIS C 43 -6.14 -6.92 -2.26
CA HIS C 43 -5.72 -8.32 -2.36
C HIS C 43 -4.31 -8.41 -2.95
N ARG C 44 -3.65 -9.56 -2.76
CA ARG C 44 -2.41 -9.84 -3.46
C ARG C 44 -2.74 -10.14 -4.92
N GLU C 45 -1.76 -10.02 -5.82
CA GLU C 45 -1.98 -10.28 -7.24
C GLU C 45 -2.68 -11.60 -7.47
N GLU C 46 -2.33 -12.60 -6.65
CA GLU C 46 -2.79 -13.97 -6.79
C GLU C 46 -4.30 -14.11 -6.55
N ILE C 47 -4.94 -13.08 -6.00
CA ILE C 47 -6.39 -13.03 -5.84
C ILE C 47 -6.94 -11.99 -6.80
N TYR C 48 -6.24 -10.87 -6.95
CA TYR C 48 -6.66 -9.75 -7.77
C TYR C 48 -6.89 -10.17 -9.22
N GLN C 49 -6.12 -11.14 -9.69
CA GLN C 49 -6.20 -11.62 -11.07
C GLN C 49 -7.52 -12.33 -11.36
N ARG C 50 -8.26 -12.77 -10.34
CA ARG C 50 -9.56 -13.40 -10.54
C ARG C 50 -10.65 -12.34 -10.60
N ILE C 51 -10.36 -11.16 -10.06
CA ILE C 51 -11.31 -10.05 -10.03
C ILE C 51 -11.30 -9.34 -11.39
N GLN C 52 -10.11 -9.15 -11.97
CA GLN C 52 -9.97 -8.52 -13.27
C GLN C 52 -10.22 -9.51 -14.41
N ALA C 53 -10.55 -10.76 -14.09
CA ALA C 53 -10.75 -11.81 -15.07
C ALA C 53 -11.90 -11.50 -16.03
N GLY C 54 -12.78 -10.55 -15.69
CA GLY C 54 -13.89 -10.17 -16.57
C GLY C 54 -15.16 -9.82 -15.81
N LEU C 55 -15.03 -9.28 -14.59
CA LEU C 55 -16.18 -9.08 -13.72
C LEU C 55 -16.03 -7.90 -12.76
N THR C 56 -14.87 -7.76 -12.13
CA THR C 56 -14.60 -6.80 -11.07
C THR C 56 -15.73 -6.69 -10.03
N ALA C 57 -16.59 -7.72 -9.94
CA ALA C 57 -17.69 -7.73 -8.99
C ALA C 57 -18.15 -9.18 -8.77
N PRO C 58 -17.36 -9.98 -8.04
CA PRO C 58 -17.68 -11.35 -7.67
C PRO C 58 -19.02 -11.57 -6.98
N ASP C 59 -19.21 -12.78 -6.46
CA ASP C 59 -20.49 -13.24 -5.98
C ASP C 59 -20.36 -14.17 -4.77
N MET A 1 -8.01 -4.22 9.86
CA MET A 1 -6.76 -4.51 9.15
C MET A 1 -6.91 -5.72 8.25
N LEU A 2 -6.37 -5.64 7.04
CA LEU A 2 -6.30 -6.76 6.11
C LEU A 2 -4.82 -6.98 5.86
N ILE A 3 -4.35 -8.22 5.99
CA ILE A 3 -2.92 -8.49 6.04
C ILE A 3 -2.53 -9.53 5.01
N LEU A 4 -1.29 -9.38 4.52
CA LEU A 4 -0.71 -10.24 3.52
C LEU A 4 0.78 -10.39 3.81
N THR A 5 1.38 -11.47 3.32
CA THR A 5 2.78 -11.75 3.51
C THR A 5 3.41 -11.94 2.15
N ARG A 6 4.59 -11.34 1.95
CA ARG A 6 5.24 -11.31 0.65
C ARG A 6 6.73 -11.49 0.78
N LYS A 7 7.41 -11.42 -0.37
CA LYS A 7 8.86 -11.53 -0.45
C LYS A 7 9.39 -10.40 -1.31
N VAL A 8 10.68 -10.06 -1.17
CA VAL A 8 11.19 -8.93 -1.92
C VAL A 8 11.06 -9.17 -3.42
N GLY A 9 10.30 -8.29 -4.08
CA GLY A 9 10.05 -8.35 -5.51
C GLY A 9 8.57 -8.54 -5.85
N GLU A 10 7.74 -8.98 -4.89
CA GLU A 10 6.32 -9.22 -5.13
C GLU A 10 5.50 -7.93 -5.13
N SER A 11 4.23 -8.02 -5.51
CA SER A 11 3.34 -6.87 -5.63
C SER A 11 1.94 -7.18 -5.11
N ILE A 12 1.16 -6.12 -4.88
CA ILE A 12 -0.18 -6.15 -4.28
C ILE A 12 -1.05 -5.10 -4.97
N ASN A 13 -2.37 -5.22 -4.84
CA ASN A 13 -3.31 -4.35 -5.55
C ASN A 13 -4.29 -3.69 -4.59
N ILE A 14 -4.70 -2.47 -4.93
CA ILE A 14 -5.68 -1.68 -4.17
C ILE A 14 -6.60 -0.97 -5.15
N GLY A 15 -7.90 -1.04 -4.91
CA GLY A 15 -8.90 -0.43 -5.77
C GLY A 15 -8.69 -0.89 -7.22
N ASP A 16 -8.92 0.01 -8.16
CA ASP A 16 -8.72 -0.24 -9.58
C ASP A 16 -7.78 0.80 -10.19
N ASP A 17 -7.06 1.54 -9.34
CA ASP A 17 -6.15 2.59 -9.76
C ASP A 17 -4.81 2.56 -9.04
N ILE A 18 -4.58 1.60 -8.12
CA ILE A 18 -3.33 1.57 -7.36
C ILE A 18 -2.73 0.18 -7.30
N THR A 19 -1.40 0.14 -7.26
CA THR A 19 -0.62 -1.10 -7.11
C THR A 19 0.55 -0.81 -6.19
N ILE A 20 1.04 -1.82 -5.49
CA ILE A 20 2.11 -1.70 -4.49
C ILE A 20 3.15 -2.78 -4.75
N THR A 21 4.40 -2.52 -4.43
CA THR A 21 5.49 -3.46 -4.66
C THR A 21 6.56 -3.35 -3.57
N ILE A 22 7.03 -4.49 -3.05
CA ILE A 22 8.12 -4.53 -2.09
C ILE A 22 9.42 -4.60 -2.89
N LEU A 23 10.07 -3.45 -3.09
CA LEU A 23 11.26 -3.41 -3.93
C LEU A 23 12.41 -4.15 -3.24
N GLY A 24 12.39 -4.18 -1.91
CA GLY A 24 13.36 -4.94 -1.13
C GLY A 24 13.47 -4.40 0.29
N VAL A 25 14.48 -4.87 1.03
CA VAL A 25 14.75 -4.38 2.38
C VAL A 25 16.21 -3.95 2.49
N SER A 26 16.55 -3.30 3.60
CA SER A 26 17.86 -2.71 3.81
C SER A 26 18.22 -2.80 5.29
N GLY A 27 18.04 -4.00 5.85
CA GLY A 27 18.14 -4.22 7.28
C GLY A 27 16.72 -4.41 7.81
N GLN A 28 16.41 -3.92 9.02
CA GLN A 28 15.06 -4.01 9.51
C GLN A 28 14.18 -2.91 8.90
N GLN A 29 14.81 -2.01 8.12
CA GLN A 29 14.07 -1.07 7.30
C GLN A 29 13.64 -1.78 6.01
N VAL A 30 12.61 -1.26 5.36
CA VAL A 30 11.98 -1.87 4.20
C VAL A 30 11.71 -0.76 3.18
N ARG A 31 11.75 -1.09 1.89
CA ARG A 31 11.56 -0.10 0.84
C ARG A 31 10.52 -0.60 -0.14
N ILE A 32 9.51 0.24 -0.36
CA ILE A 32 8.28 -0.12 -1.05
C ILE A 32 7.99 0.94 -2.11
N GLY A 33 7.34 0.52 -3.20
CA GLY A 33 6.97 1.42 -4.28
C GLY A 33 5.46 1.44 -4.44
N ILE A 34 4.96 2.50 -5.07
CA ILE A 34 3.54 2.72 -5.26
C ILE A 34 3.33 3.16 -6.70
N ASN A 35 2.21 2.77 -7.27
CA ASN A 35 1.89 3.05 -8.66
C ASN A 35 0.44 3.50 -8.74
N ALA A 36 0.25 4.82 -8.72
CA ALA A 36 -1.07 5.43 -8.72
C ALA A 36 -1.09 6.69 -9.56
N PRO A 37 -2.29 7.08 -10.03
CA PRO A 37 -2.52 8.33 -10.73
C PRO A 37 -2.41 9.53 -9.80
N LYS A 38 -2.20 10.72 -10.39
CA LYS A 38 -2.21 11.97 -9.66
C LYS A 38 -3.63 12.31 -9.18
N ASP A 39 -4.60 11.48 -9.57
CA ASP A 39 -5.97 11.55 -9.08
C ASP A 39 -6.03 11.18 -7.60
N VAL A 40 -4.93 10.67 -7.04
CA VAL A 40 -4.85 10.27 -5.65
C VAL A 40 -3.50 10.69 -5.07
N ALA A 41 -3.43 10.77 -3.74
CA ALA A 41 -2.22 11.19 -3.06
C ALA A 41 -1.55 10.01 -2.39
N VAL A 42 -0.21 10.02 -2.31
CA VAL A 42 0.54 8.96 -1.64
C VAL A 42 1.75 9.57 -0.95
N HIS A 43 1.90 9.31 0.36
CA HIS A 43 3.05 9.78 1.12
C HIS A 43 3.27 8.89 2.32
N ARG A 44 4.45 9.00 2.94
CA ARG A 44 4.67 8.34 4.23
C ARG A 44 4.05 9.19 5.32
N GLU A 45 3.81 8.58 6.50
CA GLU A 45 3.19 9.29 7.62
C GLU A 45 3.90 10.60 7.90
N GLU A 46 5.21 10.70 7.65
CA GLU A 46 5.95 11.89 8.01
C GLU A 46 5.53 13.10 7.17
N ILE A 47 5.11 12.89 5.91
CA ILE A 47 4.62 13.95 5.04
C ILE A 47 3.11 14.09 5.22
N TYR A 48 2.43 12.96 5.34
CA TYR A 48 0.98 12.90 5.39
C TYR A 48 0.42 13.73 6.54
N GLN A 49 1.16 13.81 7.64
CA GLN A 49 0.74 14.53 8.82
C GLN A 49 0.68 16.05 8.60
N ARG A 50 1.37 16.57 7.56
CA ARG A 50 1.30 17.99 7.27
C ARG A 50 0.09 18.27 6.37
N ILE A 51 -0.39 17.24 5.67
CA ILE A 51 -1.52 17.38 4.76
C ILE A 51 -2.82 17.40 5.55
N GLN A 52 -2.92 16.56 6.58
CA GLN A 52 -4.11 16.51 7.44
C GLN A 52 -4.07 17.59 8.51
N ALA A 53 -3.03 18.43 8.51
CA ALA A 53 -2.86 19.47 9.51
C ALA A 53 -3.96 20.53 9.46
N GLY A 54 -4.73 20.61 8.37
CA GLY A 54 -5.83 21.56 8.27
C GLY A 54 -6.02 22.11 6.86
N LEU A 55 -5.73 21.31 5.82
CA LEU A 55 -5.73 21.83 4.45
C LEU A 55 -6.03 20.78 3.39
N THR A 56 -5.53 19.57 3.58
CA THR A 56 -5.60 18.47 2.60
C THR A 56 -5.35 18.92 1.15
N ALA A 57 -4.57 19.99 0.96
CA ALA A 57 -4.20 20.47 -0.36
C ALA A 57 -2.89 21.26 -0.28
N PRO A 58 -1.87 20.85 -1.06
CA PRO A 58 -0.58 21.54 -1.11
C PRO A 58 -0.72 23.04 -1.30
N ASP A 59 -1.64 23.44 -2.18
CA ASP A 59 -1.85 24.84 -2.52
C ASP A 59 -3.09 25.02 -3.40
N MET C 1 6.16 5.39 -10.70
CA MET C 1 6.31 4.82 -9.35
C MET C 1 6.68 5.91 -8.35
N LEU C 2 6.24 5.75 -7.11
CA LEU C 2 6.60 6.63 -6.01
C LEU C 2 7.07 5.75 -4.85
N ILE C 3 8.33 5.88 -4.47
CA ILE C 3 8.96 4.99 -3.50
C ILE C 3 9.06 5.66 -2.14
N LEU C 4 8.93 4.83 -1.10
CA LEU C 4 8.97 5.25 0.29
C LEU C 4 9.69 4.18 1.11
N THR C 5 10.23 4.58 2.26
CA THR C 5 11.02 3.69 3.09
C THR C 5 10.54 3.79 4.53
N ARG C 6 10.50 2.64 5.21
CA ARG C 6 10.01 2.51 6.57
C ARG C 6 10.85 1.50 7.31
N LYS C 7 10.53 1.26 8.58
CA LYS C 7 11.10 0.17 9.36
C LYS C 7 9.96 -0.54 10.07
N VAL C 8 10.16 -1.78 10.46
CA VAL C 8 9.10 -2.55 11.07
C VAL C 8 8.45 -1.77 12.21
N GLY C 9 7.13 -1.60 12.11
CA GLY C 9 6.34 -0.88 13.10
C GLY C 9 5.91 0.52 12.62
N GLU C 10 6.15 0.87 11.35
CA GLU C 10 5.81 2.19 10.80
C GLU C 10 4.74 2.05 9.70
N SER C 11 4.28 3.19 9.17
CA SER C 11 3.13 3.21 8.27
C SER C 11 3.30 4.19 7.10
N ILE C 12 2.43 4.02 6.09
CA ILE C 12 2.37 4.78 4.84
C ILE C 12 0.90 5.11 4.57
N ASN C 13 0.61 6.09 3.72
CA ASN C 13 -0.76 6.53 3.49
C ASN C 13 -1.07 6.67 2.00
N ILE C 14 -2.35 6.45 1.65
CA ILE C 14 -2.85 6.53 0.29
C ILE C 14 -4.25 7.16 0.31
N GLY C 15 -4.48 8.12 -0.57
CA GLY C 15 -5.77 8.81 -0.63
C GLY C 15 -6.14 9.39 0.74
N ASP C 16 -7.43 9.38 1.04
CA ASP C 16 -7.96 9.83 2.32
C ASP C 16 -8.79 8.73 2.98
N ASP C 17 -8.64 7.49 2.50
CA ASP C 17 -9.39 6.35 3.01
C ASP C 17 -8.50 5.12 3.20
N ILE C 18 -7.18 5.19 2.94
CA ILE C 18 -6.32 4.02 3.05
C ILE C 18 -5.02 4.34 3.76
N THR C 19 -4.54 3.37 4.52
CA THR C 19 -3.26 3.42 5.23
C THR C 19 -2.63 2.03 5.14
N ILE C 20 -1.29 1.97 5.24
CA ILE C 20 -0.53 0.74 5.13
C ILE C 20 0.44 0.69 6.30
N THR C 21 0.77 -0.50 6.79
CA THR C 21 1.65 -0.65 7.95
C THR C 21 2.52 -1.89 7.82
N ILE C 22 3.83 -1.73 7.98
CA ILE C 22 4.78 -2.84 7.98
C ILE C 22 4.79 -3.45 9.38
N LEU C 23 4.08 -4.56 9.56
CA LEU C 23 3.96 -5.17 10.89
C LEU C 23 5.29 -5.79 11.31
N GLY C 24 6.08 -6.23 10.33
CA GLY C 24 7.42 -6.76 10.57
C GLY C 24 7.88 -7.64 9.42
N VAL C 25 9.01 -8.32 9.60
CA VAL C 25 9.54 -9.23 8.58
C VAL C 25 9.78 -10.62 9.18
N SER C 26 10.08 -11.58 8.32
CA SER C 26 10.32 -12.96 8.67
C SER C 26 11.46 -13.50 7.82
N GLY C 27 12.49 -12.67 7.63
CA GLY C 27 13.60 -12.96 6.74
C GLY C 27 13.48 -12.08 5.50
N GLN C 28 13.85 -12.61 4.33
CA GLN C 28 13.65 -11.90 3.07
C GLN C 28 12.18 -11.88 2.66
N GLN C 29 11.31 -12.36 3.56
CA GLN C 29 9.87 -12.22 3.41
C GLN C 29 9.38 -11.18 4.41
N VAL C 30 8.27 -10.52 4.09
CA VAL C 30 7.79 -9.35 4.80
C VAL C 30 6.30 -9.49 5.06
N ARG C 31 5.81 -8.90 6.16
CA ARG C 31 4.41 -9.00 6.52
C ARG C 31 3.87 -7.61 6.79
N ILE C 32 2.82 -7.27 6.05
CA ILE C 32 2.31 -5.92 5.97
C ILE C 32 0.78 -5.96 6.07
N GLY C 33 0.22 -4.94 6.73
CA GLY C 33 -1.21 -4.82 6.90
C GLY C 33 -1.73 -3.63 6.11
N ILE C 34 -3.04 -3.62 5.91
CA ILE C 34 -3.73 -2.61 5.13
C ILE C 34 -4.94 -2.17 5.93
N ASN C 35 -5.31 -0.90 5.77
CA ASN C 35 -6.35 -0.29 6.59
C ASN C 35 -7.20 0.58 5.69
N ALA C 36 -8.26 -0.01 5.16
CA ALA C 36 -9.18 0.66 4.25
C ALA C 36 -10.61 0.20 4.50
N PRO C 37 -11.60 0.99 4.08
CA PRO C 37 -12.99 0.59 4.08
C PRO C 37 -13.21 -0.50 3.05
N LYS C 38 -14.26 -1.29 3.24
CA LYS C 38 -14.64 -2.32 2.28
C LYS C 38 -15.26 -1.65 1.06
N ASP C 39 -15.35 -0.33 1.11
CA ASP C 39 -15.73 0.53 -0.01
C ASP C 39 -14.66 0.47 -1.10
N VAL C 40 -13.52 -0.17 -0.80
CA VAL C 40 -12.45 -0.38 -1.74
C VAL C 40 -11.92 -1.80 -1.56
N ALA C 41 -11.22 -2.31 -2.58
CA ALA C 41 -10.78 -3.70 -2.56
C ALA C 41 -9.27 -3.77 -2.42
N VAL C 42 -8.78 -4.81 -1.74
CA VAL C 42 -7.35 -5.01 -1.56
C VAL C 42 -7.06 -6.52 -1.60
N HIS C 43 -6.13 -6.95 -2.45
CA HIS C 43 -5.78 -8.36 -2.54
C HIS C 43 -4.37 -8.54 -3.09
N ARG C 44 -3.83 -9.75 -2.91
CA ARG C 44 -2.57 -10.15 -3.52
C ARG C 44 -2.82 -10.29 -5.02
N GLU C 45 -1.78 -10.15 -5.85
CA GLU C 45 -1.89 -10.30 -7.29
C GLU C 45 -2.55 -11.63 -7.64
N GLU C 46 -2.30 -12.68 -6.86
CA GLU C 46 -2.87 -13.99 -7.14
C GLU C 46 -4.39 -13.96 -7.04
N ILE C 47 -4.96 -13.25 -6.06
CA ILE C 47 -6.41 -13.18 -5.91
C ILE C 47 -6.96 -12.16 -6.92
N TYR C 48 -6.24 -11.05 -7.07
CA TYR C 48 -6.68 -9.93 -7.89
C TYR C 48 -6.91 -10.34 -9.35
N GLN C 49 -6.13 -11.31 -9.83
CA GLN C 49 -6.21 -11.75 -11.21
C GLN C 49 -7.50 -12.51 -11.51
N ARG C 50 -8.21 -13.00 -10.49
CA ARG C 50 -9.50 -13.65 -10.71
C ARG C 50 -10.61 -12.60 -10.73
N ILE C 51 -10.35 -11.43 -10.12
CA ILE C 51 -11.31 -10.35 -10.05
C ILE C 51 -11.35 -9.62 -11.39
N GLN C 52 -10.17 -9.40 -12.00
CA GLN C 52 -10.06 -8.76 -13.29
C GLN C 52 -10.30 -9.75 -14.43
N ALA C 53 -10.59 -11.00 -14.10
CA ALA C 53 -10.78 -12.06 -15.11
C ALA C 53 -11.96 -11.78 -16.05
N GLY C 54 -12.86 -10.86 -15.69
CA GLY C 54 -13.98 -10.51 -16.54
C GLY C 54 -15.25 -10.19 -15.77
N LEU C 55 -15.12 -9.68 -14.54
CA LEU C 55 -16.27 -9.52 -13.66
C LEU C 55 -16.16 -8.35 -12.68
N THR C 56 -14.98 -8.17 -12.08
CA THR C 56 -14.76 -7.20 -11.00
C THR C 56 -15.91 -7.17 -9.98
N ALA C 57 -16.60 -8.30 -9.81
CA ALA C 57 -17.71 -8.43 -8.88
C ALA C 57 -17.83 -9.89 -8.41
N PRO C 58 -16.84 -10.39 -7.66
CA PRO C 58 -16.82 -11.74 -7.13
C PRO C 58 -18.14 -12.16 -6.50
N ASP C 59 -18.46 -13.46 -6.61
CA ASP C 59 -19.66 -14.06 -6.08
C ASP C 59 -20.88 -13.17 -6.21
N MET A 1 -8.24 -4.16 9.84
CA MET A 1 -6.97 -4.39 9.11
C MET A 1 -7.07 -5.62 8.23
N LEU A 2 -6.37 -5.61 7.10
CA LEU A 2 -6.28 -6.77 6.22
C LEU A 2 -4.79 -6.99 5.94
N ILE A 3 -4.27 -8.14 6.36
CA ILE A 3 -2.85 -8.43 6.31
C ILE A 3 -2.52 -9.31 5.12
N LEU A 4 -1.35 -9.08 4.55
CA LEU A 4 -0.84 -9.79 3.39
C LEU A 4 0.66 -10.01 3.57
N THR A 5 1.18 -11.03 2.89
CA THR A 5 2.59 -11.38 2.99
C THR A 5 3.17 -11.51 1.60
N ARG A 6 4.38 -10.99 1.42
CA ARG A 6 5.07 -10.94 0.14
C ARG A 6 6.56 -11.15 0.38
N LYS A 7 7.32 -11.13 -0.71
CA LYS A 7 8.76 -11.29 -0.66
C LYS A 7 9.39 -10.22 -1.53
N VAL A 8 10.69 -9.97 -1.35
CA VAL A 8 11.29 -8.89 -2.11
C VAL A 8 11.17 -9.19 -3.60
N GLY A 9 10.57 -8.24 -4.33
CA GLY A 9 10.34 -8.40 -5.76
C GLY A 9 8.90 -8.83 -6.08
N GLU A 10 7.97 -8.69 -5.12
CA GLU A 10 6.57 -9.06 -5.32
C GLU A 10 5.67 -7.84 -5.12
N SER A 11 4.35 -8.00 -5.34
CA SER A 11 3.42 -6.87 -5.33
C SER A 11 2.06 -7.21 -4.73
N ILE A 12 1.27 -6.16 -4.48
CA ILE A 12 -0.05 -6.18 -3.85
C ILE A 12 -0.92 -5.16 -4.57
N ASN A 13 -2.25 -5.26 -4.44
CA ASN A 13 -3.17 -4.38 -5.14
C ASN A 13 -4.19 -3.73 -4.22
N ILE A 14 -4.63 -2.53 -4.60
CA ILE A 14 -5.61 -1.73 -3.85
C ILE A 14 -6.53 -1.03 -4.86
N GLY A 15 -7.84 -1.14 -4.63
CA GLY A 15 -8.83 -0.56 -5.54
C GLY A 15 -8.62 -1.08 -6.96
N ASP A 16 -8.85 -0.20 -7.94
CA ASP A 16 -8.62 -0.50 -9.34
C ASP A 16 -7.70 0.54 -9.97
N ASP A 17 -7.00 1.33 -9.15
CA ASP A 17 -6.12 2.38 -9.60
C ASP A 17 -4.79 2.40 -8.84
N ILE A 18 -4.56 1.49 -7.89
CA ILE A 18 -3.33 1.51 -7.11
C ILE A 18 -2.71 0.12 -7.00
N THR A 19 -1.38 0.08 -6.98
CA THR A 19 -0.61 -1.14 -6.81
C THR A 19 0.57 -0.83 -5.89
N ILE A 20 1.09 -1.84 -5.20
CA ILE A 20 2.20 -1.70 -4.26
C ILE A 20 3.24 -2.76 -4.59
N THR A 21 4.53 -2.46 -4.36
CA THR A 21 5.61 -3.38 -4.70
C THR A 21 6.75 -3.26 -3.69
N ILE A 22 7.16 -4.39 -3.11
CA ILE A 22 8.27 -4.44 -2.18
C ILE A 22 9.55 -4.57 -3.00
N LEU A 23 10.26 -3.45 -3.20
CA LEU A 23 11.45 -3.44 -4.04
C LEU A 23 12.58 -4.22 -3.37
N GLY A 24 12.59 -4.25 -2.03
CA GLY A 24 13.54 -5.02 -1.26
C GLY A 24 13.67 -4.49 0.17
N VAL A 25 14.63 -5.02 0.93
CA VAL A 25 14.87 -4.56 2.29
C VAL A 25 16.33 -4.13 2.44
N SER A 26 16.63 -3.50 3.58
CA SER A 26 17.96 -2.98 3.90
C SER A 26 18.23 -3.25 5.38
N GLY A 27 17.88 -4.46 5.83
CA GLY A 27 17.95 -4.82 7.24
C GLY A 27 16.53 -4.84 7.80
N GLN A 28 16.37 -4.42 9.07
CA GLN A 28 15.05 -4.28 9.66
C GLN A 28 14.33 -3.04 9.13
N GLN A 29 14.86 -2.46 8.05
CA GLN A 29 14.20 -1.40 7.33
C GLN A 29 13.87 -1.93 5.93
N VAL A 30 12.84 -1.35 5.30
CA VAL A 30 12.24 -1.90 4.09
C VAL A 30 12.03 -0.79 3.09
N ARG A 31 12.09 -1.12 1.78
CA ARG A 31 11.91 -0.13 0.73
C ARG A 31 10.85 -0.62 -0.23
N ILE A 32 9.83 0.22 -0.41
CA ILE A 32 8.60 -0.15 -1.08
C ILE A 32 8.19 0.96 -2.03
N GLY A 33 7.59 0.57 -3.16
CA GLY A 33 7.13 1.50 -4.16
C GLY A 33 5.60 1.48 -4.22
N ILE A 34 5.05 2.53 -4.82
CA ILE A 34 3.62 2.71 -4.95
C ILE A 34 3.36 3.12 -6.39
N ASN A 35 2.21 2.72 -6.92
CA ASN A 35 1.92 2.90 -8.34
C ASN A 35 0.46 3.32 -8.47
N ALA A 36 0.25 4.62 -8.49
CA ALA A 36 -1.07 5.22 -8.56
C ALA A 36 -1.06 6.44 -9.47
N PRO A 37 -2.23 6.80 -10.04
CA PRO A 37 -2.38 8.02 -10.80
C PRO A 37 -2.18 9.22 -9.89
N LYS A 38 -1.81 10.36 -10.47
CA LYS A 38 -1.72 11.62 -9.73
C LYS A 38 -3.13 12.06 -9.31
N ASP A 39 -4.12 11.26 -9.68
CA ASP A 39 -5.52 11.41 -9.29
C ASP A 39 -5.70 11.16 -7.80
N VAL A 40 -4.68 10.61 -7.14
CA VAL A 40 -4.70 10.27 -5.72
C VAL A 40 -3.38 10.67 -5.09
N ALA A 41 -3.36 10.80 -3.76
CA ALA A 41 -2.19 11.24 -3.04
C ALA A 41 -1.60 10.09 -2.23
N VAL A 42 -0.27 10.09 -2.09
CA VAL A 42 0.44 9.08 -1.30
C VAL A 42 1.63 9.74 -0.62
N HIS A 43 1.75 9.57 0.71
CA HIS A 43 2.87 10.13 1.45
C HIS A 43 3.12 9.39 2.76
N ARG A 44 4.31 9.61 3.34
CA ARG A 44 4.62 9.16 4.69
C ARG A 44 3.79 9.98 5.67
N GLU A 45 3.53 9.43 6.86
CA GLU A 45 2.70 10.10 7.86
C GLU A 45 3.20 11.52 8.14
N GLU A 46 4.52 11.74 8.04
CA GLU A 46 5.10 13.04 8.31
C GLU A 46 4.66 14.07 7.28
N ILE A 47 4.62 13.71 6.00
CA ILE A 47 4.21 14.63 4.95
C ILE A 47 2.69 14.71 4.95
N TYR A 48 2.03 13.59 5.26
CA TYR A 48 0.59 13.49 5.22
C TYR A 48 -0.09 14.48 6.14
N GLN A 49 0.56 14.82 7.27
CA GLN A 49 -0.02 15.73 8.24
C GLN A 49 -0.09 17.17 7.70
N ARG A 50 0.67 17.49 6.65
CA ARG A 50 0.58 18.81 6.03
C ARG A 50 -0.52 18.79 4.98
N ILE A 51 -0.88 17.61 4.48
CA ILE A 51 -1.93 17.47 3.48
C ILE A 51 -3.28 17.77 4.12
N GLN A 52 -3.51 17.17 5.29
CA GLN A 52 -4.76 17.28 6.01
C GLN A 52 -4.83 18.58 6.82
N ALA A 53 -3.78 19.40 6.72
CA ALA A 53 -3.71 20.67 7.42
C ALA A 53 -4.74 21.67 6.87
N GLY A 54 -5.31 21.41 5.69
CA GLY A 54 -6.34 22.26 5.12
C GLY A 54 -6.26 22.37 3.60
N LEU A 55 -5.72 21.34 2.92
CA LEU A 55 -5.40 21.47 1.50
C LEU A 55 -5.33 20.15 0.74
N THR A 56 -6.05 19.11 1.18
CA THR A 56 -6.05 17.86 0.43
C THR A 56 -6.62 18.04 -0.98
N ALA A 57 -7.18 19.22 -1.25
CA ALA A 57 -7.68 19.63 -2.55
C ALA A 57 -7.44 21.14 -2.70
N PRO A 58 -6.20 21.54 -3.01
CA PRO A 58 -5.76 22.92 -3.09
C PRO A 58 -6.61 23.81 -4.00
N ASP A 59 -6.32 25.11 -3.94
CA ASP A 59 -7.05 26.13 -4.69
C ASP A 59 -6.92 25.93 -6.21
N MET C 1 6.11 5.36 -10.42
CA MET C 1 6.38 4.79 -9.09
C MET C 1 6.71 5.89 -8.10
N LEU C 2 6.11 5.82 -6.91
CA LEU C 2 6.43 6.72 -5.81
C LEU C 2 6.95 5.83 -4.69
N ILE C 3 8.14 6.12 -4.17
CA ILE C 3 8.84 5.20 -3.30
C ILE C 3 9.14 5.82 -1.95
N LEU C 4 9.17 4.96 -0.93
CA LEU C 4 9.42 5.34 0.45
C LEU C 4 10.21 4.22 1.13
N THR C 5 10.92 4.58 2.20
CA THR C 5 11.70 3.62 2.96
C THR C 5 11.27 3.73 4.41
N ARG C 6 11.07 2.58 5.06
CA ARG C 6 10.50 2.52 6.40
C ARG C 6 11.17 1.46 7.24
N LYS C 7 10.70 1.34 8.48
CA LYS C 7 11.21 0.36 9.42
C LYS C 7 10.04 -0.47 9.94
N VAL C 8 10.32 -1.66 10.48
CA VAL C 8 9.22 -2.51 10.92
C VAL C 8 8.46 -1.84 12.06
N GLY C 9 7.17 -1.55 11.81
CA GLY C 9 6.29 -0.91 12.76
C GLY C 9 5.75 0.42 12.26
N GLU C 10 6.32 1.00 11.21
CA GLU C 10 5.88 2.29 10.67
C GLU C 10 4.64 2.14 9.78
N SER C 11 4.08 3.27 9.35
CA SER C 11 2.87 3.30 8.55
C SER C 11 2.96 4.36 7.45
N ILE C 12 2.02 4.31 6.49
CA ILE C 12 1.97 5.17 5.31
C ILE C 12 0.50 5.44 4.96
N ASN C 13 0.23 6.48 4.17
CA ASN C 13 -1.13 6.90 3.85
C ASN C 13 -1.34 6.99 2.34
N ILE C 14 -2.58 6.70 1.93
CA ILE C 14 -3.01 6.77 0.53
C ILE C 14 -4.42 7.36 0.49
N GLY C 15 -4.62 8.34 -0.39
CA GLY C 15 -5.90 9.02 -0.51
C GLY C 15 -6.36 9.53 0.86
N ASP C 16 -7.66 9.46 1.11
CA ASP C 16 -8.25 9.86 2.38
C ASP C 16 -9.08 8.71 2.97
N ASP C 17 -8.88 7.49 2.45
CA ASP C 17 -9.64 6.31 2.89
C ASP C 17 -8.74 5.09 3.11
N ILE C 18 -7.42 5.19 2.91
CA ILE C 18 -6.55 4.02 3.06
C ILE C 18 -5.29 4.37 3.85
N THR C 19 -4.80 3.38 4.59
CA THR C 19 -3.56 3.46 5.35
C THR C 19 -2.85 2.11 5.24
N ILE C 20 -1.52 2.12 5.35
CA ILE C 20 -0.68 0.94 5.18
C ILE C 20 0.29 0.85 6.35
N THR C 21 0.69 -0.37 6.72
CA THR C 21 1.59 -0.59 7.85
C THR C 21 2.53 -1.77 7.57
N ILE C 22 3.81 -1.64 7.95
CA ILE C 22 4.77 -2.72 7.83
C ILE C 22 4.85 -3.40 9.21
N LEU C 23 4.10 -4.50 9.37
CA LEU C 23 4.00 -5.14 10.67
C LEU C 23 5.33 -5.81 11.02
N GLY C 24 6.10 -6.20 10.01
CA GLY C 24 7.44 -6.74 10.21
C GLY C 24 7.91 -7.62 9.06
N VAL C 25 9.01 -8.34 9.27
CA VAL C 25 9.55 -9.26 8.26
C VAL C 25 9.76 -10.64 8.89
N SER C 26 10.06 -11.65 8.06
CA SER C 26 10.21 -13.03 8.50
C SER C 26 11.26 -13.71 7.65
N GLY C 27 12.40 -13.04 7.47
CA GLY C 27 13.41 -13.44 6.52
C GLY C 27 13.37 -12.47 5.34
N GLN C 28 13.58 -12.94 4.12
CA GLN C 28 13.47 -12.07 2.94
C GLN C 28 12.02 -11.92 2.51
N GLN C 29 11.08 -12.42 3.33
CA GLN C 29 9.67 -12.14 3.14
C GLN C 29 9.29 -10.98 4.05
N VAL C 30 8.16 -10.34 3.76
CA VAL C 30 7.72 -9.14 4.46
C VAL C 30 6.22 -9.27 4.72
N ARG C 31 5.72 -8.70 5.81
CA ARG C 31 4.33 -8.79 6.18
C ARG C 31 3.80 -7.40 6.47
N ILE C 32 2.71 -7.07 5.78
CA ILE C 32 2.16 -5.73 5.67
C ILE C 32 0.67 -5.78 5.99
N GLY C 33 0.14 -4.69 6.54
CA GLY C 33 -1.27 -4.58 6.86
C GLY C 33 -1.88 -3.41 6.10
N ILE C 34 -3.19 -3.46 5.90
CA ILE C 34 -3.92 -2.47 5.14
C ILE C 34 -5.15 -2.10 5.93
N ASN C 35 -5.58 -0.84 5.81
CA ASN C 35 -6.71 -0.32 6.56
C ASN C 35 -7.56 0.52 5.62
N ALA C 36 -8.57 -0.12 5.04
CA ALA C 36 -9.42 0.51 4.05
C ALA C 36 -10.88 0.07 4.25
N PRO C 37 -11.82 0.89 3.76
CA PRO C 37 -13.24 0.57 3.73
C PRO C 37 -13.55 -0.53 2.72
N LYS C 38 -14.71 -1.18 2.90
CA LYS C 38 -15.20 -2.17 1.95
C LYS C 38 -15.63 -1.48 0.65
N ASP C 39 -15.56 -0.14 0.63
CA ASP C 39 -15.76 0.66 -0.56
C ASP C 39 -14.63 0.42 -1.58
N VAL C 40 -13.58 -0.27 -1.14
CA VAL C 40 -12.43 -0.58 -1.99
C VAL C 40 -11.98 -2.02 -1.71
N ALA C 41 -11.22 -2.60 -2.65
CA ALA C 41 -10.77 -3.98 -2.52
C ALA C 41 -9.26 -4.02 -2.33
N VAL C 42 -8.77 -5.02 -1.59
CA VAL C 42 -7.35 -5.17 -1.35
C VAL C 42 -6.96 -6.65 -1.32
N HIS C 43 -5.97 -7.03 -2.12
CA HIS C 43 -5.50 -8.41 -2.17
C HIS C 43 -4.05 -8.46 -2.64
N ARG C 44 -3.34 -9.55 -2.31
CA ARG C 44 -2.03 -9.78 -2.90
C ARG C 44 -2.26 -10.12 -4.37
N GLU C 45 -1.24 -9.92 -5.21
CA GLU C 45 -1.37 -10.18 -6.63
C GLU C 45 -1.85 -11.60 -6.91
N GLU C 46 -1.61 -12.54 -6.01
CA GLU C 46 -1.98 -13.93 -6.25
C GLU C 46 -3.51 -14.10 -6.26
N ILE C 47 -4.25 -13.29 -5.50
CA ILE C 47 -5.71 -13.34 -5.49
C ILE C 47 -6.24 -12.39 -6.55
N TYR C 48 -5.62 -11.22 -6.66
CA TYR C 48 -6.07 -10.15 -7.53
C TYR C 48 -6.15 -10.60 -8.99
N GLN C 49 -5.27 -11.52 -9.40
CA GLN C 49 -5.22 -11.99 -10.77
C GLN C 49 -6.45 -12.83 -11.13
N ARG C 50 -7.20 -13.35 -10.14
CA ARG C 50 -8.42 -14.09 -10.42
C ARG C 50 -9.61 -13.13 -10.52
N ILE C 51 -9.46 -11.94 -9.93
CA ILE C 51 -10.52 -10.94 -9.92
C ILE C 51 -10.54 -10.21 -11.27
N GLN C 52 -9.36 -9.90 -11.80
CA GLN C 52 -9.25 -9.22 -13.09
C GLN C 52 -9.36 -10.22 -14.26
N ALA C 53 -9.58 -11.50 -13.94
CA ALA C 53 -9.65 -12.55 -14.95
C ALA C 53 -10.82 -12.35 -15.93
N GLY C 54 -11.79 -11.50 -15.60
CA GLY C 54 -12.91 -11.23 -16.48
C GLY C 54 -14.23 -11.03 -15.73
N LEU C 55 -14.18 -10.51 -14.51
CA LEU C 55 -15.38 -10.46 -13.67
C LEU C 55 -15.39 -9.29 -12.69
N THR C 56 -14.25 -8.99 -12.05
CA THR C 56 -14.14 -8.00 -10.98
C THR C 56 -15.30 -8.06 -9.98
N ALA C 57 -15.91 -9.24 -9.82
CA ALA C 57 -16.99 -9.45 -8.86
C ALA C 57 -17.02 -10.92 -8.45
N PRO C 58 -16.96 -11.20 -7.13
CA PRO C 58 -17.06 -12.55 -6.58
C PRO C 58 -18.26 -13.34 -7.06
N ASP C 59 -18.30 -14.62 -6.67
CA ASP C 59 -19.36 -15.55 -7.03
C ASP C 59 -20.72 -15.14 -6.46
N MET A 1 -8.10 -4.02 9.85
CA MET A 1 -6.81 -4.33 9.21
C MET A 1 -6.94 -5.60 8.37
N LEU A 2 -6.18 -5.67 7.27
CA LEU A 2 -6.12 -6.85 6.41
C LEU A 2 -4.64 -7.14 6.16
N ILE A 3 -4.13 -8.26 6.68
CA ILE A 3 -2.71 -8.55 6.64
C ILE A 3 -2.36 -9.47 5.49
N LEU A 4 -1.11 -9.36 5.04
CA LEU A 4 -0.52 -10.18 4.01
C LEU A 4 0.96 -10.36 4.35
N THR A 5 1.55 -11.44 3.83
CA THR A 5 2.97 -11.70 4.00
C THR A 5 3.56 -11.95 2.62
N ARG A 6 4.70 -11.32 2.34
CA ARG A 6 5.30 -11.33 1.01
C ARG A 6 6.81 -11.47 1.10
N LYS A 7 7.49 -11.41 -0.04
CA LYS A 7 8.95 -11.39 -0.05
C LYS A 7 9.44 -10.28 -0.95
N VAL A 8 10.72 -9.92 -0.80
CA VAL A 8 11.29 -8.87 -1.62
C VAL A 8 11.14 -9.18 -3.11
N GLY A 9 10.38 -8.34 -3.80
CA GLY A 9 10.12 -8.46 -5.23
C GLY A 9 8.65 -8.68 -5.56
N GLU A 10 7.81 -9.04 -4.58
CA GLU A 10 6.39 -9.30 -4.84
C GLU A 10 5.58 -8.00 -4.92
N SER A 11 4.32 -8.12 -5.32
CA SER A 11 3.43 -6.97 -5.49
C SER A 11 2.02 -7.29 -5.00
N ILE A 12 1.21 -6.24 -4.80
CA ILE A 12 -0.13 -6.28 -4.21
C ILE A 12 -1.01 -5.24 -4.90
N ASN A 13 -2.34 -5.37 -4.80
CA ASN A 13 -3.25 -4.43 -5.46
C ASN A 13 -4.21 -3.78 -4.46
N ILE A 14 -4.60 -2.55 -4.76
CA ILE A 14 -5.54 -1.76 -3.97
C ILE A 14 -6.48 -1.01 -4.92
N GLY A 15 -7.78 -1.08 -4.65
CA GLY A 15 -8.77 -0.46 -5.52
C GLY A 15 -8.61 -0.98 -6.95
N ASP A 16 -8.84 -0.12 -7.93
CA ASP A 16 -8.65 -0.44 -9.34
C ASP A 16 -7.70 0.57 -9.97
N ASP A 17 -6.97 1.33 -9.14
CA ASP A 17 -6.10 2.41 -9.60
C ASP A 17 -4.77 2.43 -8.87
N ILE A 18 -4.50 1.49 -7.95
CA ILE A 18 -3.24 1.50 -7.21
C ILE A 18 -2.63 0.11 -7.13
N THR A 19 -1.30 0.06 -7.13
CA THR A 19 -0.54 -1.18 -7.01
C THR A 19 0.63 -0.90 -6.07
N ILE A 20 1.11 -1.95 -5.38
CA ILE A 20 2.17 -1.83 -4.38
C ILE A 20 3.22 -2.89 -4.66
N THR A 21 4.49 -2.60 -4.32
CA THR A 21 5.58 -3.52 -4.55
C THR A 21 6.64 -3.38 -3.45
N ILE A 22 7.12 -4.49 -2.92
CA ILE A 22 8.19 -4.50 -1.92
C ILE A 22 9.51 -4.61 -2.68
N LEU A 23 10.17 -3.47 -2.92
CA LEU A 23 11.36 -3.47 -3.75
C LEU A 23 12.50 -4.19 -3.04
N GLY A 24 12.47 -4.20 -1.70
CA GLY A 24 13.43 -4.95 -0.91
C GLY A 24 13.58 -4.39 0.50
N VAL A 25 14.59 -4.86 1.23
CA VAL A 25 14.88 -4.34 2.57
C VAL A 25 16.33 -3.88 2.64
N SER A 26 16.69 -3.18 3.73
CA SER A 26 18.01 -2.61 3.92
C SER A 26 18.36 -2.64 5.41
N GLY A 27 18.30 -3.83 6.00
CA GLY A 27 18.48 -3.98 7.43
C GLY A 27 17.11 -4.27 8.03
N GLN A 28 16.72 -3.51 9.04
CA GLN A 28 15.39 -3.65 9.62
C GLN A 28 14.48 -2.58 9.03
N GLN A 29 15.05 -1.78 8.13
CA GLN A 29 14.31 -0.88 7.28
C GLN A 29 13.75 -1.70 6.12
N VAL A 30 12.77 -1.14 5.42
CA VAL A 30 12.10 -1.77 4.29
C VAL A 30 11.85 -0.68 3.25
N ARG A 31 11.88 -1.03 1.96
CA ARG A 31 11.69 -0.06 0.90
C ARG A 31 10.61 -0.58 -0.05
N ILE A 32 9.62 0.28 -0.27
CA ILE A 32 8.38 -0.08 -0.94
C ILE A 32 8.09 0.95 -2.03
N GLY A 33 7.43 0.50 -3.09
CA GLY A 33 7.05 1.37 -4.20
C GLY A 33 5.54 1.36 -4.35
N ILE A 34 5.02 2.42 -4.96
CA ILE A 34 3.60 2.60 -5.15
C ILE A 34 3.37 3.05 -6.58
N ASN A 35 2.25 2.65 -7.17
CA ASN A 35 1.95 2.95 -8.55
C ASN A 35 0.49 3.39 -8.63
N ALA A 36 0.29 4.71 -8.61
CA ALA A 36 -1.03 5.31 -8.60
C ALA A 36 -1.09 6.56 -9.48
N PRO A 37 -2.29 6.93 -9.94
CA PRO A 37 -2.53 8.17 -10.64
C PRO A 37 -2.45 9.38 -9.72
N LYS A 38 -2.24 10.55 -10.31
CA LYS A 38 -2.26 11.81 -9.57
C LYS A 38 -3.68 12.13 -9.10
N ASP A 39 -4.65 11.30 -9.50
CA ASP A 39 -6.01 11.36 -9.01
C ASP A 39 -6.07 10.99 -7.53
N VAL A 40 -4.97 10.47 -6.98
CA VAL A 40 -4.86 10.09 -5.58
C VAL A 40 -3.50 10.50 -5.04
N ALA A 41 -3.38 10.59 -3.72
CA ALA A 41 -2.15 11.03 -3.08
C ALA A 41 -1.46 9.87 -2.38
N VAL A 42 -0.13 9.92 -2.27
CA VAL A 42 0.62 8.87 -1.56
C VAL A 42 1.82 9.50 -0.87
N HIS A 43 1.99 9.22 0.44
CA HIS A 43 3.12 9.73 1.19
C HIS A 43 3.39 8.83 2.40
N ARG A 44 4.56 9.00 3.01
CA ARG A 44 4.82 8.38 4.31
C ARG A 44 3.91 9.05 5.33
N GLU A 45 3.62 8.37 6.44
CA GLU A 45 2.70 8.89 7.45
C GLU A 45 3.17 10.26 7.98
N GLU A 46 4.45 10.59 7.85
CA GLU A 46 4.96 11.88 8.30
C GLU A 46 4.43 13.01 7.43
N ILE A 47 4.58 12.91 6.10
CA ILE A 47 4.11 13.95 5.20
C ILE A 47 2.59 13.93 5.19
N TYR A 48 2.00 12.75 5.40
CA TYR A 48 0.57 12.57 5.36
C TYR A 48 -0.15 13.49 6.35
N GLN A 49 0.48 13.79 7.48
CA GLN A 49 -0.13 14.63 8.50
C GLN A 49 -0.23 16.08 8.06
N ARG A 50 0.54 16.47 7.03
CA ARG A 50 0.42 17.82 6.47
C ARG A 50 -0.72 17.84 5.45
N ILE A 51 -1.09 16.67 4.93
CA ILE A 51 -2.15 16.56 3.93
C ILE A 51 -3.51 16.76 4.59
N GLN A 52 -3.71 16.08 5.74
CA GLN A 52 -4.96 16.10 6.47
C GLN A 52 -5.08 17.34 7.35
N ALA A 53 -4.08 18.22 7.30
CA ALA A 53 -4.07 19.43 8.11
C ALA A 53 -5.19 20.40 7.70
N GLY A 54 -5.77 20.24 6.52
CA GLY A 54 -6.88 21.08 6.08
C GLY A 54 -6.81 21.45 4.61
N LEU A 55 -6.32 20.54 3.75
CA LEU A 55 -6.01 20.91 2.37
C LEU A 55 -6.08 19.76 1.37
N THR A 56 -6.80 18.68 1.67
CA THR A 56 -7.05 17.67 0.64
C THR A 56 -7.94 18.25 -0.47
N ALA A 57 -8.41 19.48 -0.26
CA ALA A 57 -9.18 20.26 -1.22
C ALA A 57 -8.82 21.73 -0.99
N PRO A 58 -7.66 22.18 -1.48
CA PRO A 58 -7.12 23.52 -1.30
C PRO A 58 -8.07 24.65 -1.70
N ASP A 59 -7.66 25.88 -1.38
CA ASP A 59 -8.43 27.08 -1.65
C ASP A 59 -8.69 27.28 -3.14
N MET C 1 6.15 5.26 -10.63
CA MET C 1 6.33 4.70 -9.27
C MET C 1 6.70 5.81 -8.29
N LEU C 2 6.29 5.65 -7.03
CA LEU C 2 6.66 6.53 -5.95
C LEU C 2 7.17 5.67 -4.80
N ILE C 3 8.41 5.88 -4.38
CA ILE C 3 9.07 5.01 -3.42
C ILE C 3 9.22 5.70 -2.07
N LEU C 4 9.19 4.89 -1.03
CA LEU C 4 9.32 5.30 0.36
C LEU C 4 10.11 4.25 1.12
N THR C 5 10.74 4.65 2.23
CA THR C 5 11.51 3.75 3.05
C THR C 5 11.05 3.89 4.49
N ARG C 6 10.84 2.75 5.14
CA ARG C 6 10.28 2.67 6.49
C ARG C 6 11.07 1.63 7.29
N LYS C 7 10.65 1.38 8.52
CA LYS C 7 11.21 0.30 9.33
C LYS C 7 10.07 -0.41 10.05
N VAL C 8 10.36 -1.57 10.63
CA VAL C 8 9.28 -2.34 11.24
C VAL C 8 8.62 -1.55 12.36
N GLY C 9 7.32 -1.30 12.19
CA GLY C 9 6.49 -0.57 13.14
C GLY C 9 6.01 0.76 12.60
N GLU C 10 6.56 1.22 11.46
CA GLU C 10 6.19 2.51 10.88
C GLU C 10 5.00 2.37 9.90
N SER C 11 4.55 3.49 9.32
CA SER C 11 3.34 3.53 8.50
C SER C 11 3.51 4.34 7.22
N ILE C 12 2.58 4.13 6.28
CA ILE C 12 2.51 4.79 4.97
C ILE C 12 1.02 5.03 4.68
N ASN C 13 0.72 5.95 3.76
CA ASN C 13 -0.67 6.33 3.50
C ASN C 13 -0.95 6.50 2.00
N ILE C 14 -2.22 6.29 1.63
CA ILE C 14 -2.70 6.37 0.26
C ILE C 14 -4.09 6.99 0.26
N GLY C 15 -4.35 7.91 -0.67
CA GLY C 15 -5.62 8.60 -0.77
C GLY C 15 -6.00 9.23 0.57
N ASP C 16 -7.30 9.25 0.86
CA ASP C 16 -7.84 9.76 2.11
C ASP C 16 -8.68 8.67 2.80
N ASP C 17 -8.54 7.42 2.36
CA ASP C 17 -9.31 6.29 2.87
C ASP C 17 -8.43 5.06 3.10
N ILE C 18 -7.11 5.13 2.87
CA ILE C 18 -6.27 3.95 3.03
C ILE C 18 -5.00 4.28 3.80
N THR C 19 -4.53 3.31 4.58
CA THR C 19 -3.30 3.39 5.33
C THR C 19 -2.60 2.03 5.27
N ILE C 20 -1.28 2.02 5.45
CA ILE C 20 -0.47 0.81 5.36
C ILE C 20 0.49 0.79 6.55
N THR C 21 0.84 -0.42 7.03
CA THR C 21 1.72 -0.56 8.17
C THR C 21 2.64 -1.76 7.98
N ILE C 22 3.91 -1.60 8.33
CA ILE C 22 4.91 -2.65 8.22
C ILE C 22 5.09 -3.27 9.60
N LEU C 23 4.34 -4.35 9.88
CA LEU C 23 4.33 -4.93 11.21
C LEU C 23 5.65 -5.64 11.53
N GLY C 24 6.40 -6.05 10.51
CA GLY C 24 7.71 -6.67 10.72
C GLY C 24 8.20 -7.46 9.52
N VAL C 25 9.32 -8.19 9.70
CA VAL C 25 9.86 -9.06 8.66
C VAL C 25 10.07 -10.46 9.22
N SER C 26 10.38 -11.44 8.35
CA SER C 26 10.55 -12.83 8.73
C SER C 26 11.68 -13.46 7.92
N GLY C 27 12.83 -12.78 7.87
CA GLY C 27 13.97 -13.20 7.08
C GLY C 27 14.08 -12.28 5.87
N GLN C 28 13.67 -12.76 4.70
CA GLN C 28 13.58 -11.93 3.50
C GLN C 28 12.11 -11.82 3.08
N GLN C 29 11.22 -12.41 3.88
CA GLN C 29 9.80 -12.17 3.77
C GLN C 29 9.48 -10.93 4.61
N VAL C 30 8.32 -10.34 4.37
CA VAL C 30 7.90 -9.12 5.05
C VAL C 30 6.43 -9.26 5.40
N ARG C 31 6.00 -8.64 6.51
CA ARG C 31 4.64 -8.74 7.01
C ARG C 31 4.05 -7.35 7.13
N ILE C 32 2.94 -7.12 6.42
CA ILE C 32 2.38 -5.81 6.22
C ILE C 32 0.87 -5.87 6.35
N GLY C 33 0.29 -4.84 6.96
CA GLY C 33 -1.15 -4.74 7.13
C GLY C 33 -1.69 -3.60 6.29
N ILE C 34 -3.00 -3.62 6.07
CA ILE C 34 -3.69 -2.65 5.24
C ILE C 34 -4.93 -2.21 6.01
N ASN C 35 -5.32 -0.94 5.82
CA ASN C 35 -6.42 -0.37 6.56
C ASN C 35 -7.26 0.47 5.63
N ALA C 36 -8.32 -0.13 5.08
CA ALA C 36 -9.19 0.51 4.12
C ALA C 36 -10.65 0.12 4.34
N PRO C 37 -11.58 0.95 3.85
CA PRO C 37 -13.00 0.66 3.83
C PRO C 37 -13.34 -0.42 2.81
N LYS C 38 -14.50 -1.05 2.98
CA LYS C 38 -15.03 -2.01 2.02
C LYS C 38 -15.45 -1.30 0.73
N ASP C 39 -15.37 0.05 0.74
CA ASP C 39 -15.58 0.87 -0.44
C ASP C 39 -14.46 0.63 -1.46
N VAL C 40 -13.40 -0.08 -1.04
CA VAL C 40 -12.26 -0.40 -1.90
C VAL C 40 -11.81 -1.84 -1.64
N ALA C 41 -11.08 -2.41 -2.59
CA ALA C 41 -10.68 -3.80 -2.51
C ALA C 41 -9.17 -3.90 -2.34
N VAL C 42 -8.70 -4.96 -1.66
CA VAL C 42 -7.27 -5.18 -1.47
C VAL C 42 -6.98 -6.68 -1.51
N HIS C 43 -6.04 -7.11 -2.35
CA HIS C 43 -5.67 -8.51 -2.43
C HIS C 43 -4.27 -8.70 -2.98
N ARG C 44 -3.73 -9.90 -2.79
CA ARG C 44 -2.48 -10.31 -3.41
C ARG C 44 -2.71 -10.42 -4.91
N GLU C 45 -1.66 -10.23 -5.71
CA GLU C 45 -1.78 -10.30 -7.16
C GLU C 45 -2.33 -11.65 -7.63
N GLU C 46 -2.23 -12.69 -6.82
CA GLU C 46 -2.76 -13.99 -7.20
C GLU C 46 -4.30 -13.98 -7.13
N ILE C 47 -4.87 -13.42 -6.06
CA ILE C 47 -6.31 -13.37 -5.89
C ILE C 47 -6.89 -12.35 -6.86
N TYR C 48 -6.14 -11.26 -7.07
CA TYR C 48 -6.57 -10.14 -7.88
C TYR C 48 -6.88 -10.54 -9.32
N GLN C 49 -6.17 -11.54 -9.85
CA GLN C 49 -6.34 -11.93 -11.25
C GLN C 49 -7.67 -12.66 -11.49
N ARG C 50 -8.31 -13.16 -10.43
CA ARG C 50 -9.62 -13.81 -10.58
C ARG C 50 -10.71 -12.76 -10.57
N ILE C 51 -10.40 -11.59 -10.00
CA ILE C 51 -11.33 -10.48 -9.90
C ILE C 51 -11.39 -9.75 -11.24
N GLN C 52 -10.22 -9.56 -11.87
CA GLN C 52 -10.14 -8.89 -13.17
C GLN C 52 -10.44 -9.87 -14.30
N ALA C 53 -10.77 -11.13 -13.98
CA ALA C 53 -11.02 -12.16 -14.96
C ALA C 53 -12.22 -11.85 -15.87
N GLY C 54 -13.08 -10.90 -15.46
CA GLY C 54 -14.23 -10.51 -16.27
C GLY C 54 -15.45 -10.16 -15.45
N LEU C 55 -15.26 -9.66 -14.22
CA LEU C 55 -16.38 -9.47 -13.30
C LEU C 55 -16.20 -8.32 -12.33
N THR C 56 -14.99 -8.15 -11.79
CA THR C 56 -14.68 -7.20 -10.73
C THR C 56 -15.76 -7.11 -9.64
N ALA C 57 -16.51 -8.19 -9.44
CA ALA C 57 -17.54 -8.24 -8.41
C ALA C 57 -17.76 -9.71 -7.99
N PRO C 58 -17.66 -10.02 -6.70
CA PRO C 58 -17.94 -11.33 -6.14
C PRO C 58 -19.33 -11.87 -6.51
N ASP C 59 -19.58 -13.11 -6.09
CA ASP C 59 -20.82 -13.82 -6.34
C ASP C 59 -22.01 -13.08 -5.72
N MET A 1 -8.19 -4.18 9.97
CA MET A 1 -6.94 -4.39 9.21
C MET A 1 -7.06 -5.63 8.33
N LEU A 2 -6.37 -5.60 7.18
CA LEU A 2 -6.29 -6.73 6.27
C LEU A 2 -4.81 -6.97 6.00
N ILE A 3 -4.31 -8.14 6.40
CA ILE A 3 -2.89 -8.44 6.35
C ILE A 3 -2.58 -9.34 5.15
N LEU A 4 -1.37 -9.13 4.62
CA LEU A 4 -0.84 -9.86 3.47
C LEU A 4 0.64 -10.09 3.70
N THR A 5 1.18 -11.12 3.06
CA THR A 5 2.59 -11.47 3.20
C THR A 5 3.21 -11.62 1.82
N ARG A 6 4.42 -11.07 1.67
CA ARG A 6 5.14 -11.04 0.41
C ARG A 6 6.61 -11.30 0.68
N LYS A 7 7.41 -11.29 -0.38
CA LYS A 7 8.86 -11.42 -0.28
C LYS A 7 9.47 -10.54 -1.36
N VAL A 8 10.72 -10.10 -1.16
CA VAL A 8 11.29 -9.09 -2.04
C VAL A 8 11.14 -9.45 -3.52
N GLY A 9 10.45 -8.56 -4.24
CA GLY A 9 10.17 -8.71 -5.66
C GLY A 9 8.69 -8.92 -5.97
N GLU A 10 7.89 -9.31 -4.96
CA GLU A 10 6.46 -9.57 -5.12
C GLU A 10 5.64 -8.28 -5.02
N SER A 11 4.32 -8.40 -5.19
CA SER A 11 3.43 -7.24 -5.31
C SER A 11 2.11 -7.42 -4.56
N ILE A 12 1.42 -6.30 -4.35
CA ILE A 12 0.13 -6.18 -3.66
C ILE A 12 -0.69 -5.13 -4.41
N ASN A 13 -2.02 -5.12 -4.22
CA ASN A 13 -2.88 -4.21 -4.96
C ASN A 13 -3.98 -3.62 -4.07
N ILE A 14 -4.46 -2.43 -4.47
CA ILE A 14 -5.49 -1.68 -3.76
C ILE A 14 -6.39 -1.01 -4.79
N GLY A 15 -7.71 -1.07 -4.57
CA GLY A 15 -8.68 -0.51 -5.48
C GLY A 15 -8.50 -1.07 -6.88
N ASP A 16 -8.75 -0.23 -7.89
CA ASP A 16 -8.56 -0.57 -9.30
C ASP A 16 -7.63 0.44 -9.94
N ASP A 17 -6.92 1.22 -9.12
CA ASP A 17 -6.05 2.30 -9.59
C ASP A 17 -4.72 2.33 -8.83
N ILE A 18 -4.47 1.40 -7.90
CA ILE A 18 -3.22 1.42 -7.15
C ILE A 18 -2.60 0.03 -7.08
N THR A 19 -1.26 0.00 -7.05
CA THR A 19 -0.47 -1.21 -6.90
C THR A 19 0.71 -0.90 -5.99
N ILE A 20 1.24 -1.93 -5.33
CA ILE A 20 2.36 -1.81 -4.39
C ILE A 20 3.36 -2.90 -4.69
N THR A 21 4.65 -2.63 -4.46
CA THR A 21 5.72 -3.58 -4.75
C THR A 21 6.82 -3.50 -3.71
N ILE A 22 7.22 -4.64 -3.15
CA ILE A 22 8.32 -4.73 -2.20
C ILE A 22 9.63 -4.85 -2.98
N LEU A 23 10.31 -3.73 -3.22
CA LEU A 23 11.50 -3.71 -4.06
C LEU A 23 12.66 -4.44 -3.37
N GLY A 24 12.65 -4.47 -2.03
CA GLY A 24 13.64 -5.19 -1.25
C GLY A 24 13.73 -4.68 0.18
N VAL A 25 14.72 -5.15 0.94
CA VAL A 25 14.95 -4.68 2.31
C VAL A 25 16.42 -4.31 2.49
N SER A 26 16.72 -3.68 3.62
CA SER A 26 18.06 -3.19 3.95
C SER A 26 18.30 -3.38 5.44
N GLY A 27 17.94 -4.57 5.95
CA GLY A 27 17.98 -4.87 7.37
C GLY A 27 16.56 -4.88 7.91
N GLN A 28 16.37 -4.40 9.14
CA GLN A 28 15.03 -4.24 9.70
C GLN A 28 14.31 -3.03 9.10
N GLN A 29 14.91 -2.44 8.05
CA GLN A 29 14.24 -1.44 7.25
C GLN A 29 13.86 -2.06 5.91
N VAL A 30 12.85 -1.49 5.25
CA VAL A 30 12.23 -2.08 4.07
C VAL A 30 12.04 -1.00 3.02
N ARG A 31 12.09 -1.39 1.74
CA ARG A 31 12.01 -0.47 0.63
C ARG A 31 10.90 -0.91 -0.31
N ILE A 32 9.94 -0.01 -0.55
CA ILE A 32 8.69 -0.33 -1.21
C ILE A 32 8.34 0.76 -2.21
N GLY A 33 7.69 0.36 -3.30
CA GLY A 33 7.26 1.28 -4.34
C GLY A 33 5.74 1.32 -4.39
N ILE A 34 5.20 2.37 -4.98
CA ILE A 34 3.76 2.61 -5.08
C ILE A 34 3.49 3.03 -6.51
N ASN A 35 2.33 2.66 -7.02
CA ASN A 35 1.99 2.88 -8.41
C ASN A 35 0.53 3.31 -8.50
N ALA A 36 0.32 4.63 -8.51
CA ALA A 36 -1.01 5.21 -8.54
C ALA A 36 -1.04 6.45 -9.43
N PRO A 37 -2.24 6.82 -9.91
CA PRO A 37 -2.47 8.06 -10.62
C PRO A 37 -2.39 9.27 -9.70
N LYS A 38 -2.18 10.44 -10.29
CA LYS A 38 -2.21 11.70 -9.57
C LYS A 38 -3.64 12.03 -9.14
N ASP A 39 -4.60 11.20 -9.57
CA ASP A 39 -5.98 11.27 -9.11
C ASP A 39 -6.08 10.91 -7.62
N VAL A 40 -4.98 10.41 -7.04
CA VAL A 40 -4.90 10.05 -5.63
C VAL A 40 -3.55 10.49 -5.06
N ALA A 41 -3.46 10.55 -3.74
CA ALA A 41 -2.27 11.03 -3.06
C ALA A 41 -1.61 9.89 -2.29
N VAL A 42 -0.28 9.93 -2.19
CA VAL A 42 0.46 8.94 -1.42
C VAL A 42 1.65 9.60 -0.74
N HIS A 43 1.74 9.47 0.58
CA HIS A 43 2.85 10.06 1.33
C HIS A 43 3.08 9.34 2.65
N ARG A 44 4.24 9.56 3.24
CA ARG A 44 4.54 9.09 4.59
C ARG A 44 3.75 9.96 5.57
N GLU A 45 3.49 9.45 6.78
CA GLU A 45 2.68 10.15 7.76
C GLU A 45 3.18 11.55 8.03
N GLU A 46 4.49 11.77 7.93
CA GLU A 46 5.09 13.06 8.22
C GLU A 46 4.73 14.10 7.15
N ILE A 47 4.50 13.68 5.91
CA ILE A 47 4.11 14.58 4.84
C ILE A 47 2.59 14.65 4.82
N TYR A 48 1.95 13.53 5.16
CA TYR A 48 0.49 13.39 5.12
C TYR A 48 -0.19 14.43 5.99
N GLN A 49 0.45 14.83 7.10
CA GLN A 49 -0.12 15.81 8.01
C GLN A 49 -0.18 17.20 7.40
N ARG A 50 0.58 17.45 6.33
CA ARG A 50 0.50 18.70 5.60
C ARG A 50 -0.61 18.62 4.56
N ILE A 51 -0.99 17.39 4.17
CA ILE A 51 -2.07 17.18 3.21
C ILE A 51 -3.39 17.54 3.87
N GLN A 52 -3.67 16.92 5.02
CA GLN A 52 -4.92 17.10 5.74
C GLN A 52 -5.00 18.47 6.40
N ALA A 53 -3.98 19.32 6.20
CA ALA A 53 -3.96 20.66 6.75
C ALA A 53 -4.98 21.59 6.07
N GLY A 54 -5.54 21.19 4.93
CA GLY A 54 -6.54 21.98 4.24
C GLY A 54 -6.60 21.72 2.72
N LEU A 55 -6.08 20.58 2.27
CA LEU A 55 -5.88 20.34 0.84
C LEU A 55 -5.68 18.85 0.56
N THR A 56 -5.21 18.52 -0.66
CA THR A 56 -4.90 17.13 -1.00
C THR A 56 -3.66 17.04 -1.90
N ALA A 57 -2.97 18.15 -2.13
CA ALA A 57 -1.78 18.17 -2.97
C ALA A 57 -0.80 19.25 -2.52
N PRO A 58 0.45 18.88 -2.23
CA PRO A 58 1.57 19.80 -1.99
C PRO A 58 1.75 20.81 -3.11
N ASP A 59 2.75 21.68 -2.95
CA ASP A 59 3.06 22.72 -3.93
C ASP A 59 3.19 22.16 -5.34
N MET C 1 6.00 5.28 -10.59
CA MET C 1 6.33 4.68 -9.28
C MET C 1 6.71 5.75 -8.27
N LEU C 2 6.34 5.57 -7.00
CA LEU C 2 6.71 6.45 -5.91
C LEU C 2 7.23 5.57 -4.79
N ILE C 3 8.54 5.64 -4.54
CA ILE C 3 9.22 4.76 -3.61
C ILE C 3 9.40 5.45 -2.26
N LEU C 4 9.42 4.63 -1.21
CA LEU C 4 9.61 5.05 0.16
C LEU C 4 10.40 3.96 0.89
N THR C 5 11.07 4.35 1.98
CA THR C 5 11.84 3.43 2.79
C THR C 5 11.44 3.61 4.24
N ARG C 6 11.21 2.49 4.94
CA ARG C 6 10.66 2.51 6.30
C ARG C 6 11.26 1.41 7.16
N LYS C 7 10.79 1.35 8.40
CA LYS C 7 11.24 0.34 9.35
C LYS C 7 10.05 -0.41 9.90
N VAL C 8 10.28 -1.60 10.45
CA VAL C 8 9.17 -2.40 10.94
C VAL C 8 8.43 -1.66 12.06
N GLY C 9 7.14 -1.44 11.85
CA GLY C 9 6.27 -0.75 12.78
C GLY C 9 5.75 0.58 12.23
N GLU C 10 6.38 1.12 11.18
CA GLU C 10 5.95 2.38 10.58
C GLU C 10 4.71 2.21 9.70
N SER C 11 4.13 3.33 9.27
CA SER C 11 2.92 3.34 8.46
C SER C 11 3.01 4.40 7.36
N ILE C 12 2.10 4.33 6.40
CA ILE C 12 2.04 5.18 5.21
C ILE C 12 0.58 5.43 4.86
N ASN C 13 0.29 6.47 4.07
CA ASN C 13 -1.08 6.84 3.75
C ASN C 13 -1.31 6.89 2.25
N ILE C 14 -2.55 6.56 1.85
CA ILE C 14 -3.00 6.58 0.46
C ILE C 14 -4.40 7.17 0.41
N GLY C 15 -4.64 8.06 -0.55
CA GLY C 15 -5.92 8.73 -0.69
C GLY C 15 -6.31 9.40 0.63
N ASP C 16 -7.60 9.37 0.94
CA ASP C 16 -8.13 9.93 2.18
C ASP C 16 -8.94 8.86 2.93
N ASP C 17 -8.75 7.58 2.53
CA ASP C 17 -9.52 6.47 3.08
C ASP C 17 -8.66 5.22 3.30
N ILE C 18 -7.34 5.28 3.05
CA ILE C 18 -6.50 4.09 3.21
C ILE C 18 -5.21 4.42 3.96
N THR C 19 -4.73 3.43 4.72
CA THR C 19 -3.47 3.50 5.45
C THR C 19 -2.79 2.15 5.34
N ILE C 20 -1.46 2.13 5.44
CA ILE C 20 -0.64 0.93 5.27
C ILE C 20 0.35 0.84 6.43
N THR C 21 0.73 -0.36 6.84
CA THR C 21 1.64 -0.56 7.96
C THR C 21 2.52 -1.78 7.73
N ILE C 22 3.84 -1.63 7.92
CA ILE C 22 4.78 -2.73 7.86
C ILE C 22 4.81 -3.37 9.24
N LEU C 23 4.05 -4.46 9.43
CA LEU C 23 3.92 -5.07 10.74
C LEU C 23 5.26 -5.70 11.16
N GLY C 24 6.04 -6.12 10.18
CA GLY C 24 7.38 -6.65 10.42
C GLY C 24 7.85 -7.54 9.26
N VAL C 25 8.95 -8.24 9.46
CA VAL C 25 9.47 -9.17 8.46
C VAL C 25 9.72 -10.54 9.10
N SER C 26 10.02 -11.53 8.25
CA SER C 26 10.23 -12.91 8.65
C SER C 26 11.34 -13.48 7.79
N GLY C 27 12.42 -12.72 7.65
CA GLY C 27 13.50 -13.01 6.72
C GLY C 27 13.40 -12.05 5.54
N GLN C 28 13.70 -12.53 4.34
CA GLN C 28 13.52 -11.72 3.15
C GLN C 28 12.03 -11.61 2.79
N GLN C 29 11.17 -12.41 3.45
CA GLN C 29 9.74 -12.22 3.34
C GLN C 29 9.33 -11.09 4.29
N VAL C 30 8.20 -10.45 3.99
CA VAL C 30 7.75 -9.24 4.67
C VAL C 30 6.26 -9.37 4.92
N ARG C 31 5.76 -8.76 6.00
CA ARG C 31 4.36 -8.86 6.37
C ARG C 31 3.80 -7.48 6.64
N ILE C 32 2.71 -7.17 5.95
CA ILE C 32 2.17 -5.82 5.84
C ILE C 32 0.68 -5.86 6.12
N GLY C 33 0.13 -4.76 6.66
CA GLY C 33 -1.29 -4.65 6.94
C GLY C 33 -1.86 -3.46 6.19
N ILE C 34 -3.17 -3.47 6.00
CA ILE C 34 -3.87 -2.45 5.24
C ILE C 34 -5.10 -2.06 6.04
N ASN C 35 -5.49 -0.80 5.94
CA ASN C 35 -6.60 -0.26 6.71
C ASN C 35 -7.46 0.60 5.79
N ALA C 36 -8.50 -0.02 5.23
CA ALA C 36 -9.39 0.63 4.28
C ALA C 36 -10.82 0.19 4.50
N PRO C 37 -11.80 1.01 4.07
CA PRO C 37 -13.20 0.68 4.05
C PRO C 37 -13.49 -0.39 3.00
N LYS C 38 -14.64 -1.07 3.16
CA LYS C 38 -15.13 -2.01 2.15
C LYS C 38 -15.51 -1.28 0.87
N ASP C 39 -15.37 0.05 0.89
CA ASP C 39 -15.56 0.90 -0.26
C ASP C 39 -14.49 0.64 -1.32
N VAL C 40 -13.44 -0.11 -0.95
CA VAL C 40 -12.32 -0.42 -1.82
C VAL C 40 -11.89 -1.88 -1.65
N ALA C 41 -11.18 -2.41 -2.63
CA ALA C 41 -10.71 -3.78 -2.61
C ALA C 41 -9.23 -3.82 -2.26
N VAL C 42 -8.78 -4.84 -1.54
CA VAL C 42 -7.37 -5.01 -1.23
C VAL C 42 -7.00 -6.49 -1.24
N HIS C 43 -5.98 -6.86 -2.02
CA HIS C 43 -5.53 -8.24 -2.12
C HIS C 43 -4.07 -8.29 -2.55
N ARG C 44 -3.39 -9.42 -2.33
CA ARG C 44 -2.07 -9.62 -2.90
C ARG C 44 -2.25 -9.76 -4.41
N GLU C 45 -1.19 -9.50 -5.18
CA GLU C 45 -1.28 -9.50 -6.63
C GLU C 45 -1.79 -10.85 -7.19
N GLU C 46 -1.63 -11.93 -6.42
CA GLU C 46 -2.09 -13.24 -6.88
C GLU C 46 -3.61 -13.29 -7.00
N ILE C 47 -4.33 -12.79 -5.99
CA ILE C 47 -5.79 -12.77 -6.03
C ILE C 47 -6.26 -11.71 -7.00
N TYR C 48 -5.53 -10.61 -7.07
CA TYR C 48 -5.91 -9.45 -7.86
C TYR C 48 -6.08 -9.79 -9.34
N GLN C 49 -5.30 -10.74 -9.85
CA GLN C 49 -5.33 -11.08 -11.26
C GLN C 49 -6.61 -11.81 -11.65
N ARG C 50 -7.34 -12.38 -10.67
CA ARG C 50 -8.62 -13.04 -10.96
C ARG C 50 -9.74 -12.00 -10.95
N ILE C 51 -9.50 -10.87 -10.29
CA ILE C 51 -10.48 -9.80 -10.23
C ILE C 51 -10.45 -9.04 -11.54
N GLN C 52 -9.26 -8.65 -12.02
CA GLN C 52 -9.13 -7.90 -13.27
C GLN C 52 -9.35 -8.80 -14.49
N ALA C 53 -9.66 -10.09 -14.26
CA ALA C 53 -9.89 -11.04 -15.34
C ALA C 53 -11.14 -10.71 -16.15
N GLY C 54 -12.02 -9.83 -15.65
CA GLY C 54 -13.23 -9.45 -16.36
C GLY C 54 -14.34 -8.94 -15.45
N LEU C 55 -13.99 -8.44 -14.26
CA LEU C 55 -14.97 -8.14 -13.23
C LEU C 55 -14.37 -7.29 -12.11
N THR C 56 -15.10 -7.15 -11.00
CA THR C 56 -14.62 -6.48 -9.79
C THR C 56 -15.14 -7.20 -8.55
N ALA C 57 -15.91 -8.27 -8.74
CA ALA C 57 -16.48 -9.08 -7.67
C ALA C 57 -16.64 -10.52 -8.17
N PRO C 58 -15.61 -11.36 -7.99
CA PRO C 58 -15.60 -12.74 -8.45
C PRO C 58 -16.90 -13.49 -8.18
N ASP C 59 -17.38 -14.21 -9.20
CA ASP C 59 -18.58 -15.04 -9.14
C ASP C 59 -19.83 -14.30 -8.69
N MET A 1 -7.76 -4.05 9.82
CA MET A 1 -6.51 -4.40 9.10
C MET A 1 -6.73 -5.61 8.21
N LEU A 2 -6.23 -5.53 6.97
CA LEU A 2 -6.23 -6.65 6.04
C LEU A 2 -4.76 -6.86 5.70
N ILE A 3 -4.28 -8.10 5.85
CA ILE A 3 -2.84 -8.37 5.81
C ILE A 3 -2.52 -9.38 4.73
N LEU A 4 -1.36 -9.18 4.11
CA LEU A 4 -0.88 -9.98 3.01
C LEU A 4 0.62 -10.20 3.19
N THR A 5 1.13 -11.27 2.58
CA THR A 5 2.52 -11.65 2.77
C THR A 5 3.19 -11.81 1.41
N ARG A 6 4.41 -11.31 1.29
CA ARG A 6 5.17 -11.24 0.05
C ARG A 6 6.63 -11.53 0.34
N LYS A 7 7.46 -11.49 -0.70
CA LYS A 7 8.91 -11.56 -0.59
C LYS A 7 9.48 -10.56 -1.58
N VAL A 8 10.71 -10.09 -1.34
CA VAL A 8 11.26 -9.04 -2.17
C VAL A 8 11.15 -9.38 -3.66
N GLY A 9 10.50 -8.48 -4.40
CA GLY A 9 10.28 -8.64 -5.83
C GLY A 9 8.82 -8.94 -6.18
N GLU A 10 7.91 -8.93 -5.21
CA GLU A 10 6.49 -9.22 -5.43
C GLU A 10 5.63 -7.98 -5.19
N SER A 11 4.32 -8.09 -5.43
CA SER A 11 3.43 -6.93 -5.40
C SER A 11 2.08 -7.25 -4.76
N ILE A 12 1.30 -6.18 -4.52
CA ILE A 12 0.00 -6.18 -3.88
C ILE A 12 -0.88 -5.16 -4.61
N ASN A 13 -2.20 -5.24 -4.48
CA ASN A 13 -3.10 -4.36 -5.22
C ASN A 13 -4.17 -3.73 -4.31
N ILE A 14 -4.61 -2.54 -4.70
CA ILE A 14 -5.64 -1.78 -4.00
C ILE A 14 -6.55 -1.10 -5.03
N GLY A 15 -7.87 -1.18 -4.81
CA GLY A 15 -8.84 -0.62 -5.72
C GLY A 15 -8.59 -1.11 -7.15
N ASP A 16 -8.81 -0.23 -8.12
CA ASP A 16 -8.56 -0.51 -9.53
C ASP A 16 -7.64 0.53 -10.14
N ASP A 17 -6.95 1.31 -9.28
CA ASP A 17 -6.06 2.39 -9.70
C ASP A 17 -4.76 2.39 -8.91
N ILE A 18 -4.54 1.44 -7.98
CA ILE A 18 -3.31 1.45 -7.18
C ILE A 18 -2.70 0.07 -7.09
N THR A 19 -1.37 0.03 -7.05
CA THR A 19 -0.58 -1.18 -6.87
C THR A 19 0.61 -0.86 -5.95
N ILE A 20 1.13 -1.87 -5.28
CA ILE A 20 2.24 -1.75 -4.34
C ILE A 20 3.26 -2.82 -4.64
N THR A 21 4.55 -2.56 -4.39
CA THR A 21 5.60 -3.52 -4.71
C THR A 21 6.71 -3.46 -3.66
N ILE A 22 7.12 -4.62 -3.15
CA ILE A 22 8.21 -4.73 -2.18
C ILE A 22 9.52 -4.87 -2.95
N LEU A 23 10.20 -3.73 -3.20
CA LEU A 23 11.40 -3.73 -4.02
C LEU A 23 12.56 -4.43 -3.32
N GLY A 24 12.56 -4.46 -1.99
CA GLY A 24 13.60 -5.13 -1.22
C GLY A 24 13.68 -4.66 0.22
N VAL A 25 14.70 -5.11 0.96
CA VAL A 25 14.93 -4.69 2.34
C VAL A 25 16.38 -4.22 2.54
N SER A 26 16.66 -3.62 3.70
CA SER A 26 17.96 -3.07 4.04
C SER A 26 18.30 -3.31 5.50
N GLY A 27 18.16 -4.57 5.94
CA GLY A 27 18.36 -4.97 7.33
C GLY A 27 16.99 -5.22 7.97
N GLN A 28 16.53 -4.28 8.79
CA GLN A 28 15.18 -4.33 9.33
C GLN A 28 14.37 -3.17 8.76
N GLN A 29 15.02 -2.38 7.90
CA GLN A 29 14.33 -1.43 7.07
C GLN A 29 13.79 -2.18 5.85
N VAL A 30 12.82 -1.59 5.17
CA VAL A 30 12.18 -2.19 4.02
C VAL A 30 11.96 -1.09 2.99
N ARG A 31 11.99 -1.43 1.70
CA ARG A 31 11.84 -0.46 0.63
C ARG A 31 10.74 -0.92 -0.30
N ILE A 32 9.75 -0.05 -0.48
CA ILE A 32 8.50 -0.38 -1.14
C ILE A 32 8.12 0.75 -2.08
N GLY A 33 7.52 0.38 -3.22
CA GLY A 33 7.10 1.33 -4.22
C GLY A 33 5.58 1.35 -4.31
N ILE A 34 5.06 2.41 -4.93
CA ILE A 34 3.64 2.65 -5.05
C ILE A 34 3.39 3.06 -6.50
N ASN A 35 2.24 2.70 -7.03
CA ASN A 35 1.92 2.91 -8.43
C ASN A 35 0.48 3.36 -8.53
N ALA A 36 0.27 4.66 -8.54
CA ALA A 36 -1.06 5.27 -8.56
C ALA A 36 -1.08 6.50 -9.45
N PRO A 37 -2.27 6.87 -9.94
CA PRO A 37 -2.50 8.11 -10.67
C PRO A 37 -2.40 9.32 -9.76
N LYS A 38 -2.15 10.49 -10.36
CA LYS A 38 -2.16 11.75 -9.64
C LYS A 38 -3.57 12.10 -9.19
N ASP A 39 -4.55 11.29 -9.59
CA ASP A 39 -5.93 11.38 -9.12
C ASP A 39 -6.02 11.02 -7.63
N VAL A 40 -4.92 10.51 -7.06
CA VAL A 40 -4.84 10.15 -5.66
C VAL A 40 -3.47 10.57 -5.12
N ALA A 41 -3.36 10.67 -3.79
CA ALA A 41 -2.14 11.15 -3.16
C ALA A 41 -1.52 10.04 -2.32
N VAL A 42 -0.18 10.07 -2.19
CA VAL A 42 0.54 9.09 -1.39
C VAL A 42 1.73 9.75 -0.72
N HIS A 43 1.87 9.61 0.60
CA HIS A 43 3.01 10.18 1.32
C HIS A 43 3.28 9.44 2.62
N ARG A 44 4.48 9.68 3.18
CA ARG A 44 4.81 9.21 4.52
C ARG A 44 3.95 10.00 5.51
N GLU A 45 3.70 9.44 6.69
CA GLU A 45 2.85 10.12 7.68
C GLU A 45 3.37 11.52 7.98
N GLU A 46 4.69 11.70 7.90
CA GLU A 46 5.32 12.98 8.20
C GLU A 46 4.99 14.06 7.16
N ILE A 47 4.73 13.66 5.90
CA ILE A 47 4.36 14.60 4.86
C ILE A 47 2.84 14.71 4.86
N TYR A 48 2.17 13.59 5.14
CA TYR A 48 0.72 13.48 5.09
C TYR A 48 0.05 14.49 6.02
N GLN A 49 0.68 14.81 7.15
CA GLN A 49 0.11 15.74 8.11
C GLN A 49 0.05 17.16 7.56
N ARG A 50 0.80 17.46 6.50
CA ARG A 50 0.72 18.78 5.86
C ARG A 50 -0.41 18.76 4.85
N ILE A 51 -0.81 17.58 4.39
CA ILE A 51 -1.87 17.43 3.40
C ILE A 51 -3.22 17.72 4.06
N GLN A 52 -3.42 17.13 5.24
CA GLN A 52 -4.66 17.25 5.98
C GLN A 52 -4.72 18.56 6.78
N ALA A 53 -3.69 19.40 6.66
CA ALA A 53 -3.61 20.66 7.37
C ALA A 53 -4.68 21.64 6.90
N GLY A 54 -5.29 21.41 5.73
CA GLY A 54 -6.36 22.26 5.24
C GLY A 54 -6.28 22.51 3.74
N LEU A 55 -5.82 21.53 2.96
CA LEU A 55 -5.51 21.80 1.56
C LEU A 55 -5.63 20.59 0.63
N THR A 56 -6.41 19.57 0.99
CA THR A 56 -6.71 18.52 0.03
C THR A 56 -7.58 19.06 -1.10
N ALA A 57 -8.04 20.31 -0.93
CA ALA A 57 -8.81 21.07 -1.90
C ALA A 57 -8.51 22.55 -1.67
N PRO A 58 -7.32 23.01 -2.12
CA PRO A 58 -6.81 24.36 -1.91
C PRO A 58 -7.77 25.48 -2.30
N ASP A 59 -7.39 26.71 -1.94
CA ASP A 59 -8.17 27.91 -2.19
C ASP A 59 -8.34 28.20 -3.67
N MET C 1 6.26 5.16 -10.56
CA MET C 1 6.45 4.60 -9.22
C MET C 1 6.83 5.69 -8.23
N LEU C 2 6.24 5.67 -7.03
CA LEU C 2 6.59 6.55 -5.93
C LEU C 2 7.07 5.64 -4.82
N ILE C 3 8.27 5.91 -4.28
CA ILE C 3 8.94 4.94 -3.42
C ILE C 3 9.32 5.56 -2.08
N LEU C 4 9.36 4.70 -1.06
CA LEU C 4 9.70 5.08 0.29
C LEU C 4 10.50 3.95 0.94
N THR C 5 11.27 4.30 1.98
CA THR C 5 12.01 3.32 2.76
C THR C 5 11.59 3.50 4.21
N ARG C 6 11.27 2.40 4.89
CA ARG C 6 10.71 2.42 6.23
C ARG C 6 11.32 1.30 7.07
N LYS C 7 10.80 1.10 8.28
CA LYS C 7 11.22 -0.02 9.12
C LYS C 7 10.02 -0.73 9.68
N VAL C 8 10.23 -1.97 10.14
CA VAL C 8 9.13 -2.75 10.70
C VAL C 8 8.43 -1.99 11.82
N GLY C 9 7.17 -1.66 11.57
CA GLY C 9 6.32 -0.94 12.51
C GLY C 9 5.83 0.40 11.97
N GLU C 10 6.49 0.95 10.94
CA GLU C 10 6.07 2.23 10.37
C GLU C 10 4.80 2.08 9.54
N SER C 11 4.21 3.23 9.17
CA SER C 11 2.98 3.27 8.38
C SER C 11 3.09 4.37 7.31
N ILE C 12 2.17 4.33 6.33
CA ILE C 12 2.14 5.21 5.18
C ILE C 12 0.68 5.49 4.81
N ASN C 13 0.41 6.55 4.03
CA ASN C 13 -0.95 6.95 3.73
C ASN C 13 -1.19 7.01 2.22
N ILE C 14 -2.44 6.73 1.82
CA ILE C 14 -2.90 6.74 0.44
C ILE C 14 -4.31 7.32 0.40
N GLY C 15 -4.55 8.24 -0.52
CA GLY C 15 -5.84 8.89 -0.64
C GLY C 15 -6.27 9.50 0.69
N ASP C 16 -7.57 9.47 0.96
CA ASP C 16 -8.14 9.95 2.21
C ASP C 16 -8.96 8.85 2.88
N ASP C 17 -8.79 7.59 2.45
CA ASP C 17 -9.52 6.45 2.99
C ASP C 17 -8.62 5.24 3.24
N ILE C 18 -7.30 5.33 2.97
CA ILE C 18 -6.43 4.17 3.13
C ILE C 18 -5.15 4.52 3.88
N THR C 19 -4.64 3.55 4.62
CA THR C 19 -3.37 3.60 5.32
C THR C 19 -2.69 2.24 5.15
N ILE C 20 -1.36 2.22 5.21
CA ILE C 20 -0.56 1.04 4.97
C ILE C 20 0.44 0.89 6.10
N THR C 21 0.83 -0.34 6.42
CA THR C 21 1.76 -0.59 7.52
C THR C 21 2.65 -1.78 7.19
N ILE C 22 3.91 -1.71 7.62
CA ILE C 22 4.86 -2.80 7.50
C ILE C 22 4.90 -3.51 8.86
N LEU C 23 4.09 -4.56 9.03
CA LEU C 23 3.95 -5.20 10.33
C LEU C 23 5.27 -5.86 10.74
N GLY C 24 6.05 -6.32 9.75
CA GLY C 24 7.38 -6.86 10.01
C GLY C 24 7.85 -7.76 8.88
N VAL C 25 8.95 -8.48 9.10
CA VAL C 25 9.47 -9.43 8.13
C VAL C 25 9.63 -10.81 8.78
N SER C 26 9.90 -11.82 7.96
CA SER C 26 9.99 -13.22 8.38
C SER C 26 11.03 -13.94 7.54
N GLY C 27 12.21 -13.32 7.43
CA GLY C 27 13.22 -13.76 6.48
C GLY C 27 13.23 -12.76 5.34
N GLN C 28 13.45 -13.20 4.11
CA GLN C 28 13.38 -12.29 2.98
C GLN C 28 11.94 -12.04 2.55
N GLN C 29 11.00 -12.78 3.15
CA GLN C 29 9.58 -12.50 3.00
C GLN C 29 9.19 -11.39 3.97
N VAL C 30 8.06 -10.74 3.71
CA VAL C 30 7.64 -9.55 4.43
C VAL C 30 6.13 -9.61 4.68
N ARG C 31 5.68 -9.01 5.79
CA ARG C 31 4.26 -8.94 6.12
C ARG C 31 3.84 -7.48 6.18
N ILE C 32 2.81 -7.17 5.40
CA ILE C 32 2.34 -5.82 5.19
C ILE C 32 0.84 -5.80 5.45
N GLY C 33 0.36 -4.73 6.10
CA GLY C 33 -1.03 -4.60 6.45
C GLY C 33 -1.63 -3.40 5.75
N ILE C 34 -2.96 -3.41 5.63
CA ILE C 34 -3.70 -2.38 4.93
C ILE C 34 -4.88 -2.01 5.82
N ASN C 35 -5.28 -0.75 5.75
CA ASN C 35 -6.34 -0.22 6.60
C ASN C 35 -7.23 0.68 5.75
N ALA C 36 -8.28 0.07 5.19
CA ALA C 36 -9.21 0.73 4.28
C ALA C 36 -10.62 0.25 4.57
N PRO C 37 -11.63 1.03 4.15
CA PRO C 37 -13.01 0.62 4.18
C PRO C 37 -13.24 -0.49 3.16
N LYS C 38 -14.27 -1.29 3.38
CA LYS C 38 -14.64 -2.35 2.44
C LYS C 38 -15.28 -1.73 1.20
N ASP C 39 -15.38 -0.40 1.22
CA ASP C 39 -15.78 0.43 0.09
C ASP C 39 -14.72 0.36 -1.02
N VAL C 40 -13.57 -0.26 -0.74
CA VAL C 40 -12.51 -0.46 -1.70
C VAL C 40 -11.98 -1.88 -1.56
N ALA C 41 -11.29 -2.37 -2.59
CA ALA C 41 -10.81 -3.74 -2.60
C ALA C 41 -9.31 -3.78 -2.31
N VAL C 42 -8.86 -4.80 -1.58
CA VAL C 42 -7.44 -4.98 -1.32
C VAL C 42 -7.11 -6.47 -1.32
N HIS C 43 -6.16 -6.88 -2.18
CA HIS C 43 -5.77 -8.29 -2.27
C HIS C 43 -4.36 -8.40 -2.84
N ARG C 44 -3.76 -9.58 -2.76
CA ARG C 44 -2.49 -9.84 -3.42
C ARG C 44 -2.76 -10.21 -4.87
N GLU C 45 -1.73 -10.16 -5.72
CA GLU C 45 -1.87 -10.41 -7.15
C GLU C 45 -2.67 -11.68 -7.45
N GLU C 46 -2.44 -12.73 -6.67
CA GLU C 46 -3.08 -14.01 -6.92
C GLU C 46 -4.60 -13.91 -6.88
N ILE C 47 -5.17 -13.17 -5.91
CA ILE C 47 -6.61 -13.03 -5.80
C ILE C 47 -7.08 -11.95 -6.79
N TYR C 48 -6.26 -10.91 -6.96
CA TYR C 48 -6.60 -9.76 -7.78
C TYR C 48 -6.88 -10.17 -9.23
N GLN C 49 -6.16 -11.18 -9.72
CA GLN C 49 -6.31 -11.62 -11.10
C GLN C 49 -7.66 -12.24 -11.40
N ARG C 50 -8.42 -12.66 -10.36
CA ARG C 50 -9.75 -13.20 -10.58
C ARG C 50 -10.78 -12.08 -10.61
N ILE C 51 -10.43 -10.93 -10.02
CA ILE C 51 -11.30 -9.77 -9.97
C ILE C 51 -11.30 -9.07 -11.32
N GLN C 52 -10.12 -8.97 -11.94
CA GLN C 52 -9.96 -8.33 -13.23
C GLN C 52 -10.33 -9.30 -14.36
N ALA C 53 -10.73 -10.52 -14.01
CA ALA C 53 -11.08 -11.55 -14.99
C ALA C 53 -12.34 -11.18 -15.78
N GLY C 54 -13.14 -10.22 -15.30
CA GLY C 54 -14.33 -9.78 -16.00
C GLY C 54 -15.47 -9.41 -15.08
N LEU C 55 -15.18 -8.92 -13.87
CA LEU C 55 -16.23 -8.76 -12.85
C LEU C 55 -15.94 -7.69 -11.81
N THR C 56 -15.22 -6.62 -12.16
CA THR C 56 -15.06 -5.52 -11.22
C THR C 56 -16.40 -4.80 -10.96
N ALA C 57 -17.46 -5.26 -11.64
CA ALA C 57 -18.81 -4.74 -11.47
C ALA C 57 -19.81 -5.89 -11.68
N PRO C 58 -19.89 -6.81 -10.71
CA PRO C 58 -20.70 -8.02 -10.77
C PRO C 58 -22.17 -7.79 -11.12
N ASP C 59 -22.89 -8.90 -11.30
CA ASP C 59 -24.31 -8.92 -11.64
C ASP C 59 -25.17 -8.28 -10.54
N MET A 1 -7.96 -4.08 9.93
CA MET A 1 -6.70 -4.39 9.23
C MET A 1 -6.88 -5.59 8.32
N LEU A 2 -6.28 -5.54 7.13
CA LEU A 2 -6.23 -6.66 6.20
C LEU A 2 -4.74 -6.88 5.93
N ILE A 3 -4.26 -8.11 6.07
CA ILE A 3 -2.83 -8.37 6.12
C ILE A 3 -2.40 -9.41 5.09
N LEU A 4 -1.15 -9.29 4.66
CA LEU A 4 -0.55 -10.12 3.65
C LEU A 4 0.92 -10.34 3.99
N THR A 5 1.50 -11.43 3.47
CA THR A 5 2.91 -11.74 3.67
C THR A 5 3.49 -12.12 2.32
N ARG A 6 4.59 -11.45 1.95
CA ARG A 6 5.22 -11.59 0.65
C ARG A 6 6.73 -11.55 0.82
N LYS A 7 7.48 -11.44 -0.28
CA LYS A 7 8.93 -11.34 -0.21
C LYS A 7 9.44 -10.22 -1.09
N VAL A 8 10.71 -9.86 -0.94
CA VAL A 8 11.26 -8.77 -1.71
C VAL A 8 11.13 -9.04 -3.21
N GLY A 9 10.54 -8.06 -3.91
CA GLY A 9 10.31 -8.12 -5.35
C GLY A 9 8.85 -8.41 -5.70
N GLU A 10 8.04 -8.84 -4.73
CA GLU A 10 6.64 -9.15 -4.98
C GLU A 10 5.76 -7.89 -4.88
N SER A 11 4.46 -8.04 -5.16
CA SER A 11 3.53 -6.92 -5.21
C SER A 11 2.17 -7.24 -4.58
N ILE A 12 1.39 -6.19 -4.35
CA ILE A 12 0.07 -6.20 -3.71
C ILE A 12 -0.80 -5.16 -4.41
N ASN A 13 -2.12 -5.18 -4.21
CA ASN A 13 -3.01 -4.31 -4.96
C ASN A 13 -4.09 -3.67 -4.10
N ILE A 14 -4.58 -2.50 -4.55
CA ILE A 14 -5.62 -1.72 -3.88
C ILE A 14 -6.52 -1.09 -4.94
N GLY A 15 -7.83 -1.13 -4.71
CA GLY A 15 -8.81 -0.58 -5.63
C GLY A 15 -8.61 -1.16 -7.03
N ASP A 16 -8.86 -0.34 -8.05
CA ASP A 16 -8.66 -0.70 -9.44
C ASP A 16 -7.72 0.31 -10.13
N ASP A 17 -7.01 1.11 -9.34
CA ASP A 17 -6.10 2.13 -9.83
C ASP A 17 -4.77 2.14 -9.07
N ILE A 18 -4.57 1.24 -8.09
CA ILE A 18 -3.35 1.27 -7.30
C ILE A 18 -2.74 -0.12 -7.16
N THR A 19 -1.41 -0.15 -7.10
CA THR A 19 -0.61 -1.34 -6.86
C THR A 19 0.52 -0.95 -5.91
N ILE A 20 1.05 -1.92 -5.17
CA ILE A 20 2.07 -1.71 -4.15
C ILE A 20 3.16 -2.74 -4.35
N THR A 21 4.40 -2.40 -4.01
CA THR A 21 5.53 -3.30 -4.21
C THR A 21 6.51 -3.18 -3.05
N ILE A 22 7.17 -4.30 -2.74
CA ILE A 22 8.18 -4.38 -1.70
C ILE A 22 9.53 -4.50 -2.43
N LEU A 23 10.14 -3.36 -2.75
CA LEU A 23 11.33 -3.35 -3.60
C LEU A 23 12.49 -4.09 -2.91
N GLY A 24 12.49 -4.11 -1.57
CA GLY A 24 13.47 -4.89 -0.81
C GLY A 24 13.58 -4.43 0.62
N VAL A 25 14.60 -4.90 1.34
CA VAL A 25 14.86 -4.44 2.71
C VAL A 25 16.32 -4.02 2.84
N SER A 26 16.60 -3.31 3.93
CA SER A 26 17.93 -2.77 4.23
C SER A 26 18.15 -2.81 5.73
N GLY A 27 17.89 -3.98 6.33
CA GLY A 27 17.86 -4.13 7.77
C GLY A 27 16.41 -4.34 8.18
N GLN A 28 16.00 -3.68 9.25
CA GLN A 28 14.60 -3.63 9.63
C GLN A 28 13.95 -2.52 8.81
N GLN A 29 14.78 -1.77 8.09
CA GLN A 29 14.35 -0.79 7.12
C GLN A 29 13.83 -1.53 5.90
N VAL A 30 12.87 -0.94 5.19
CA VAL A 30 12.20 -1.61 4.08
C VAL A 30 11.96 -0.62 2.94
N ARG A 31 12.38 -1.00 1.73
CA ARG A 31 12.17 -0.23 0.51
C ARG A 31 10.81 -0.60 -0.04
N ILE A 32 9.91 0.39 -0.15
CA ILE A 32 8.55 0.15 -0.57
C ILE A 32 8.19 1.12 -1.70
N GLY A 33 7.47 0.61 -2.69
CA GLY A 33 7.06 1.40 -3.84
C GLY A 33 5.56 1.36 -4.01
N ILE A 34 5.03 2.36 -4.70
CA ILE A 34 3.61 2.55 -4.91
C ILE A 34 3.41 2.88 -6.38
N ASN A 35 2.28 2.44 -6.93
CA ASN A 35 2.00 2.59 -8.34
C ASN A 35 0.54 3.00 -8.52
N ALA A 36 0.33 4.32 -8.58
CA ALA A 36 -0.99 4.91 -8.71
C ALA A 36 -0.93 6.13 -9.61
N PRO A 37 -2.06 6.53 -10.21
CA PRO A 37 -2.17 7.77 -10.92
C PRO A 37 -2.05 8.92 -9.93
N LYS A 38 -1.60 10.08 -10.42
CA LYS A 38 -1.50 11.29 -9.61
C LYS A 38 -2.91 11.77 -9.26
N ASP A 39 -3.90 11.02 -9.76
CA ASP A 39 -5.30 11.16 -9.43
C ASP A 39 -5.57 10.87 -7.95
N VAL A 40 -4.57 10.31 -7.26
CA VAL A 40 -4.65 9.98 -5.84
C VAL A 40 -3.37 10.42 -5.15
N ALA A 41 -3.42 10.58 -3.83
CA ALA A 41 -2.29 11.04 -3.05
C ALA A 41 -1.62 9.86 -2.34
N VAL A 42 -0.28 9.85 -2.31
CA VAL A 42 0.46 8.81 -1.60
C VAL A 42 1.70 9.42 -0.96
N HIS A 43 1.83 9.27 0.37
CA HIS A 43 2.94 9.86 1.11
C HIS A 43 3.17 9.12 2.43
N ARG A 44 4.32 9.36 3.06
CA ARG A 44 4.57 8.88 4.40
C ARG A 44 3.82 9.76 5.38
N GLU A 45 3.64 9.29 6.62
CA GLU A 45 2.86 10.01 7.63
C GLU A 45 3.33 11.45 7.81
N GLU A 46 4.63 11.68 7.69
CA GLU A 46 5.20 13.00 7.91
C GLU A 46 4.65 14.02 6.92
N ILE A 47 4.54 13.67 5.64
CA ILE A 47 4.01 14.59 4.63
C ILE A 47 2.49 14.60 4.73
N TYR A 48 1.90 13.45 5.04
CA TYR A 48 0.46 13.29 5.07
C TYR A 48 -0.22 14.24 6.06
N GLN A 49 0.46 14.57 7.16
CA GLN A 49 -0.10 15.41 8.20
C GLN A 49 -0.28 16.86 7.74
N ARG A 50 0.42 17.28 6.67
CA ARG A 50 0.25 18.63 6.13
C ARG A 50 -0.93 18.65 5.16
N ILE A 51 -1.29 17.49 4.63
CA ILE A 51 -2.39 17.37 3.68
C ILE A 51 -3.72 17.41 4.43
N GLN A 52 -3.79 16.72 5.58
CA GLN A 52 -4.99 16.69 6.40
C GLN A 52 -5.09 17.93 7.29
N ALA A 53 -4.12 18.84 7.17
CA ALA A 53 -4.05 20.04 8.00
C ALA A 53 -5.25 20.97 7.77
N GLY A 54 -6.00 20.79 6.69
CA GLY A 54 -7.19 21.60 6.42
C GLY A 54 -7.39 21.90 4.94
N LEU A 55 -6.97 21.01 4.04
CA LEU A 55 -6.97 21.32 2.62
C LEU A 55 -7.18 20.10 1.73
N THR A 56 -6.53 18.98 2.06
CA THR A 56 -6.53 17.76 1.25
C THR A 56 -6.46 18.03 -0.25
N ALA A 57 -5.71 19.06 -0.66
CA ALA A 57 -5.54 19.42 -2.06
C ALA A 57 -4.18 20.07 -2.29
N PRO A 58 -3.08 19.32 -2.11
CA PRO A 58 -1.72 19.81 -2.32
C PRO A 58 -1.51 20.50 -3.66
N ASP A 59 -0.57 21.46 -3.68
CA ASP A 59 -0.17 22.21 -4.86
C ASP A 59 -1.33 22.48 -5.82
N MET C 1 6.14 4.96 -10.49
CA MET C 1 6.44 4.48 -9.12
C MET C 1 6.72 5.66 -8.20
N LEU C 2 6.14 5.63 -7.00
CA LEU C 2 6.42 6.59 -5.95
C LEU C 2 6.92 5.76 -4.77
N ILE C 3 8.07 6.12 -4.22
CA ILE C 3 8.78 5.25 -3.30
C ILE C 3 9.00 5.91 -1.94
N LEU C 4 9.01 5.06 -0.92
CA LEU C 4 9.19 5.44 0.47
C LEU C 4 10.00 4.35 1.16
N THR C 5 10.67 4.72 2.26
CA THR C 5 11.53 3.79 2.97
C THR C 5 11.28 3.97 4.46
N ARG C 6 10.77 2.91 5.10
CA ARG C 6 10.40 2.92 6.51
C ARG C 6 10.73 1.57 7.13
N LYS C 7 10.62 1.46 8.45
CA LYS C 7 11.03 0.25 9.15
C LYS C 7 9.86 -0.45 9.83
N VAL C 8 10.11 -1.65 10.36
CA VAL C 8 9.03 -2.43 10.94
C VAL C 8 8.37 -1.66 12.07
N GLY C 9 7.04 -1.56 11.99
CA GLY C 9 6.21 -0.86 12.96
C GLY C 9 5.77 0.52 12.45
N GLU C 10 6.39 1.02 11.38
CA GLU C 10 6.04 2.31 10.81
C GLU C 10 4.86 2.17 9.85
N SER C 11 4.36 3.30 9.29
CA SER C 11 3.18 3.29 8.44
C SER C 11 3.30 4.25 7.25
N ILE C 12 2.37 4.16 6.31
CA ILE C 12 2.33 4.94 5.09
C ILE C 12 0.87 5.22 4.73
N ASN C 13 0.59 6.17 3.84
CA ASN C 13 -0.79 6.58 3.59
C ASN C 13 -1.12 6.68 2.09
N ILE C 14 -2.40 6.50 1.77
CA ILE C 14 -2.92 6.56 0.41
C ILE C 14 -4.32 7.20 0.43
N GLY C 15 -4.56 8.11 -0.52
CA GLY C 15 -5.85 8.78 -0.64
C GLY C 15 -6.23 9.43 0.70
N ASP C 16 -7.54 9.43 0.99
CA ASP C 16 -8.07 9.96 2.25
C ASP C 16 -8.91 8.90 2.96
N ASP C 17 -8.77 7.63 2.55
CA ASP C 17 -9.51 6.52 3.12
C ASP C 17 -8.63 5.29 3.36
N ILE C 18 -7.32 5.36 3.07
CA ILE C 18 -6.47 4.19 3.21
C ILE C 18 -5.17 4.53 3.96
N THR C 19 -4.66 3.54 4.69
CA THR C 19 -3.38 3.59 5.39
C THR C 19 -2.73 2.22 5.25
N ILE C 20 -1.40 2.17 5.37
CA ILE C 20 -0.60 0.98 5.16
C ILE C 20 0.38 0.87 6.33
N THR C 21 0.76 -0.36 6.70
CA THR C 21 1.66 -0.58 7.82
C THR C 21 2.60 -1.75 7.50
N ILE C 22 3.83 -1.68 8.01
CA ILE C 22 4.85 -2.69 7.85
C ILE C 22 5.00 -3.41 9.19
N LEU C 23 4.16 -4.43 9.42
CA LEU C 23 4.08 -5.07 10.73
C LEU C 23 5.38 -5.76 11.11
N GLY C 24 6.21 -6.15 10.12
CA GLY C 24 7.51 -6.73 10.39
C GLY C 24 8.06 -7.52 9.20
N VAL C 25 9.14 -8.28 9.42
CA VAL C 25 9.70 -9.15 8.40
C VAL C 25 9.94 -10.54 8.97
N SER C 26 10.27 -11.50 8.09
CA SER C 26 10.44 -12.90 8.47
C SER C 26 11.58 -13.53 7.67
N GLY C 27 12.73 -12.86 7.65
CA GLY C 27 13.88 -13.30 6.87
C GLY C 27 14.00 -12.38 5.66
N GLN C 28 13.57 -12.86 4.49
CA GLN C 28 13.49 -12.03 3.30
C GLN C 28 12.04 -11.89 2.86
N GLN C 29 11.14 -12.52 3.62
CA GLN C 29 9.72 -12.25 3.51
C GLN C 29 9.42 -11.00 4.33
N VAL C 30 8.26 -10.39 4.09
CA VAL C 30 7.86 -9.16 4.74
C VAL C 30 6.37 -9.28 5.06
N ARG C 31 5.94 -8.64 6.15
CA ARG C 31 4.56 -8.72 6.63
C ARG C 31 3.99 -7.31 6.64
N ILE C 32 2.89 -7.14 5.93
CA ILE C 32 2.34 -5.82 5.64
C ILE C 32 0.84 -5.84 5.93
N GLY C 33 0.34 -4.75 6.49
CA GLY C 33 -1.07 -4.61 6.81
C GLY C 33 -1.65 -3.44 6.04
N ILE C 34 -2.98 -3.44 5.90
CA ILE C 34 -3.71 -2.44 5.15
C ILE C 34 -4.90 -2.03 5.99
N ASN C 35 -5.29 -0.76 5.87
CA ASN C 35 -6.33 -0.19 6.70
C ASN C 35 -7.22 0.69 5.83
N ALA C 36 -8.27 0.08 5.30
CA ALA C 36 -9.21 0.74 4.41
C ALA C 36 -10.62 0.25 4.71
N PRO C 37 -11.64 1.04 4.35
CA PRO C 37 -13.02 0.61 4.37
C PRO C 37 -13.22 -0.49 3.34
N LYS C 38 -14.22 -1.34 3.55
CA LYS C 38 -14.58 -2.37 2.59
C LYS C 38 -15.20 -1.73 1.35
N ASP C 39 -15.29 -0.40 1.41
CA ASP C 39 -15.67 0.47 0.31
C ASP C 39 -14.65 0.37 -0.83
N VAL C 40 -13.51 -0.25 -0.57
CA VAL C 40 -12.45 -0.46 -1.54
C VAL C 40 -11.94 -1.89 -1.44
N ALA C 41 -11.28 -2.37 -2.49
CA ALA C 41 -10.78 -3.73 -2.53
C ALA C 41 -9.28 -3.77 -2.26
N VAL C 42 -8.81 -4.79 -1.55
CA VAL C 42 -7.38 -4.97 -1.31
C VAL C 42 -7.05 -6.46 -1.31
N HIS C 43 -6.06 -6.86 -2.12
CA HIS C 43 -5.66 -8.26 -2.22
C HIS C 43 -4.22 -8.36 -2.72
N ARG C 44 -3.61 -9.54 -2.58
CA ARG C 44 -2.33 -9.80 -3.22
C ARG C 44 -2.57 -10.11 -4.69
N GLU C 45 -1.52 -9.97 -5.52
CA GLU C 45 -1.62 -10.18 -6.95
C GLU C 45 -2.34 -11.48 -7.33
N GLU C 46 -2.16 -12.54 -6.53
CA GLU C 46 -2.76 -13.83 -6.85
C GLU C 46 -4.27 -13.75 -6.91
N ILE C 47 -4.88 -13.06 -5.95
CA ILE C 47 -6.34 -12.91 -5.89
C ILE C 47 -6.77 -11.79 -6.83
N TYR C 48 -5.97 -10.73 -6.92
CA TYR C 48 -6.30 -9.57 -7.71
C TYR C 48 -6.49 -9.91 -9.18
N GLN C 49 -5.74 -10.90 -9.67
CA GLN C 49 -5.77 -11.30 -11.06
C GLN C 49 -7.09 -11.97 -11.43
N ARG C 50 -7.87 -12.46 -10.46
CA ARG C 50 -9.18 -13.04 -10.75
C ARG C 50 -10.23 -11.93 -10.83
N ILE C 51 -9.95 -10.79 -10.20
CA ILE C 51 -10.87 -9.67 -10.15
C ILE C 51 -10.81 -8.89 -11.45
N GLN C 52 -9.60 -8.70 -11.99
CA GLN C 52 -9.40 -8.00 -13.26
C GLN C 52 -9.64 -8.92 -14.45
N ALA C 53 -10.01 -10.18 -14.20
CA ALA C 53 -10.22 -11.16 -15.25
C ALA C 53 -11.35 -10.78 -16.22
N GLY C 54 -12.22 -9.83 -15.84
CA GLY C 54 -13.29 -9.38 -16.71
C GLY C 54 -14.57 -9.04 -15.96
N LEU C 55 -14.46 -8.57 -14.71
CA LEU C 55 -15.64 -8.39 -13.86
C LEU C 55 -15.49 -7.28 -12.83
N THR C 56 -14.32 -7.18 -12.19
CA THR C 56 -14.07 -6.27 -11.07
C THR C 56 -15.24 -6.18 -10.09
N ALA C 57 -16.04 -7.25 -9.99
CA ALA C 57 -17.16 -7.34 -9.06
C ALA C 57 -17.44 -8.80 -8.74
N PRO C 58 -17.47 -9.19 -7.46
CA PRO C 58 -17.83 -10.52 -7.01
C PRO C 58 -19.16 -11.04 -7.57
N ASP C 59 -19.43 -12.31 -7.28
CA ASP C 59 -20.62 -13.02 -7.75
C ASP C 59 -21.92 -12.35 -7.29
N MET A 1 -8.03 -4.15 9.95
CA MET A 1 -6.77 -4.39 9.23
C MET A 1 -6.87 -5.64 8.37
N LEU A 2 -6.14 -5.66 7.25
CA LEU A 2 -6.06 -6.81 6.36
C LEU A 2 -4.58 -7.04 6.09
N ILE A 3 -4.06 -8.19 6.49
CA ILE A 3 -2.63 -8.47 6.46
C ILE A 3 -2.30 -9.44 5.34
N LEU A 4 -1.10 -9.27 4.79
CA LEU A 4 -0.54 -10.11 3.75
C LEU A 4 0.95 -10.29 4.03
N THR A 5 1.53 -11.37 3.51
CA THR A 5 2.93 -11.68 3.69
C THR A 5 3.55 -11.95 2.32
N ARG A 6 4.72 -11.35 2.08
CA ARG A 6 5.37 -11.39 0.77
C ARG A 6 6.88 -11.51 0.94
N LYS A 7 7.62 -11.44 -0.17
CA LYS A 7 9.07 -11.40 -0.13
C LYS A 7 9.56 -10.38 -1.15
N VAL A 8 10.78 -9.88 -0.96
CA VAL A 8 11.28 -8.80 -1.81
C VAL A 8 11.14 -9.12 -3.29
N GLY A 9 10.46 -8.23 -4.01
CA GLY A 9 10.21 -8.35 -5.43
C GLY A 9 8.73 -8.51 -5.78
N GLU A 10 7.90 -8.94 -4.81
CA GLU A 10 6.48 -9.13 -5.06
C GLU A 10 5.71 -7.80 -5.10
N SER A 11 4.43 -7.88 -5.46
CA SER A 11 3.54 -6.73 -5.56
C SER A 11 2.16 -7.08 -5.02
N ILE A 12 1.30 -6.07 -4.83
CA ILE A 12 -0.04 -6.18 -4.26
C ILE A 12 -0.93 -5.14 -4.92
N ASN A 13 -2.26 -5.32 -4.85
CA ASN A 13 -3.19 -4.44 -5.54
C ASN A 13 -4.17 -3.78 -4.56
N ILE A 14 -4.57 -2.55 -4.89
CA ILE A 14 -5.52 -1.76 -4.12
C ILE A 14 -6.44 -1.05 -5.10
N GLY A 15 -7.76 -1.11 -4.86
CA GLY A 15 -8.75 -0.52 -5.74
C GLY A 15 -8.55 -1.03 -7.17
N ASP A 16 -8.78 -0.16 -8.15
CA ASP A 16 -8.59 -0.47 -9.56
C ASP A 16 -7.65 0.56 -10.21
N ASP A 17 -6.93 1.32 -9.38
CA ASP A 17 -6.02 2.37 -9.85
C ASP A 17 -4.69 2.37 -9.10
N ILE A 18 -4.47 1.43 -8.17
CA ILE A 18 -3.23 1.43 -7.40
C ILE A 18 -2.62 0.03 -7.31
N THR A 19 -1.28 0.00 -7.24
CA THR A 19 -0.50 -1.21 -7.06
C THR A 19 0.67 -0.86 -6.13
N ILE A 20 1.17 -1.86 -5.40
CA ILE A 20 2.22 -1.70 -4.40
C ILE A 20 3.29 -2.74 -4.66
N THR A 21 4.54 -2.43 -4.34
CA THR A 21 5.66 -3.34 -4.59
C THR A 21 6.71 -3.22 -3.48
N ILE A 22 7.20 -4.36 -3.01
CA ILE A 22 8.30 -4.43 -2.05
C ILE A 22 9.60 -4.47 -2.86
N LEU A 23 10.24 -3.32 -3.04
CA LEU A 23 11.44 -3.26 -3.87
C LEU A 23 12.60 -3.98 -3.18
N GLY A 24 12.56 -4.04 -1.84
CA GLY A 24 13.54 -4.79 -1.06
C GLY A 24 13.64 -4.26 0.36
N VAL A 25 14.65 -4.70 1.10
CA VAL A 25 14.90 -4.20 2.45
C VAL A 25 16.34 -3.72 2.58
N SER A 26 16.66 -3.05 3.68
CA SER A 26 17.96 -2.44 3.90
C SER A 26 18.35 -2.57 5.37
N GLY A 27 18.25 -3.79 5.91
CA GLY A 27 18.41 -4.03 7.33
C GLY A 27 17.03 -4.32 7.90
N GLN A 28 16.66 -3.62 8.98
CA GLN A 28 15.32 -3.77 9.52
C GLN A 28 14.42 -2.69 8.93
N GLN A 29 15.03 -1.84 8.11
CA GLN A 29 14.33 -0.92 7.23
C GLN A 29 13.70 -1.73 6.10
N VAL A 30 12.74 -1.13 5.40
CA VAL A 30 12.08 -1.75 4.27
C VAL A 30 11.86 -0.67 3.22
N ARG A 31 11.94 -1.06 1.94
CA ARG A 31 11.84 -0.12 0.82
C ARG A 31 10.71 -0.56 -0.08
N ILE A 32 9.78 0.36 -0.31
CA ILE A 32 8.51 0.06 -0.95
C ILE A 32 8.21 1.08 -2.04
N GLY A 33 7.50 0.65 -3.07
CA GLY A 33 7.11 1.50 -4.19
C GLY A 33 5.60 1.48 -4.35
N ILE A 34 5.07 2.51 -5.00
CA ILE A 34 3.64 2.67 -5.20
C ILE A 34 3.42 3.09 -6.65
N ASN A 35 2.30 2.66 -7.22
CA ASN A 35 2.00 2.91 -8.62
C ASN A 35 0.54 3.34 -8.73
N ALA A 36 0.34 4.66 -8.71
CA ALA A 36 -0.99 5.25 -8.76
C ALA A 36 -0.99 6.51 -9.61
N PRO A 37 -2.15 6.89 -10.16
CA PRO A 37 -2.33 8.14 -10.85
C PRO A 37 -2.27 9.32 -9.88
N LYS A 38 -1.97 10.52 -10.41
CA LYS A 38 -2.03 11.74 -9.64
C LYS A 38 -3.47 12.03 -9.20
N ASP A 39 -4.40 11.17 -9.62
CA ASP A 39 -5.79 11.21 -9.22
C ASP A 39 -5.94 10.88 -7.73
N VAL A 40 -4.86 10.40 -7.11
CA VAL A 40 -4.84 10.03 -5.70
C VAL A 40 -3.52 10.49 -5.09
N ALA A 41 -3.48 10.60 -3.75
CA ALA A 41 -2.31 11.06 -3.05
C ALA A 41 -1.61 9.88 -2.38
N VAL A 42 -0.27 9.92 -2.30
CA VAL A 42 0.48 8.88 -1.61
C VAL A 42 1.69 9.51 -0.93
N HIS A 43 1.84 9.25 0.38
CA HIS A 43 2.96 9.77 1.14
C HIS A 43 3.21 8.89 2.36
N ARG A 44 4.34 9.09 3.04
CA ARG A 44 4.57 8.47 4.34
C ARG A 44 3.89 9.33 5.40
N GLU A 45 3.65 8.77 6.59
CA GLU A 45 2.99 9.47 7.68
C GLU A 45 3.59 10.85 7.92
N GLU A 46 4.91 11.01 7.74
CA GLU A 46 5.57 12.27 8.02
C GLU A 46 5.09 13.41 7.12
N ILE A 47 4.74 13.11 5.87
CA ILE A 47 4.20 14.12 4.96
C ILE A 47 2.68 14.13 5.11
N TYR A 48 2.09 12.95 5.29
CA TYR A 48 0.65 12.80 5.34
C TYR A 48 0.03 13.65 6.44
N GLN A 49 0.76 13.83 7.55
CA GLN A 49 0.29 14.59 8.68
C GLN A 49 0.13 16.08 8.34
N ARG A 50 0.74 16.54 7.24
CA ARG A 50 0.52 17.91 6.77
C ARG A 50 -0.71 17.93 5.87
N ILE A 51 -0.97 16.82 5.16
CA ILE A 51 -2.10 16.71 4.25
C ILE A 51 -3.40 16.90 5.02
N GLN A 52 -3.49 16.25 6.18
CA GLN A 52 -4.69 16.30 7.01
C GLN A 52 -4.74 17.55 7.89
N ALA A 53 -3.74 18.43 7.76
CA ALA A 53 -3.73 19.68 8.50
C ALA A 53 -4.58 20.74 7.79
N GLY A 54 -4.97 20.50 6.54
CA GLY A 54 -5.85 21.42 5.81
C GLY A 54 -5.52 21.51 4.32
N LEU A 55 -5.12 20.41 3.67
CA LEU A 55 -4.65 20.45 2.28
C LEU A 55 -5.49 19.58 1.35
N THR A 56 -6.39 18.77 1.88
CA THR A 56 -7.18 17.84 1.06
C THR A 56 -8.27 18.57 0.26
N ALA A 57 -8.36 19.90 0.40
CA ALA A 57 -9.37 20.69 -0.30
C ALA A 57 -8.82 22.10 -0.58
N PRO A 58 -7.91 22.22 -1.56
CA PRO A 58 -7.33 23.48 -2.00
C PRO A 58 -8.36 24.55 -2.37
N ASP A 59 -7.87 25.74 -2.70
CA ASP A 59 -8.68 26.89 -3.07
C ASP A 59 -9.50 26.63 -4.35
N MET C 1 6.02 5.39 -10.61
CA MET C 1 6.33 4.81 -9.29
C MET C 1 6.63 5.92 -8.28
N LEU C 2 6.25 5.72 -7.03
CA LEU C 2 6.59 6.63 -5.95
C LEU C 2 7.14 5.77 -4.81
N ILE C 3 8.43 5.94 -4.49
CA ILE C 3 9.12 5.10 -3.54
C ILE C 3 9.21 5.79 -2.18
N LEU C 4 9.16 4.99 -1.13
CA LEU C 4 9.23 5.42 0.26
C LEU C 4 9.98 4.37 1.06
N THR C 5 10.56 4.78 2.19
CA THR C 5 11.36 3.89 3.02
C THR C 5 10.87 3.98 4.46
N ARG C 6 10.83 2.82 5.11
CA ARG C 6 10.26 2.64 6.44
C ARG C 6 11.10 1.63 7.22
N LYS C 7 10.67 1.32 8.44
CA LYS C 7 11.21 0.20 9.21
C LYS C 7 10.08 -0.50 9.92
N VAL C 8 10.33 -1.69 10.45
CA VAL C 8 9.25 -2.44 11.09
C VAL C 8 8.60 -1.61 12.20
N GLY C 9 7.30 -1.37 12.02
CA GLY C 9 6.48 -0.62 12.96
C GLY C 9 6.01 0.73 12.39
N GLU C 10 6.64 1.20 11.31
CA GLU C 10 6.27 2.46 10.68
C GLU C 10 5.10 2.28 9.70
N SER C 11 4.61 3.37 9.10
CA SER C 11 3.42 3.33 8.26
C SER C 11 3.52 4.25 7.04
N ILE C 12 2.60 4.05 6.10
CA ILE C 12 2.48 4.76 4.83
C ILE C 12 1.00 5.07 4.59
N ASN C 13 0.67 6.02 3.71
CA ASN C 13 -0.72 6.41 3.49
C ASN C 13 -1.04 6.55 2.01
N ILE C 14 -2.31 6.31 1.66
CA ILE C 14 -2.81 6.40 0.29
C ILE C 14 -4.20 7.01 0.32
N GLY C 15 -4.49 7.89 -0.65
CA GLY C 15 -5.77 8.56 -0.74
C GLY C 15 -6.13 9.25 0.57
N ASP C 16 -7.41 9.24 0.91
CA ASP C 16 -7.92 9.81 2.15
C ASP C 16 -8.71 8.75 2.91
N ASP C 17 -8.55 7.48 2.53
CA ASP C 17 -9.31 6.37 3.08
C ASP C 17 -8.44 5.13 3.29
N ILE C 18 -7.13 5.18 3.01
CA ILE C 18 -6.29 3.99 3.13
C ILE C 18 -4.98 4.31 3.86
N THR C 19 -4.51 3.33 4.63
CA THR C 19 -3.23 3.40 5.34
C THR C 19 -2.58 2.02 5.27
N ILE C 20 -1.24 1.98 5.37
CA ILE C 20 -0.46 0.76 5.27
C ILE C 20 0.55 0.75 6.43
N THR C 21 0.90 -0.44 6.92
CA THR C 21 1.82 -0.55 8.05
C THR C 21 2.68 -1.80 7.92
N ILE C 22 4.01 -1.63 8.02
CA ILE C 22 4.96 -2.73 8.00
C ILE C 22 5.01 -3.32 9.42
N LEU C 23 4.32 -4.45 9.62
CA LEU C 23 4.20 -5.04 10.95
C LEU C 23 5.52 -5.70 11.36
N GLY C 24 6.32 -6.13 10.38
CA GLY C 24 7.64 -6.71 10.62
C GLY C 24 8.12 -7.59 9.48
N VAL C 25 9.25 -8.27 9.65
CA VAL C 25 9.78 -9.19 8.66
C VAL C 25 10.01 -10.58 9.26
N SER C 26 10.31 -11.56 8.41
CA SER C 26 10.52 -12.95 8.79
C SER C 26 11.62 -13.52 7.90
N GLY C 27 12.69 -12.76 7.73
CA GLY C 27 13.75 -13.05 6.79
C GLY C 27 13.64 -12.06 5.64
N GLN C 28 13.97 -12.49 4.42
CA GLN C 28 13.76 -11.63 3.25
C GLN C 28 12.28 -11.53 2.91
N GLN C 29 11.43 -12.33 3.57
CA GLN C 29 10.00 -12.18 3.47
C GLN C 29 9.56 -11.09 4.45
N VAL C 30 8.42 -10.46 4.19
CA VAL C 30 7.96 -9.28 4.90
C VAL C 30 6.46 -9.43 5.17
N ARG C 31 5.98 -8.84 6.28
CA ARG C 31 4.57 -8.92 6.64
C ARG C 31 4.04 -7.52 6.90
N ILE C 32 2.95 -7.18 6.20
CA ILE C 32 2.44 -5.83 6.12
C ILE C 32 0.92 -5.88 6.27
N GLY C 33 0.36 -4.82 6.86
CA GLY C 33 -1.07 -4.71 7.07
C GLY C 33 -1.63 -3.57 6.24
N ILE C 34 -2.94 -3.59 6.03
CA ILE C 34 -3.65 -2.64 5.21
C ILE C 34 -4.88 -2.21 5.99
N ASN C 35 -5.26 -0.94 5.84
CA ASN C 35 -6.34 -0.37 6.62
C ASN C 35 -7.19 0.50 5.71
N ALA C 36 -8.27 -0.10 5.19
CA ALA C 36 -9.17 0.58 4.27
C ALA C 36 -10.61 0.15 4.51
N PRO C 37 -11.58 0.97 4.10
CA PRO C 37 -12.98 0.65 4.10
C PRO C 37 -13.30 -0.41 3.05
N LYS C 38 -14.45 -1.08 3.21
CA LYS C 38 -14.96 -2.01 2.20
C LYS C 38 -15.36 -1.25 0.94
N ASP C 39 -15.22 0.08 0.97
CA ASP C 39 -15.43 0.95 -0.17
C ASP C 39 -14.38 0.69 -1.25
N VAL C 40 -13.32 -0.06 -0.89
CA VAL C 40 -12.21 -0.36 -1.78
C VAL C 40 -11.79 -1.82 -1.60
N ALA C 41 -11.08 -2.35 -2.60
CA ALA C 41 -10.65 -3.73 -2.60
C ALA C 41 -9.15 -3.81 -2.37
N VAL C 42 -8.68 -4.84 -1.65
CA VAL C 42 -7.26 -5.04 -1.42
C VAL C 42 -6.96 -6.55 -1.42
N HIS C 43 -6.07 -6.98 -2.32
CA HIS C 43 -5.73 -8.39 -2.40
C HIS C 43 -4.35 -8.61 -3.02
N ARG C 44 -3.82 -9.82 -2.85
CA ARG C 44 -2.60 -10.24 -3.50
C ARG C 44 -2.87 -10.39 -4.99
N GLU C 45 -1.83 -10.32 -5.82
CA GLU C 45 -1.99 -10.43 -7.27
C GLU C 45 -2.70 -11.73 -7.64
N GLU C 46 -2.54 -12.76 -6.83
CA GLU C 46 -3.16 -14.05 -7.10
C GLU C 46 -4.68 -13.97 -6.98
N ILE C 47 -5.20 -13.33 -5.92
CA ILE C 47 -6.64 -13.22 -5.72
C ILE C 47 -7.20 -12.20 -6.70
N TYR C 48 -6.43 -11.15 -6.98
CA TYR C 48 -6.84 -10.04 -7.81
C TYR C 48 -7.23 -10.48 -9.22
N GLN C 49 -6.63 -11.57 -9.72
CA GLN C 49 -6.89 -12.02 -11.08
C GLN C 49 -8.25 -12.71 -11.21
N ARG C 50 -8.85 -13.15 -10.09
CA ARG C 50 -10.18 -13.75 -10.12
C ARG C 50 -11.23 -12.64 -10.09
N ILE C 51 -10.83 -11.46 -9.60
CA ILE C 51 -11.69 -10.30 -9.55
C ILE C 51 -11.78 -9.71 -10.96
N GLN C 52 -10.63 -9.36 -11.55
CA GLN C 52 -10.60 -8.77 -12.88
C GLN C 52 -11.03 -9.77 -13.95
N ALA C 53 -11.41 -10.99 -13.54
CA ALA C 53 -11.93 -12.00 -14.44
C ALA C 53 -13.27 -11.57 -15.05
N GLY C 54 -13.91 -10.54 -14.51
CA GLY C 54 -15.15 -10.01 -15.06
C GLY C 54 -16.03 -9.28 -14.04
N LEU C 55 -15.47 -8.89 -12.89
CA LEU C 55 -16.29 -8.42 -11.79
C LEU C 55 -15.51 -7.64 -10.73
N THR C 56 -16.22 -7.15 -9.70
CA THR C 56 -15.61 -6.53 -8.54
C THR C 56 -16.48 -6.74 -7.30
N ALA C 57 -17.59 -7.46 -7.43
CA ALA C 57 -18.52 -7.70 -6.34
C ALA C 57 -19.29 -9.00 -6.58
N PRO C 58 -18.69 -10.15 -6.22
CA PRO C 58 -19.30 -11.47 -6.29
C PRO C 58 -20.67 -11.62 -5.61
N ASP C 59 -21.10 -12.88 -5.50
CA ASP C 59 -22.44 -13.22 -5.06
C ASP C 59 -22.44 -14.31 -3.99
N MET A 1 -7.93 -4.02 10.06
CA MET A 1 -6.71 -4.27 9.29
C MET A 1 -6.88 -5.50 8.39
N LEU A 2 -6.19 -5.52 7.25
CA LEU A 2 -6.15 -6.65 6.35
C LEU A 2 -4.69 -6.91 6.03
N ILE A 3 -4.19 -8.09 6.41
CA ILE A 3 -2.77 -8.42 6.33
C ILE A 3 -2.51 -9.32 5.14
N LEU A 4 -1.35 -9.10 4.51
CA LEU A 4 -0.87 -9.84 3.36
C LEU A 4 0.64 -10.03 3.51
N THR A 5 1.18 -11.04 2.85
CA THR A 5 2.58 -11.40 3.00
C THR A 5 3.22 -11.59 1.64
N ARG A 6 4.48 -11.16 1.53
CA ARG A 6 5.23 -11.10 0.27
C ARG A 6 6.69 -11.43 0.52
N LYS A 7 7.50 -11.38 -0.54
CA LYS A 7 8.94 -11.52 -0.47
C LYS A 7 9.54 -10.59 -1.51
N VAL A 8 10.80 -10.19 -1.35
CA VAL A 8 11.36 -9.16 -2.23
C VAL A 8 11.20 -9.52 -3.70
N GLY A 9 10.55 -8.63 -4.43
CA GLY A 9 10.29 -8.81 -5.85
C GLY A 9 8.81 -9.08 -6.17
N GLU A 10 7.93 -9.04 -5.16
CA GLU A 10 6.50 -9.30 -5.33
C GLU A 10 5.68 -8.03 -5.13
N SER A 11 4.34 -8.12 -5.31
CA SER A 11 3.47 -6.96 -5.28
C SER A 11 2.11 -7.25 -4.64
N ILE A 12 1.34 -6.18 -4.40
CA ILE A 12 0.03 -6.19 -3.77
C ILE A 12 -0.84 -5.17 -4.52
N ASN A 13 -2.17 -5.25 -4.40
CA ASN A 13 -3.06 -4.37 -5.14
C ASN A 13 -4.11 -3.71 -4.24
N ILE A 14 -4.55 -2.51 -4.65
CA ILE A 14 -5.55 -1.74 -3.94
C ILE A 14 -6.46 -1.07 -4.97
N GLY A 15 -7.77 -1.09 -4.71
CA GLY A 15 -8.75 -0.53 -5.63
C GLY A 15 -8.56 -1.11 -7.03
N ASP A 16 -8.78 -0.28 -8.05
CA ASP A 16 -8.58 -0.63 -9.44
C ASP A 16 -7.63 0.36 -10.12
N ASP A 17 -6.92 1.16 -9.32
CA ASP A 17 -6.01 2.19 -9.80
C ASP A 17 -4.69 2.21 -9.03
N ILE A 18 -4.48 1.31 -8.07
CA ILE A 18 -3.26 1.33 -7.27
C ILE A 18 -2.64 -0.06 -7.14
N THR A 19 -1.31 -0.08 -7.09
CA THR A 19 -0.52 -1.28 -6.87
C THR A 19 0.65 -0.92 -5.97
N ILE A 20 1.18 -1.91 -5.24
CA ILE A 20 2.26 -1.75 -4.29
C ILE A 20 3.30 -2.83 -4.56
N THR A 21 4.57 -2.56 -4.30
CA THR A 21 5.64 -3.51 -4.59
C THR A 21 6.71 -3.45 -3.51
N ILE A 22 7.31 -4.62 -3.22
CA ILE A 22 8.38 -4.75 -2.24
C ILE A 22 9.70 -4.88 -3.01
N LEU A 23 10.35 -3.74 -3.27
CA LEU A 23 11.53 -3.71 -4.11
C LEU A 23 12.71 -4.43 -3.44
N GLY A 24 12.71 -4.48 -2.11
CA GLY A 24 13.71 -5.25 -1.37
C GLY A 24 13.78 -4.80 0.10
N VAL A 25 14.81 -5.25 0.83
CA VAL A 25 15.05 -4.82 2.19
C VAL A 25 16.48 -4.33 2.35
N SER A 26 16.78 -3.73 3.50
CA SER A 26 18.09 -3.16 3.79
C SER A 26 18.45 -3.38 5.25
N GLY A 27 18.29 -4.61 5.72
CA GLY A 27 18.51 -4.98 7.11
C GLY A 27 17.14 -5.20 7.76
N GLN A 28 16.69 -4.22 8.55
CA GLN A 28 15.34 -4.21 9.08
C GLN A 28 14.54 -3.05 8.48
N GLN A 29 15.19 -2.33 7.55
CA GLN A 29 14.53 -1.37 6.70
C GLN A 29 13.95 -2.12 5.50
N VAL A 30 13.02 -1.50 4.79
CA VAL A 30 12.35 -2.13 3.66
C VAL A 30 12.13 -1.11 2.55
N ARG A 31 12.55 -1.47 1.33
CA ARG A 31 12.39 -0.66 0.12
C ARG A 31 11.04 -1.00 -0.49
N ILE A 32 10.14 -0.02 -0.61
CA ILE A 32 8.79 -0.27 -1.07
C ILE A 32 8.38 0.78 -2.09
N GLY A 33 7.69 0.34 -3.15
CA GLY A 33 7.26 1.21 -4.23
C GLY A 33 5.74 1.26 -4.30
N ILE A 34 5.21 2.29 -4.94
CA ILE A 34 3.79 2.55 -5.06
C ILE A 34 3.53 2.92 -6.51
N ASN A 35 2.35 2.55 -7.01
CA ASN A 35 2.03 2.74 -8.41
C ASN A 35 0.58 3.17 -8.52
N ALA A 36 0.37 4.49 -8.55
CA ALA A 36 -0.96 5.07 -8.64
C ALA A 36 -0.94 6.32 -9.52
N PRO A 37 -2.09 6.69 -10.08
CA PRO A 37 -2.27 7.93 -10.80
C PRO A 37 -2.21 9.13 -9.86
N LYS A 38 -1.92 10.31 -10.41
CA LYS A 38 -1.98 11.55 -9.65
C LYS A 38 -3.41 11.85 -9.23
N ASP A 39 -4.35 10.98 -9.63
CA ASP A 39 -5.75 11.02 -9.25
C ASP A 39 -5.90 10.74 -7.75
N VAL A 40 -4.82 10.26 -7.13
CA VAL A 40 -4.79 9.92 -5.71
C VAL A 40 -3.47 10.40 -5.09
N ALA A 41 -3.45 10.53 -3.77
CA ALA A 41 -2.29 11.02 -3.06
C ALA A 41 -1.61 9.89 -2.30
N VAL A 42 -0.28 9.92 -2.20
CA VAL A 42 0.47 8.95 -1.42
C VAL A 42 1.64 9.63 -0.73
N HIS A 43 1.74 9.48 0.59
CA HIS A 43 2.83 10.10 1.34
C HIS A 43 3.10 9.37 2.65
N ARG A 44 4.24 9.69 3.27
CA ARG A 44 4.58 9.22 4.60
C ARG A 44 3.69 9.92 5.61
N GLU A 45 3.49 9.32 6.78
CA GLU A 45 2.65 9.90 7.83
C GLU A 45 3.07 11.33 8.19
N GLU A 46 4.33 11.69 7.96
CA GLU A 46 4.82 13.02 8.32
C GLU A 46 4.41 14.08 7.29
N ILE A 47 4.23 13.69 6.02
CA ILE A 47 3.79 14.60 4.98
C ILE A 47 2.26 14.58 4.96
N TYR A 48 1.69 13.41 5.25
CA TYR A 48 0.26 13.18 5.19
C TYR A 48 -0.51 14.14 6.09
N GLN A 49 0.08 14.55 7.20
CA GLN A 49 -0.57 15.44 8.14
C GLN A 49 -0.72 16.85 7.56
N ARG A 50 0.03 17.18 6.51
CA ARG A 50 -0.12 18.45 5.82
C ARG A 50 -1.21 18.34 4.76
N ILE A 51 -1.50 17.11 4.33
CA ILE A 51 -2.54 16.85 3.34
C ILE A 51 -3.90 17.08 4.01
N GLN A 52 -4.11 16.41 5.14
CA GLN A 52 -5.38 16.44 5.87
C GLN A 52 -5.56 17.77 6.59
N ALA A 53 -4.61 18.69 6.44
CA ALA A 53 -4.69 20.01 7.04
C ALA A 53 -5.79 20.86 6.40
N GLY A 54 -6.31 20.45 5.24
CA GLY A 54 -7.40 21.17 4.58
C GLY A 54 -7.35 21.07 3.05
N LEU A 55 -6.71 20.03 2.51
CA LEU A 55 -6.40 19.97 1.09
C LEU A 55 -6.08 18.55 0.63
N THR A 56 -5.50 18.42 -0.57
CA THR A 56 -5.06 17.13 -1.10
C THR A 56 -3.68 17.24 -1.78
N ALA A 57 -3.16 18.46 -1.91
CA ALA A 57 -1.85 18.71 -2.49
C ALA A 57 -1.25 19.95 -1.82
N PRO A 58 -0.12 19.80 -1.11
CA PRO A 58 0.56 20.88 -0.41
C PRO A 58 0.81 22.14 -1.24
N ASP A 59 1.21 23.19 -0.52
CA ASP A 59 1.48 24.52 -1.08
C ASP A 59 2.74 24.54 -1.94
N MET C 1 5.90 5.18 -10.69
CA MET C 1 6.28 4.61 -9.38
C MET C 1 6.65 5.72 -8.40
N LEU C 2 6.30 5.54 -7.13
CA LEU C 2 6.68 6.43 -6.05
C LEU C 2 7.22 5.55 -4.93
N ILE C 3 8.51 5.70 -4.63
CA ILE C 3 9.20 4.79 -3.71
C ILE C 3 9.47 5.49 -2.38
N LEU C 4 9.53 4.67 -1.34
CA LEU C 4 9.83 5.09 0.02
C LEU C 4 10.67 4.00 0.67
N THR C 5 11.42 4.37 1.70
CA THR C 5 12.17 3.39 2.48
C THR C 5 11.83 3.62 3.95
N ARG C 6 11.52 2.52 4.63
CA ARG C 6 10.98 2.56 5.98
C ARG C 6 11.59 1.42 6.79
N LYS C 7 11.11 1.23 8.01
CA LYS C 7 11.54 0.10 8.83
C LYS C 7 10.34 -0.57 9.48
N VAL C 8 10.57 -1.74 10.06
CA VAL C 8 9.46 -2.50 10.62
C VAL C 8 8.79 -1.71 11.74
N GLY C 9 7.50 -1.47 11.55
CA GLY C 9 6.66 -0.72 12.49
C GLY C 9 6.17 0.61 11.94
N GLU C 10 6.77 1.12 10.85
CA GLU C 10 6.36 2.38 10.25
C GLU C 10 5.04 2.23 9.47
N SER C 11 4.46 3.36 9.08
CA SER C 11 3.19 3.40 8.34
C SER C 11 3.23 4.48 7.26
N ILE C 12 2.35 4.33 6.27
CA ILE C 12 2.27 5.18 5.07
C ILE C 12 0.79 5.38 4.73
N ASN C 13 0.47 6.38 3.90
CA ASN C 13 -0.92 6.71 3.61
C ASN C 13 -1.19 6.77 2.11
N ILE C 14 -2.44 6.48 1.75
CA ILE C 14 -2.91 6.49 0.36
C ILE C 14 -4.31 7.10 0.33
N GLY C 15 -4.58 7.95 -0.66
CA GLY C 15 -5.87 8.61 -0.79
C GLY C 15 -6.23 9.34 0.49
N ASP C 16 -7.51 9.34 0.83
CA ASP C 16 -8.02 9.94 2.06
C ASP C 16 -8.79 8.91 2.87
N ASP C 17 -8.62 7.62 2.55
CA ASP C 17 -9.37 6.54 3.15
C ASP C 17 -8.51 5.29 3.38
N ILE C 18 -7.20 5.33 3.10
CA ILE C 18 -6.37 4.14 3.22
C ILE C 18 -5.06 4.46 3.93
N THR C 19 -4.57 3.47 4.69
CA THR C 19 -3.28 3.53 5.39
C THR C 19 -2.62 2.16 5.26
N ILE C 20 -1.28 2.13 5.34
CA ILE C 20 -0.48 0.93 5.16
C ILE C 20 0.54 0.85 6.28
N THR C 21 0.93 -0.38 6.67
CA THR C 21 1.87 -0.57 7.75
C THR C 21 2.76 -1.79 7.46
N ILE C 22 4.04 -1.68 7.79
CA ILE C 22 5.02 -2.76 7.66
C ILE C 22 5.12 -3.45 9.03
N LEU C 23 4.35 -4.52 9.24
CA LEU C 23 4.26 -5.15 10.54
C LEU C 23 5.59 -5.82 10.91
N GLY C 24 6.37 -6.21 9.90
CA GLY C 24 7.70 -6.77 10.13
C GLY C 24 8.17 -7.65 8.97
N VAL C 25 9.27 -8.39 9.18
CA VAL C 25 9.77 -9.33 8.18
C VAL C 25 10.10 -10.66 8.85
N SER C 26 10.39 -11.69 8.05
CA SER C 26 10.74 -13.02 8.53
C SER C 26 11.89 -13.55 7.68
N GLY C 27 12.80 -12.64 7.33
CA GLY C 27 13.86 -12.87 6.37
C GLY C 27 13.55 -12.03 5.15
N GLN C 28 13.85 -12.53 3.96
CA GLN C 28 13.54 -11.82 2.74
C GLN C 28 12.04 -11.73 2.50
N GLN C 29 11.23 -12.55 3.19
CA GLN C 29 9.79 -12.36 3.14
C GLN C 29 9.38 -11.23 4.08
N VAL C 30 8.29 -10.55 3.77
CA VAL C 30 7.86 -9.33 4.45
C VAL C 30 6.38 -9.44 4.77
N ARG C 31 5.96 -8.81 5.87
CA ARG C 31 4.60 -8.88 6.37
C ARG C 31 4.05 -7.47 6.49
N ILE C 32 2.90 -7.25 5.86
CA ILE C 32 2.35 -5.91 5.66
C ILE C 32 0.86 -5.91 6.00
N GLY C 33 0.36 -4.77 6.48
CA GLY C 33 -1.04 -4.62 6.83
C GLY C 33 -1.64 -3.44 6.09
N ILE C 34 -2.97 -3.45 5.94
CA ILE C 34 -3.69 -2.45 5.20
C ILE C 34 -4.89 -2.03 6.03
N ASN C 35 -5.29 -0.77 5.92
CA ASN C 35 -6.37 -0.23 6.72
C ASN C 35 -7.25 0.63 5.83
N ALA C 36 -8.32 0.03 5.30
CA ALA C 36 -9.24 0.69 4.40
C ALA C 36 -10.67 0.25 4.65
N PRO C 37 -11.65 1.09 4.26
CA PRO C 37 -13.06 0.76 4.27
C PRO C 37 -13.40 -0.28 3.21
N LYS C 38 -14.53 -0.96 3.38
CA LYS C 38 -15.05 -1.87 2.37
C LYS C 38 -15.45 -1.10 1.11
N ASP C 39 -15.30 0.22 1.15
CA ASP C 39 -15.51 1.10 0.02
C ASP C 39 -14.47 0.85 -1.07
N VAL C 40 -13.43 0.09 -0.73
CA VAL C 40 -12.33 -0.21 -1.65
C VAL C 40 -11.90 -1.68 -1.49
N ALA C 41 -11.22 -2.20 -2.50
CA ALA C 41 -10.78 -3.58 -2.53
C ALA C 41 -9.30 -3.66 -2.23
N VAL C 42 -8.86 -4.69 -1.51
CA VAL C 42 -7.44 -4.90 -1.24
C VAL C 42 -7.13 -6.39 -1.25
N HIS C 43 -6.17 -6.81 -2.09
CA HIS C 43 -5.79 -8.20 -2.18
C HIS C 43 -4.37 -8.34 -2.73
N ARG C 44 -3.78 -9.52 -2.56
CA ARG C 44 -2.51 -9.85 -3.19
C ARG C 44 -2.78 -10.21 -4.64
N GLU C 45 -1.75 -10.18 -5.49
CA GLU C 45 -1.89 -10.40 -6.92
C GLU C 45 -2.68 -11.66 -7.25
N GLU C 46 -2.46 -12.72 -6.48
CA GLU C 46 -3.10 -14.01 -6.75
C GLU C 46 -4.61 -13.92 -6.67
N ILE C 47 -5.17 -13.07 -5.81
CA ILE C 47 -6.61 -12.92 -5.70
C ILE C 47 -7.08 -11.84 -6.66
N TYR C 48 -6.26 -10.79 -6.80
CA TYR C 48 -6.58 -9.64 -7.63
C TYR C 48 -6.83 -10.03 -9.09
N GLN C 49 -6.15 -11.07 -9.57
CA GLN C 49 -6.28 -11.52 -10.94
C GLN C 49 -7.63 -12.17 -11.22
N ARG C 50 -8.37 -12.59 -10.18
CA ARG C 50 -9.71 -13.15 -10.37
C ARG C 50 -10.72 -12.01 -10.47
N ILE C 51 -10.34 -10.84 -9.94
CA ILE C 51 -11.21 -9.68 -9.93
C ILE C 51 -11.17 -9.01 -11.28
N GLN C 52 -9.97 -8.68 -11.78
CA GLN C 52 -9.82 -8.03 -13.07
C GLN C 52 -10.20 -8.96 -14.22
N ALA C 53 -10.64 -10.19 -13.91
CA ALA C 53 -11.10 -11.14 -14.90
C ALA C 53 -12.38 -10.65 -15.58
N GLY C 54 -13.05 -9.64 -15.03
CA GLY C 54 -14.24 -9.05 -15.65
C GLY C 54 -15.21 -8.43 -14.66
N LEU C 55 -14.77 -8.12 -13.44
CA LEU C 55 -15.69 -7.75 -12.38
C LEU C 55 -14.99 -7.04 -11.21
N THR C 56 -15.76 -6.76 -10.15
CA THR C 56 -15.26 -6.21 -8.89
C THR C 56 -16.04 -6.79 -7.70
N ALA C 57 -16.88 -7.79 -7.95
CA ALA C 57 -17.66 -8.45 -6.92
C ALA C 57 -17.94 -9.90 -7.33
N PRO C 58 -17.49 -10.89 -6.53
CA PRO C 58 -17.73 -12.29 -6.79
C PRO C 58 -19.17 -12.63 -7.12
N ASP C 59 -20.11 -11.97 -6.44
CA ASP C 59 -21.53 -12.26 -6.59
C ASP C 59 -22.39 -11.21 -5.90
N MET A 1 -8.26 -4.14 9.90
CA MET A 1 -6.95 -4.37 9.26
C MET A 1 -7.00 -5.62 8.39
N LEU A 2 -6.24 -5.63 7.29
CA LEU A 2 -6.09 -6.78 6.43
C LEU A 2 -4.60 -6.97 6.18
N ILE A 3 -4.08 -8.16 6.50
CA ILE A 3 -2.64 -8.40 6.49
C ILE A 3 -2.29 -9.42 5.42
N LEU A 4 -1.10 -9.24 4.85
CA LEU A 4 -0.56 -10.06 3.78
C LEU A 4 0.95 -10.15 3.94
N THR A 5 1.58 -11.18 3.39
CA THR A 5 3.02 -11.25 3.29
C THR A 5 3.43 -11.22 1.83
N ARG A 6 4.62 -10.67 1.56
CA ARG A 6 5.13 -10.51 0.21
C ARG A 6 6.62 -10.68 0.22
N LYS A 7 7.11 -11.56 -0.66
CA LYS A 7 8.53 -11.80 -0.81
C LYS A 7 9.14 -10.62 -1.55
N VAL A 8 10.41 -10.33 -1.31
CA VAL A 8 11.04 -9.22 -2.01
C VAL A 8 10.99 -9.48 -3.52
N GLY A 9 10.42 -8.53 -4.27
CA GLY A 9 10.31 -8.65 -5.71
C GLY A 9 8.88 -8.95 -6.19
N GLU A 10 7.89 -8.94 -5.30
CA GLU A 10 6.50 -9.20 -5.66
C GLU A 10 5.63 -7.96 -5.40
N SER A 11 4.33 -8.05 -5.68
CA SER A 11 3.43 -6.90 -5.57
C SER A 11 2.10 -7.20 -4.89
N ILE A 12 1.38 -6.12 -4.57
CA ILE A 12 0.09 -6.10 -3.88
C ILE A 12 -0.80 -5.07 -4.59
N ASN A 13 -2.12 -5.13 -4.43
CA ASN A 13 -3.02 -4.25 -5.16
C ASN A 13 -4.07 -3.60 -4.26
N ILE A 14 -4.56 -2.43 -4.69
CA ILE A 14 -5.59 -1.67 -3.98
C ILE A 14 -6.50 -1.03 -5.02
N GLY A 15 -7.82 -1.11 -4.80
CA GLY A 15 -8.80 -0.55 -5.71
C GLY A 15 -8.57 -1.08 -7.12
N ASP A 16 -8.82 -0.22 -8.11
CA ASP A 16 -8.60 -0.52 -9.52
C ASP A 16 -7.68 0.53 -10.16
N ASP A 17 -7.00 1.32 -9.32
CA ASP A 17 -6.10 2.38 -9.78
C ASP A 17 -4.78 2.40 -9.02
N ILE A 18 -4.55 1.48 -8.07
CA ILE A 18 -3.33 1.49 -7.29
C ILE A 18 -2.70 0.10 -7.19
N THR A 19 -1.37 0.07 -7.15
CA THR A 19 -0.58 -1.13 -6.98
C THR A 19 0.60 -0.79 -6.08
N ILE A 20 1.14 -1.79 -5.39
CA ILE A 20 2.24 -1.64 -4.44
C ILE A 20 3.27 -2.72 -4.72
N THR A 21 4.54 -2.44 -4.45
CA THR A 21 5.61 -3.39 -4.73
C THR A 21 6.67 -3.33 -3.64
N ILE A 22 7.27 -4.48 -3.32
CA ILE A 22 8.29 -4.62 -2.28
C ILE A 22 9.63 -4.84 -2.97
N LEU A 23 10.33 -3.74 -3.30
CA LEU A 23 11.54 -3.82 -4.09
C LEU A 23 12.66 -4.55 -3.33
N GLY A 24 12.56 -4.60 -2.00
CA GLY A 24 13.49 -5.37 -1.18
C GLY A 24 13.57 -4.85 0.25
N VAL A 25 14.54 -5.33 1.02
CA VAL A 25 14.78 -4.87 2.39
C VAL A 25 16.24 -4.50 2.57
N SER A 26 16.57 -3.87 3.71
CA SER A 26 17.91 -3.36 3.98
C SER A 26 18.28 -3.54 5.45
N GLY A 27 18.09 -4.76 5.97
CA GLY A 27 18.33 -5.07 7.37
C GLY A 27 16.99 -5.21 8.06
N GLN A 28 16.58 -4.17 8.81
CA GLN A 28 15.25 -4.10 9.40
C GLN A 28 14.48 -2.94 8.79
N GLN A 29 15.11 -2.27 7.83
CA GLN A 29 14.42 -1.32 6.96
C GLN A 29 13.86 -2.09 5.78
N VAL A 30 12.92 -1.48 5.06
CA VAL A 30 12.24 -2.09 3.94
C VAL A 30 12.10 -1.04 2.84
N ARG A 31 12.12 -1.47 1.58
CA ARG A 31 12.05 -0.58 0.43
C ARG A 31 10.87 -0.98 -0.43
N ILE A 32 9.95 -0.03 -0.62
CA ILE A 32 8.65 -0.28 -1.20
C ILE A 32 8.28 0.83 -2.17
N GLY A 33 7.58 0.46 -3.24
CA GLY A 33 7.15 1.38 -4.27
C GLY A 33 5.64 1.39 -4.37
N ILE A 34 5.10 2.44 -4.99
CA ILE A 34 3.69 2.68 -5.13
C ILE A 34 3.44 3.09 -6.56
N ASN A 35 2.27 2.70 -7.08
CA ASN A 35 1.95 2.90 -8.49
C ASN A 35 0.50 3.33 -8.59
N ALA A 36 0.29 4.64 -8.59
CA ALA A 36 -1.04 5.24 -8.63
C ALA A 36 -1.03 6.51 -9.49
N PRO A 37 -2.20 6.89 -10.01
CA PRO A 37 -2.42 8.15 -10.71
C PRO A 37 -2.32 9.33 -9.76
N LYS A 38 -2.10 10.51 -10.32
CA LYS A 38 -2.14 11.75 -9.57
C LYS A 38 -3.57 12.05 -9.11
N ASP A 39 -4.49 11.17 -9.49
CA ASP A 39 -5.88 11.21 -9.04
C ASP A 39 -5.96 10.91 -7.55
N VAL A 40 -4.86 10.44 -6.96
CA VAL A 40 -4.79 10.09 -5.55
C VAL A 40 -3.46 10.55 -4.96
N ALA A 41 -3.41 10.66 -3.62
CA ALA A 41 -2.23 11.14 -2.93
C ALA A 41 -1.58 9.98 -2.18
N VAL A 42 -0.25 9.98 -2.10
CA VAL A 42 0.48 8.96 -1.35
C VAL A 42 1.68 9.60 -0.64
N HIS A 43 1.74 9.46 0.68
CA HIS A 43 2.82 10.06 1.46
C HIS A 43 3.03 9.33 2.78
N ARG A 44 4.15 9.63 3.45
CA ARG A 44 4.39 9.14 4.80
C ARG A 44 3.45 9.86 5.77
N GLU A 45 3.20 9.25 6.93
CA GLU A 45 2.38 9.87 7.97
C GLU A 45 2.95 11.23 8.36
N GLU A 46 4.25 11.46 8.14
CA GLU A 46 4.89 12.71 8.52
C GLU A 46 4.57 13.83 7.53
N ILE A 47 4.32 13.50 6.26
CA ILE A 47 3.98 14.49 5.25
C ILE A 47 2.47 14.64 5.22
N TYR A 48 1.76 13.54 5.46
CA TYR A 48 0.31 13.47 5.40
C TYR A 48 -0.35 14.46 6.36
N GLN A 49 0.30 14.73 7.50
CA GLN A 49 -0.28 15.62 8.50
C GLN A 49 -0.28 17.08 8.04
N ARG A 50 0.50 17.43 7.01
CA ARG A 50 0.49 18.78 6.47
C ARG A 50 -0.67 18.90 5.48
N ILE A 51 -1.13 17.76 4.96
CA ILE A 51 -2.23 17.72 4.01
C ILE A 51 -3.55 17.83 4.76
N GLN A 52 -3.67 17.15 5.89
CA GLN A 52 -4.90 17.18 6.68
C GLN A 52 -4.97 18.46 7.52
N ALA A 53 -3.98 19.33 7.38
CA ALA A 53 -3.95 20.61 8.07
C ALA A 53 -5.00 21.57 7.52
N GLY A 54 -5.63 21.24 6.38
CA GLY A 54 -6.65 22.08 5.79
C GLY A 54 -6.84 21.86 4.29
N LEU A 55 -6.53 20.67 3.78
CA LEU A 55 -6.53 20.38 2.35
C LEU A 55 -7.21 19.04 2.05
N THR A 56 -7.03 18.56 0.81
CA THR A 56 -7.48 17.28 0.27
C THR A 56 -8.81 17.43 -0.45
N ALA A 57 -9.43 18.61 -0.36
CA ALA A 57 -10.71 18.90 -0.99
C ALA A 57 -10.84 20.40 -1.27
N PRO A 58 -10.08 20.92 -2.24
CA PRO A 58 -10.10 22.33 -2.65
C PRO A 58 -11.49 22.86 -2.98
N ASP A 59 -11.53 24.17 -3.26
CA ASP A 59 -12.74 24.89 -3.61
C ASP A 59 -13.38 24.35 -4.89
N MET C 1 6.23 5.27 -10.60
CA MET C 1 6.45 4.68 -9.26
C MET C 1 6.83 5.76 -8.26
N LEU C 2 6.25 5.71 -7.07
CA LEU C 2 6.60 6.59 -5.97
C LEU C 2 7.12 5.67 -4.87
N ILE C 3 8.33 5.94 -4.36
CA ILE C 3 9.04 4.98 -3.52
C ILE C 3 9.44 5.59 -2.19
N LEU C 4 9.57 4.72 -1.19
CA LEU C 4 9.92 5.07 0.17
C LEU C 4 10.78 3.97 0.77
N THR C 5 11.54 4.32 1.80
CA THR C 5 12.32 3.36 2.57
C THR C 5 11.93 3.56 4.02
N ARG C 6 11.46 2.49 4.67
CA ARG C 6 10.88 2.57 6.00
C ARG C 6 11.47 1.48 6.89
N LYS C 7 10.98 1.36 8.13
CA LYS C 7 11.39 0.30 9.02
C LYS C 7 10.19 -0.37 9.65
N VAL C 8 10.39 -1.58 10.17
CA VAL C 8 9.30 -2.31 10.79
C VAL C 8 8.67 -1.51 11.91
N GLY C 9 7.39 -1.15 11.70
CA GLY C 9 6.63 -0.35 12.64
C GLY C 9 6.12 0.96 12.02
N GLU C 10 6.70 1.42 10.92
CA GLU C 10 6.27 2.66 10.28
C GLU C 10 4.91 2.49 9.57
N SER C 11 4.33 3.61 9.13
CA SER C 11 3.04 3.62 8.45
C SER C 11 3.05 4.65 7.32
N ILE C 12 2.18 4.46 6.34
CA ILE C 12 2.09 5.23 5.11
C ILE C 12 0.62 5.46 4.76
N ASN C 13 0.31 6.45 3.92
CA ASN C 13 -1.07 6.80 3.60
C ASN C 13 -1.31 6.82 2.10
N ILE C 14 -2.55 6.52 1.70
CA ILE C 14 -3.00 6.50 0.31
C ILE C 14 -4.40 7.07 0.24
N GLY C 15 -4.65 7.96 -0.72
CA GLY C 15 -5.95 8.59 -0.88
C GLY C 15 -6.38 9.27 0.43
N ASP C 16 -7.69 9.24 0.69
CA ASP C 16 -8.27 9.77 1.92
C ASP C 16 -9.08 8.71 2.64
N ASP C 17 -8.89 7.43 2.26
CA ASP C 17 -9.62 6.31 2.85
C ASP C 17 -8.71 5.12 3.13
N ILE C 18 -7.40 5.21 2.88
CA ILE C 18 -6.52 4.06 3.09
C ILE C 18 -5.25 4.45 3.83
N THR C 19 -4.74 3.50 4.62
CA THR C 19 -3.49 3.61 5.35
C THR C 19 -2.79 2.25 5.30
N ILE C 20 -1.46 2.24 5.43
CA ILE C 20 -0.64 1.06 5.32
C ILE C 20 0.36 1.02 6.47
N THR C 21 0.75 -0.17 6.92
CA THR C 21 1.68 -0.32 8.03
C THR C 21 2.57 -1.55 7.80
N ILE C 22 3.87 -1.40 8.01
CA ILE C 22 4.82 -2.49 7.91
C ILE C 22 4.91 -3.14 9.29
N LEU C 23 4.20 -4.26 9.49
CA LEU C 23 4.11 -4.87 10.82
C LEU C 23 5.43 -5.55 11.17
N GLY C 24 6.20 -5.96 10.16
CA GLY C 24 7.53 -6.53 10.36
C GLY C 24 7.93 -7.42 9.19
N VAL C 25 9.05 -8.14 9.34
CA VAL C 25 9.50 -9.08 8.32
C VAL C 25 9.65 -10.47 8.92
N SER C 26 9.87 -11.47 8.04
CA SER C 26 9.98 -12.87 8.41
C SER C 26 10.95 -13.56 7.48
N GLY C 27 12.09 -12.91 7.22
CA GLY C 27 13.04 -13.36 6.21
C GLY C 27 12.91 -12.45 5.01
N GLN C 28 13.02 -13.02 3.81
CA GLN C 28 12.81 -12.27 2.59
C GLN C 28 11.33 -12.03 2.31
N GLN C 29 10.44 -12.44 3.23
CA GLN C 29 9.04 -12.05 3.15
C GLN C 29 8.80 -10.92 4.14
N VAL C 30 7.79 -10.10 3.84
CA VAL C 30 7.52 -8.88 4.58
C VAL C 30 6.04 -8.85 4.92
N ARG C 31 5.71 -8.73 6.22
CA ARG C 31 4.34 -8.76 6.67
C ARG C 31 3.85 -7.32 6.76
N ILE C 32 2.79 -7.02 6.00
CA ILE C 32 2.28 -5.67 5.85
C ILE C 32 0.78 -5.69 6.09
N GLY C 33 0.28 -4.67 6.78
CA GLY C 33 -1.12 -4.52 7.10
C GLY C 33 -1.71 -3.41 6.26
N ILE C 34 -3.03 -3.44 6.09
CA ILE C 34 -3.75 -2.48 5.29
C ILE C 34 -4.97 -2.05 6.07
N ASN C 35 -5.36 -0.79 5.91
CA ASN C 35 -6.41 -0.19 6.68
C ASN C 35 -7.29 0.65 5.77
N ALA C 36 -8.33 0.02 5.24
CA ALA C 36 -9.26 0.63 4.32
C ALA C 36 -10.67 0.12 4.60
N PRO C 37 -11.69 0.88 4.19
CA PRO C 37 -13.06 0.42 4.22
C PRO C 37 -13.23 -0.70 3.21
N LYS C 38 -14.24 -1.55 3.42
CA LYS C 38 -14.58 -2.61 2.47
C LYS C 38 -15.20 -1.98 1.24
N ASP C 39 -15.32 -0.65 1.28
CA ASP C 39 -15.71 0.21 0.17
C ASP C 39 -14.68 0.13 -0.96
N VAL C 40 -13.52 -0.45 -0.68
CA VAL C 40 -12.44 -0.63 -1.64
C VAL C 40 -11.88 -2.03 -1.51
N ALA C 41 -11.19 -2.51 -2.54
CA ALA C 41 -10.67 -3.86 -2.55
C ALA C 41 -9.16 -3.85 -2.34
N VAL C 42 -8.64 -4.87 -1.64
CA VAL C 42 -7.20 -5.02 -1.45
C VAL C 42 -6.85 -6.50 -1.46
N HIS C 43 -5.89 -6.90 -2.30
CA HIS C 43 -5.47 -8.28 -2.38
C HIS C 43 -4.05 -8.41 -2.90
N ARG C 44 -3.51 -9.63 -2.82
CA ARG C 44 -2.25 -9.99 -3.46
C ARG C 44 -2.48 -10.14 -4.95
N GLU C 45 -1.43 -10.00 -5.76
CA GLU C 45 -1.54 -10.16 -7.21
C GLU C 45 -2.19 -11.50 -7.56
N GLU C 46 -1.84 -12.56 -6.83
CA GLU C 46 -2.36 -13.89 -7.12
C GLU C 46 -3.85 -14.03 -6.79
N ILE C 47 -4.49 -13.00 -6.21
CA ILE C 47 -5.95 -12.96 -6.04
C ILE C 47 -6.51 -11.90 -6.98
N TYR C 48 -5.81 -10.77 -7.08
CA TYR C 48 -6.23 -9.62 -7.87
C TYR C 48 -6.42 -9.97 -9.34
N GLN C 49 -5.62 -10.91 -9.85
CA GLN C 49 -5.66 -11.30 -11.24
C GLN C 49 -6.95 -12.06 -11.58
N ARG C 50 -7.65 -12.60 -10.58
CA ARG C 50 -8.93 -13.29 -10.82
C ARG C 50 -10.05 -12.26 -10.84
N ILE C 51 -9.82 -11.10 -10.22
CA ILE C 51 -10.81 -10.05 -10.16
C ILE C 51 -10.81 -9.29 -11.48
N GLN C 52 -9.62 -8.90 -11.97
CA GLN C 52 -9.51 -8.18 -13.23
C GLN C 52 -9.75 -9.08 -14.43
N ALA C 53 -10.06 -10.37 -14.19
CA ALA C 53 -10.32 -11.33 -15.25
C ALA C 53 -11.58 -11.00 -16.05
N GLY C 54 -12.41 -10.07 -15.56
CA GLY C 54 -13.62 -9.67 -16.27
C GLY C 54 -14.71 -9.14 -15.34
N LEU C 55 -14.35 -8.74 -14.13
CA LEU C 55 -15.32 -8.45 -13.08
C LEU C 55 -14.70 -7.58 -11.98
N THR C 56 -15.41 -7.45 -10.85
CA THR C 56 -14.92 -6.74 -9.68
C THR C 56 -15.39 -7.42 -8.38
N ALA C 57 -16.10 -8.54 -8.51
CA ALA C 57 -16.58 -9.30 -7.37
C ALA C 57 -16.67 -10.78 -7.74
N PRO C 58 -15.94 -11.66 -7.02
CA PRO C 58 -15.95 -13.10 -7.22
C PRO C 58 -17.34 -13.70 -7.37
N ASP C 59 -18.31 -13.14 -6.65
CA ASP C 59 -19.66 -13.69 -6.61
C ASP C 59 -20.62 -12.66 -6.00
N MET A 1 -7.97 -4.19 9.85
CA MET A 1 -6.73 -4.47 9.12
C MET A 1 -6.89 -5.69 8.22
N LEU A 2 -6.36 -5.60 6.99
CA LEU A 2 -6.29 -6.70 6.07
C LEU A 2 -4.81 -6.90 5.79
N ILE A 3 -4.32 -8.14 5.95
CA ILE A 3 -2.89 -8.39 6.00
C ILE A 3 -2.48 -9.38 4.92
N LEU A 4 -1.29 -9.13 4.37
CA LEU A 4 -0.75 -9.88 3.26
C LEU A 4 0.76 -10.03 3.44
N THR A 5 1.34 -11.06 2.82
CA THR A 5 2.75 -11.37 3.00
C THR A 5 3.40 -11.55 1.63
N ARG A 6 4.63 -11.07 1.49
CA ARG A 6 5.34 -11.00 0.23
C ARG A 6 6.82 -11.25 0.45
N LYS A 7 7.56 -11.28 -0.66
CA LYS A 7 9.00 -11.39 -0.66
C LYS A 7 9.53 -10.27 -1.55
N VAL A 8 10.78 -9.86 -1.34
CA VAL A 8 11.31 -8.73 -2.08
C VAL A 8 11.19 -8.95 -3.58
N GLY A 9 10.42 -8.07 -4.24
CA GLY A 9 10.17 -8.11 -5.67
C GLY A 9 8.70 -8.39 -6.00
N GLU A 10 7.91 -8.88 -5.03
CA GLU A 10 6.50 -9.19 -5.25
C GLU A 10 5.63 -7.95 -5.03
N SER A 11 4.31 -8.08 -5.25
CA SER A 11 3.41 -6.92 -5.25
C SER A 11 2.05 -7.23 -4.61
N ILE A 12 1.31 -6.16 -4.36
CA ILE A 12 0.00 -6.14 -3.71
C ILE A 12 -0.89 -5.13 -4.45
N ASN A 13 -2.21 -5.21 -4.32
CA ASN A 13 -3.10 -4.36 -5.08
C ASN A 13 -4.17 -3.71 -4.21
N ILE A 14 -4.63 -2.52 -4.65
CA ILE A 14 -5.65 -1.74 -3.95
C ILE A 14 -6.55 -1.09 -4.98
N GLY A 15 -7.87 -1.18 -4.78
CA GLY A 15 -8.84 -0.63 -5.69
C GLY A 15 -8.60 -1.13 -7.11
N ASP A 16 -8.85 -0.27 -8.10
CA ASP A 16 -8.59 -0.57 -9.50
C ASP A 16 -7.69 0.49 -10.13
N ASP A 17 -7.01 1.29 -9.28
CA ASP A 17 -6.14 2.37 -9.72
C ASP A 17 -4.82 2.38 -8.94
N ILE A 18 -4.59 1.45 -8.00
CA ILE A 18 -3.36 1.46 -7.22
C ILE A 18 -2.75 0.07 -7.11
N THR A 19 -1.42 0.03 -7.06
CA THR A 19 -0.63 -1.19 -6.86
C THR A 19 0.54 -0.83 -5.95
N ILE A 20 1.07 -1.84 -5.26
CA ILE A 20 2.16 -1.68 -4.29
C ILE A 20 3.20 -2.76 -4.56
N THR A 21 4.47 -2.46 -4.30
CA THR A 21 5.55 -3.40 -4.58
C THR A 21 6.65 -3.28 -3.54
N ILE A 22 7.06 -4.40 -2.94
CA ILE A 22 8.17 -4.44 -2.00
C ILE A 22 9.46 -4.49 -2.81
N LEU A 23 10.08 -3.33 -3.04
CA LEU A 23 11.26 -3.27 -3.90
C LEU A 23 12.42 -4.04 -3.26
N GLY A 24 12.49 -4.03 -1.93
CA GLY A 24 13.48 -4.80 -1.19
C GLY A 24 13.65 -4.28 0.24
N VAL A 25 14.65 -4.79 0.96
CA VAL A 25 14.93 -4.33 2.31
C VAL A 25 16.39 -3.89 2.43
N SER A 26 16.72 -3.26 3.56
CA SER A 26 18.04 -2.73 3.85
C SER A 26 18.33 -2.96 5.33
N GLY A 27 18.02 -4.18 5.80
CA GLY A 27 18.07 -4.50 7.21
C GLY A 27 16.64 -4.56 7.73
N GLN A 28 16.43 -4.12 8.97
CA GLN A 28 15.10 -4.06 9.55
C GLN A 28 14.32 -2.86 9.03
N GLN A 29 14.90 -2.14 8.06
CA GLN A 29 14.23 -1.11 7.30
C GLN A 29 13.89 -1.67 5.93
N VAL A 30 12.91 -1.08 5.25
CA VAL A 30 12.31 -1.64 4.04
C VAL A 30 12.06 -0.54 3.01
N ARG A 31 12.11 -0.90 1.72
CA ARG A 31 11.82 0.01 0.64
C ARG A 31 10.65 -0.54 -0.17
N ILE A 32 9.63 0.29 -0.33
CA ILE A 32 8.37 -0.10 -0.94
C ILE A 32 7.95 0.99 -1.91
N GLY A 33 7.45 0.57 -3.07
CA GLY A 33 7.01 1.48 -4.11
C GLY A 33 5.49 1.45 -4.23
N ILE A 34 4.95 2.50 -4.84
CA ILE A 34 3.52 2.68 -5.00
C ILE A 34 3.29 3.10 -6.44
N ASN A 35 2.16 2.70 -7.00
CA ASN A 35 1.87 2.92 -8.41
C ASN A 35 0.42 3.36 -8.55
N ALA A 36 0.21 4.67 -8.55
CA ALA A 36 -1.12 5.25 -8.61
C ALA A 36 -1.10 6.52 -9.46
N PRO A 37 -2.27 6.92 -9.99
CA PRO A 37 -2.45 8.18 -10.68
C PRO A 37 -2.34 9.36 -9.72
N LYS A 38 -2.09 10.54 -10.30
CA LYS A 38 -2.11 11.79 -9.55
C LYS A 38 -3.54 12.12 -9.13
N ASP A 39 -4.49 11.25 -9.51
CA ASP A 39 -5.87 11.31 -9.07
C ASP A 39 -5.95 11.04 -7.57
N VAL A 40 -4.85 10.53 -6.99
CA VAL A 40 -4.76 10.19 -5.58
C VAL A 40 -3.39 10.59 -5.05
N ALA A 41 -3.28 10.74 -3.72
CA ALA A 41 -2.03 11.14 -3.09
C ALA A 41 -1.50 9.98 -2.26
N VAL A 42 -0.17 9.88 -2.15
CA VAL A 42 0.47 8.79 -1.40
C VAL A 42 1.73 9.32 -0.72
N HIS A 43 1.73 9.32 0.61
CA HIS A 43 2.86 9.86 1.36
C HIS A 43 2.96 9.23 2.75
N ARG A 44 4.10 9.43 3.42
CA ARG A 44 4.28 9.01 4.80
C ARG A 44 3.42 9.88 5.71
N GLU A 45 3.06 9.37 6.89
CA GLU A 45 2.19 10.09 7.82
C GLU A 45 2.72 11.49 8.13
N GLU A 46 4.05 11.66 8.09
CA GLU A 46 4.68 12.92 8.39
C GLU A 46 4.45 13.97 7.30
N ILE A 47 4.28 13.54 6.05
CA ILE A 47 3.99 14.44 4.94
C ILE A 47 2.48 14.56 4.81
N TYR A 48 1.77 13.49 5.14
CA TYR A 48 0.32 13.41 5.00
C TYR A 48 -0.40 14.50 5.78
N GLN A 49 0.19 14.94 6.91
CA GLN A 49 -0.41 15.95 7.76
C GLN A 49 -0.41 17.32 7.08
N ARG A 50 0.42 17.51 6.04
CA ARG A 50 0.41 18.76 5.29
C ARG A 50 -0.65 18.67 4.20
N ILE A 51 -1.04 17.45 3.81
CA ILE A 51 -2.03 17.23 2.77
C ILE A 51 -3.42 17.61 3.30
N GLN A 52 -3.71 17.14 4.52
CA GLN A 52 -5.00 17.35 5.16
C GLN A 52 -5.07 18.73 5.83
N ALA A 53 -4.01 19.52 5.70
CA ALA A 53 -3.96 20.85 6.28
C ALA A 53 -4.94 21.81 5.62
N GLY A 54 -5.45 21.46 4.43
CA GLY A 54 -6.45 22.28 3.75
C GLY A 54 -6.24 22.37 2.25
N LEU A 55 -5.77 21.29 1.61
CA LEU A 55 -5.33 21.40 0.22
C LEU A 55 -5.40 20.09 -0.57
N THR A 56 -6.28 19.15 -0.20
CA THR A 56 -6.46 17.97 -1.04
C THR A 56 -7.10 18.35 -2.38
N ALA A 57 -7.47 19.63 -2.53
CA ALA A 57 -8.02 20.20 -3.74
C ALA A 57 -7.65 21.69 -3.79
N PRO A 58 -6.37 21.99 -4.06
CA PRO A 58 -5.81 23.35 -4.01
C PRO A 58 -6.67 24.38 -4.73
N ASP A 59 -7.21 23.99 -5.89
CA ASP A 59 -7.99 24.89 -6.73
C ASP A 59 -8.67 24.11 -7.86
N MET C 1 6.14 5.30 -10.35
CA MET C 1 6.40 4.71 -9.03
C MET C 1 6.75 5.80 -8.02
N LEU C 2 6.08 5.79 -6.86
CA LEU C 2 6.36 6.69 -5.76
C LEU C 2 6.89 5.81 -4.64
N ILE C 3 8.08 6.11 -4.12
CA ILE C 3 8.76 5.20 -3.21
C ILE C 3 9.02 5.86 -1.88
N LEU C 4 8.96 5.06 -0.83
CA LEU C 4 9.18 5.49 0.54
C LEU C 4 9.99 4.42 1.25
N THR C 5 10.69 4.82 2.31
CA THR C 5 11.56 3.92 3.04
C THR C 5 11.17 3.95 4.51
N ARG C 6 10.98 2.78 5.11
CA ARG C 6 10.45 2.69 6.46
C ARG C 6 11.13 1.60 7.26
N LYS C 7 10.67 1.44 8.50
CA LYS C 7 11.16 0.41 9.40
C LYS C 7 9.97 -0.33 9.98
N VAL C 8 10.20 -1.58 10.41
CA VAL C 8 9.12 -2.41 10.90
C VAL C 8 8.37 -1.73 12.03
N GLY C 9 7.09 -1.45 11.78
CA GLY C 9 6.19 -0.80 12.74
C GLY C 9 5.59 0.50 12.21
N GLU C 10 6.18 1.10 11.18
CA GLU C 10 5.68 2.36 10.62
C GLU C 10 4.45 2.16 9.74
N SER C 11 3.85 3.28 9.33
CA SER C 11 2.65 3.30 8.50
C SER C 11 2.75 4.38 7.42
N ILE C 12 1.88 4.29 6.42
CA ILE C 12 1.85 5.15 5.23
C ILE C 12 0.40 5.42 4.85
N ASN C 13 0.14 6.47 4.06
CA ASN C 13 -1.22 6.86 3.70
C ASN C 13 -1.41 6.86 2.19
N ILE C 14 -2.65 6.56 1.77
CA ILE C 14 -3.08 6.54 0.38
C ILE C 14 -4.47 7.13 0.29
N GLY C 15 -4.68 8.03 -0.67
CA GLY C 15 -5.96 8.69 -0.85
C GLY C 15 -6.42 9.34 0.45
N ASP C 16 -7.72 9.27 0.72
CA ASP C 16 -8.31 9.82 1.94
C ASP C 16 -9.11 8.74 2.67
N ASP C 17 -8.89 7.47 2.31
CA ASP C 17 -9.65 6.36 2.85
C ASP C 17 -8.78 5.12 3.12
N ILE C 18 -7.46 5.20 2.88
CA ILE C 18 -6.61 4.03 3.06
C ILE C 18 -5.34 4.37 3.83
N THR C 19 -4.85 3.39 4.60
CA THR C 19 -3.59 3.45 5.32
C THR C 19 -2.90 2.10 5.17
N ILE C 20 -1.56 2.11 5.25
CA ILE C 20 -0.74 0.93 5.04
C ILE C 20 0.25 0.82 6.20
N THR C 21 0.67 -0.39 6.54
CA THR C 21 1.57 -0.60 7.67
C THR C 21 2.53 -1.76 7.39
N ILE C 22 3.75 -1.65 7.92
CA ILE C 22 4.76 -2.71 7.84
C ILE C 22 4.81 -3.40 9.20
N LEU C 23 4.05 -4.49 9.35
CA LEU C 23 3.95 -5.15 10.64
C LEU C 23 5.29 -5.79 11.02
N GLY C 24 6.09 -6.19 10.02
CA GLY C 24 7.44 -6.67 10.26
C GLY C 24 7.97 -7.50 9.10
N VAL C 25 9.06 -8.23 9.32
CA VAL C 25 9.62 -9.13 8.31
C VAL C 25 9.84 -10.52 8.91
N SER C 26 10.14 -11.51 8.06
CA SER C 26 10.37 -12.89 8.46
C SER C 26 11.52 -13.47 7.63
N GLY C 27 12.56 -12.65 7.47
CA GLY C 27 13.65 -12.94 6.56
C GLY C 27 13.50 -12.02 5.36
N GLN C 28 13.82 -12.51 4.16
CA GLN C 28 13.65 -11.74 2.94
C GLN C 28 12.17 -11.67 2.52
N GLN C 29 11.26 -12.19 3.36
CA GLN C 29 9.84 -11.99 3.18
C GLN C 29 9.36 -10.93 4.17
N VAL C 30 8.22 -10.30 3.87
CA VAL C 30 7.77 -9.12 4.59
C VAL C 30 6.28 -9.24 4.91
N ARG C 31 5.86 -8.67 6.05
CA ARG C 31 4.50 -8.73 6.56
C ARG C 31 3.92 -7.33 6.52
N ILE C 32 2.85 -7.15 5.75
CA ILE C 32 2.29 -5.82 5.48
C ILE C 32 0.79 -5.85 5.75
N GLY C 33 0.27 -4.74 6.27
CA GLY C 33 -1.14 -4.61 6.60
C GLY C 33 -1.75 -3.43 5.88
N ILE C 34 -3.08 -3.44 5.76
CA ILE C 34 -3.84 -2.42 5.05
C ILE C 34 -5.05 -2.08 5.89
N ASN C 35 -5.48 -0.84 5.81
CA ASN C 35 -6.59 -0.34 6.60
C ASN C 35 -7.49 0.51 5.70
N ALA C 36 -8.52 -0.11 5.16
CA ALA C 36 -9.42 0.54 4.21
C ALA C 36 -10.86 0.08 4.42
N PRO C 37 -11.82 0.89 3.97
CA PRO C 37 -13.23 0.55 3.96
C PRO C 37 -13.54 -0.54 2.93
N LYS C 38 -14.70 -1.21 3.11
CA LYS C 38 -15.20 -2.17 2.14
C LYS C 38 -15.64 -1.46 0.86
N ASP C 39 -15.59 -0.13 0.87
CA ASP C 39 -15.82 0.72 -0.29
C ASP C 39 -14.72 0.52 -1.34
N VAL C 40 -13.64 -0.19 -0.96
CA VAL C 40 -12.51 -0.45 -1.83
C VAL C 40 -12.03 -1.89 -1.62
N ALA C 41 -11.30 -2.41 -2.61
CA ALA C 41 -10.84 -3.78 -2.58
C ALA C 41 -9.33 -3.84 -2.32
N VAL C 42 -8.88 -4.84 -1.58
CA VAL C 42 -7.44 -5.01 -1.31
C VAL C 42 -7.10 -6.50 -1.28
N HIS C 43 -6.13 -6.89 -2.11
CA HIS C 43 -5.72 -8.30 -2.19
C HIS C 43 -4.29 -8.38 -2.71
N ARG C 44 -3.67 -9.57 -2.58
CA ARG C 44 -2.38 -9.82 -3.21
C ARG C 44 -2.60 -10.18 -4.67
N GLU C 45 -1.55 -10.08 -5.48
CA GLU C 45 -1.63 -10.34 -6.92
C GLU C 45 -2.32 -11.66 -7.25
N GLU C 46 -2.17 -12.68 -6.41
CA GLU C 46 -2.78 -13.98 -6.71
C GLU C 46 -4.30 -13.90 -6.72
N ILE C 47 -4.91 -13.15 -5.78
CA ILE C 47 -6.36 -13.04 -5.71
C ILE C 47 -6.81 -11.96 -6.69
N TYR C 48 -6.02 -10.90 -6.81
CA TYR C 48 -6.36 -9.75 -7.63
C TYR C 48 -6.57 -10.12 -9.09
N GLN C 49 -5.88 -11.15 -9.56
CA GLN C 49 -5.96 -11.56 -10.95
C GLN C 49 -7.28 -12.24 -11.29
N ARG C 50 -8.04 -12.70 -10.28
CA ARG C 50 -9.37 -13.27 -10.52
C ARG C 50 -10.39 -12.14 -10.55
N ILE C 51 -10.04 -11.00 -9.96
CA ILE C 51 -10.93 -9.85 -9.95
C ILE C 51 -10.89 -9.21 -11.33
N GLN C 52 -9.70 -8.82 -11.80
CA GLN C 52 -9.56 -8.17 -13.10
C GLN C 52 -9.88 -9.13 -14.27
N ALA C 53 -10.26 -10.38 -13.96
CA ALA C 53 -10.60 -11.36 -14.98
C ALA C 53 -11.88 -10.98 -15.72
N GLY C 54 -12.63 -9.98 -15.23
CA GLY C 54 -13.85 -9.54 -15.89
C GLY C 54 -14.78 -8.72 -14.99
N LEU C 55 -14.28 -8.27 -13.83
CA LEU C 55 -15.13 -7.68 -12.81
C LEU C 55 -14.31 -6.86 -11.80
N THR C 56 -14.97 -6.33 -10.77
CA THR C 56 -14.29 -5.57 -9.72
C THR C 56 -15.00 -5.75 -8.37
N ALA C 57 -16.00 -6.62 -8.30
CA ALA C 57 -16.74 -6.87 -7.07
C ALA C 57 -17.25 -8.31 -7.04
N PRO C 58 -16.89 -9.08 -6.00
CA PRO C 58 -17.41 -10.41 -5.74
C PRO C 58 -18.93 -10.48 -5.71
N ASP C 59 -19.45 -11.70 -5.56
CA ASP C 59 -20.88 -11.99 -5.54
C ASP C 59 -21.61 -11.30 -4.39
N MET A 1 -8.24 -3.95 9.76
CA MET A 1 -6.94 -4.30 9.14
C MET A 1 -7.09 -5.52 8.24
N LEU A 2 -6.35 -5.55 7.13
CA LEU A 2 -6.30 -6.70 6.25
C LEU A 2 -4.82 -6.97 6.00
N ILE A 3 -4.32 -8.12 6.46
CA ILE A 3 -2.90 -8.43 6.42
C ILE A 3 -2.60 -9.33 5.24
N LEU A 4 -1.40 -9.15 4.69
CA LEU A 4 -0.88 -9.91 3.57
C LEU A 4 0.61 -10.10 3.75
N THR A 5 1.16 -11.13 3.10
CA THR A 5 2.56 -11.45 3.22
C THR A 5 3.17 -11.50 1.82
N ARG A 6 4.39 -10.97 1.70
CA ARG A 6 5.07 -10.80 0.43
C ARG A 6 6.54 -11.18 0.60
N LYS A 7 7.33 -11.09 -0.47
CA LYS A 7 8.77 -11.26 -0.41
C LYS A 7 9.40 -10.32 -1.41
N VAL A 8 10.67 -9.95 -1.18
CA VAL A 8 11.30 -8.93 -2.02
C VAL A 8 11.19 -9.28 -3.50
N GLY A 9 10.66 -8.34 -4.27
CA GLY A 9 10.52 -8.48 -5.72
C GLY A 9 9.08 -8.80 -6.15
N GLU A 10 8.12 -8.76 -5.23
CA GLU A 10 6.73 -9.09 -5.54
C GLU A 10 5.80 -7.89 -5.24
N SER A 11 4.50 -8.03 -5.48
CA SER A 11 3.57 -6.91 -5.39
C SER A 11 2.24 -7.24 -4.70
N ILE A 12 1.48 -6.19 -4.39
CA ILE A 12 0.19 -6.22 -3.69
C ILE A 12 -0.71 -5.20 -4.38
N ASN A 13 -2.04 -5.29 -4.22
CA ASN A 13 -2.96 -4.46 -4.97
C ASN A 13 -4.03 -3.81 -4.10
N ILE A 14 -4.48 -2.63 -4.52
CA ILE A 14 -5.50 -1.83 -3.84
C ILE A 14 -6.38 -1.15 -4.88
N GLY A 15 -7.71 -1.18 -4.65
CA GLY A 15 -8.66 -0.61 -5.58
C GLY A 15 -8.47 -1.17 -6.98
N ASP A 16 -8.71 -0.34 -7.98
CA ASP A 16 -8.50 -0.68 -9.38
C ASP A 16 -7.57 0.34 -10.04
N ASP A 17 -6.88 1.15 -9.22
CA ASP A 17 -5.99 2.20 -9.68
C ASP A 17 -4.68 2.24 -8.91
N ILE A 18 -4.45 1.32 -7.96
CA ILE A 18 -3.23 1.34 -7.16
C ILE A 18 -2.60 -0.04 -7.04
N THR A 19 -1.27 -0.05 -7.00
CA THR A 19 -0.46 -1.26 -6.81
C THR A 19 0.72 -0.89 -5.91
N ILE A 20 1.26 -1.89 -5.22
CA ILE A 20 2.36 -1.72 -4.29
C ILE A 20 3.41 -2.79 -4.62
N THR A 21 4.69 -2.49 -4.39
CA THR A 21 5.77 -3.41 -4.71
C THR A 21 6.88 -3.34 -3.68
N ILE A 22 7.24 -4.48 -3.09
CA ILE A 22 8.30 -4.60 -2.11
C ILE A 22 9.62 -4.74 -2.88
N LEU A 23 10.31 -3.62 -3.13
CA LEU A 23 11.48 -3.62 -3.99
C LEU A 23 12.64 -4.36 -3.31
N GLY A 24 12.65 -4.37 -1.97
CA GLY A 24 13.64 -5.10 -1.20
C GLY A 24 13.74 -4.57 0.23
N VAL A 25 14.75 -5.05 0.98
CA VAL A 25 14.99 -4.58 2.34
C VAL A 25 16.46 -4.19 2.51
N SER A 26 16.78 -3.58 3.65
CA SER A 26 18.11 -3.09 3.98
C SER A 26 18.35 -3.34 5.48
N GLY A 27 17.99 -4.53 5.93
CA GLY A 27 18.00 -4.88 7.34
C GLY A 27 16.56 -4.92 7.86
N GLN A 28 16.36 -4.49 9.11
CA GLN A 28 15.01 -4.38 9.64
C GLN A 28 14.27 -3.17 9.07
N GLN A 29 14.90 -2.48 8.11
CA GLN A 29 14.25 -1.45 7.32
C GLN A 29 13.89 -2.03 5.96
N VAL A 30 12.88 -1.46 5.32
CA VAL A 30 12.26 -2.02 4.13
C VAL A 30 12.07 -0.90 3.11
N ARG A 31 12.11 -1.24 1.81
CA ARG A 31 11.96 -0.27 0.75
C ARG A 31 10.90 -0.75 -0.23
N ILE A 32 9.88 0.11 -0.44
CA ILE A 32 8.66 -0.25 -1.13
C ILE A 32 8.29 0.87 -2.11
N GLY A 33 7.66 0.48 -3.22
CA GLY A 33 7.22 1.41 -4.23
C GLY A 33 5.71 1.43 -4.29
N ILE A 34 5.16 2.47 -4.91
CA ILE A 34 3.73 2.68 -5.03
C ILE A 34 3.47 3.08 -6.47
N ASN A 35 2.31 2.68 -6.98
CA ASN A 35 1.98 2.88 -8.39
C ASN A 35 0.52 3.30 -8.49
N ALA A 36 0.30 4.61 -8.50
CA ALA A 36 -1.03 5.19 -8.55
C ALA A 36 -1.05 6.43 -9.43
N PRO A 37 -2.23 6.77 -9.97
CA PRO A 37 -2.45 8.00 -10.70
C PRO A 37 -2.38 9.21 -9.79
N LYS A 38 -2.17 10.39 -10.39
CA LYS A 38 -2.24 11.64 -9.66
C LYS A 38 -3.67 11.94 -9.23
N ASP A 39 -4.59 11.03 -9.59
CA ASP A 39 -5.97 11.06 -9.15
C ASP A 39 -6.06 10.82 -7.65
N VAL A 40 -4.95 10.35 -7.05
CA VAL A 40 -4.87 10.03 -5.63
C VAL A 40 -3.53 10.51 -5.08
N ALA A 41 -3.46 10.66 -3.75
CA ALA A 41 -2.26 11.13 -3.08
C ALA A 41 -1.62 9.99 -2.28
N VAL A 42 -0.29 10.00 -2.17
CA VAL A 42 0.43 9.00 -1.40
C VAL A 42 1.61 9.65 -0.68
N HIS A 43 1.71 9.48 0.64
CA HIS A 43 2.82 10.02 1.40
C HIS A 43 3.04 9.25 2.70
N ARG A 44 4.20 9.45 3.33
CA ARG A 44 4.47 8.93 4.66
C ARG A 44 3.68 9.75 5.67
N GLU A 45 3.39 9.19 6.84
CA GLU A 45 2.63 9.86 7.88
C GLU A 45 3.21 11.23 8.23
N GLU A 46 4.51 11.45 8.01
CA GLU A 46 5.14 12.71 8.36
C GLU A 46 4.85 13.81 7.33
N ILE A 47 4.60 13.43 6.06
CA ILE A 47 4.26 14.39 5.02
C ILE A 47 2.74 14.52 5.00
N TYR A 48 2.06 13.42 5.29
CA TYR A 48 0.61 13.34 5.24
C TYR A 48 -0.07 14.36 6.15
N GLN A 49 0.58 14.70 7.27
CA GLN A 49 0.03 15.65 8.23
C GLN A 49 0.03 17.07 7.66
N ARG A 50 0.79 17.33 6.60
CA ARG A 50 0.76 18.63 5.94
C ARG A 50 -0.38 18.64 4.92
N ILE A 51 -0.81 17.46 4.47
CA ILE A 51 -1.87 17.33 3.48
C ILE A 51 -3.21 17.67 4.14
N GLN A 52 -3.44 17.10 5.33
CA GLN A 52 -4.67 17.26 6.08
C GLN A 52 -4.68 18.57 6.86
N ALA A 53 -3.62 19.38 6.73
CA ALA A 53 -3.52 20.64 7.44
C ALA A 53 -4.57 21.66 6.98
N GLY A 54 -5.19 21.43 5.82
CA GLY A 54 -6.25 22.30 5.33
C GLY A 54 -6.17 22.55 3.83
N LEU A 55 -5.73 21.56 3.03
CA LEU A 55 -5.41 21.80 1.64
C LEU A 55 -5.56 20.59 0.72
N THR A 56 -6.37 19.60 1.09
CA THR A 56 -6.69 18.55 0.14
C THR A 56 -7.54 19.11 -1.01
N ALA A 57 -7.97 20.37 -0.85
CA ALA A 57 -8.70 21.13 -1.84
C ALA A 57 -8.33 22.61 -1.65
N PRO A 58 -7.13 23.00 -2.11
CA PRO A 58 -6.56 24.33 -1.94
C PRO A 58 -7.47 25.48 -2.34
N ASP A 59 -7.04 26.71 -2.03
CA ASP A 59 -7.78 27.93 -2.30
C ASP A 59 -8.03 28.16 -3.79
N MET C 1 6.20 5.30 -10.56
CA MET C 1 6.40 4.71 -9.22
C MET C 1 6.78 5.80 -8.23
N LEU C 2 6.38 5.62 -6.96
CA LEU C 2 6.74 6.52 -5.88
C LEU C 2 7.25 5.65 -4.73
N ILE C 3 8.53 5.82 -4.36
CA ILE C 3 9.19 4.93 -3.41
C ILE C 3 9.37 5.61 -2.06
N LEU C 4 9.35 4.79 -1.02
CA LEU C 4 9.55 5.19 0.36
C LEU C 4 10.34 4.09 1.07
N THR C 5 11.04 4.46 2.14
CA THR C 5 11.83 3.53 2.92
C THR C 5 11.43 3.67 4.38
N ARG C 6 11.20 2.54 5.05
CA ARG C 6 10.67 2.52 6.41
C ARG C 6 11.30 1.43 7.23
N LYS C 7 10.87 1.32 8.49
CA LYS C 7 11.30 0.28 9.40
C LYS C 7 10.09 -0.42 9.97
N VAL C 8 10.25 -1.67 10.40
CA VAL C 8 9.12 -2.44 10.91
C VAL C 8 8.41 -1.70 12.04
N GLY C 9 7.12 -1.43 11.81
CA GLY C 9 6.28 -0.72 12.77
C GLY C 9 5.74 0.61 12.23
N GLU C 10 6.35 1.16 11.17
CA GLU C 10 5.90 2.41 10.58
C GLU C 10 4.64 2.23 9.73
N SER C 11 4.06 3.36 9.30
CA SER C 11 2.83 3.37 8.50
C SER C 11 2.92 4.43 7.40
N ILE C 12 2.08 4.28 6.38
CA ILE C 12 2.05 5.10 5.17
C ILE C 12 0.58 5.36 4.79
N ASN C 13 0.32 6.37 3.97
CA ASN C 13 -1.04 6.78 3.66
C ASN C 13 -1.29 6.82 2.15
N ILE C 14 -2.54 6.52 1.77
CA ILE C 14 -2.99 6.52 0.39
C ILE C 14 -4.40 7.11 0.34
N GLY C 15 -4.64 8.05 -0.57
CA GLY C 15 -5.92 8.71 -0.69
C GLY C 15 -6.33 9.32 0.65
N ASP C 16 -7.63 9.30 0.93
CA ASP C 16 -8.19 9.80 2.18
C ASP C 16 -9.02 8.70 2.87
N ASP C 17 -8.85 7.44 2.43
CA ASP C 17 -9.59 6.31 2.95
C ASP C 17 -8.69 5.09 3.19
N ILE C 18 -7.39 5.18 2.94
CA ILE C 18 -6.52 4.01 3.10
C ILE C 18 -5.23 4.36 3.84
N THR C 19 -4.73 3.38 4.60
CA THR C 19 -3.47 3.46 5.32
C THR C 19 -2.79 2.10 5.22
N ILE C 20 -1.45 2.08 5.34
CA ILE C 20 -0.64 0.88 5.19
C ILE C 20 0.33 0.82 6.36
N THR C 21 0.72 -0.39 6.79
CA THR C 21 1.61 -0.57 7.93
C THR C 21 2.50 -1.80 7.73
N ILE C 22 3.81 -1.63 7.92
CA ILE C 22 4.77 -2.74 7.89
C ILE C 22 4.75 -3.38 9.27
N LEU C 23 4.03 -4.50 9.44
CA LEU C 23 3.90 -5.12 10.75
C LEU C 23 5.23 -5.77 11.16
N GLY C 24 6.03 -6.18 10.17
CA GLY C 24 7.35 -6.73 10.40
C GLY C 24 7.80 -7.61 9.24
N VAL C 25 8.91 -8.33 9.42
CA VAL C 25 9.40 -9.26 8.40
C VAL C 25 9.65 -10.63 9.01
N SER C 26 9.91 -11.61 8.15
CA SER C 26 10.08 -13.01 8.53
C SER C 26 11.17 -13.63 7.66
N GLY C 27 12.29 -12.92 7.53
CA GLY C 27 13.35 -13.28 6.61
C GLY C 27 13.28 -12.31 5.43
N GLN C 28 13.56 -12.79 4.21
CA GLN C 28 13.42 -11.94 3.03
C GLN C 28 11.95 -11.77 2.66
N GLN C 29 11.04 -12.51 3.30
CA GLN C 29 9.62 -12.26 3.20
C GLN C 29 9.25 -11.13 4.16
N VAL C 30 8.12 -10.47 3.90
CA VAL C 30 7.70 -9.28 4.61
C VAL C 30 6.20 -9.39 4.89
N ARG C 31 5.73 -8.81 5.99
CA ARG C 31 4.32 -8.89 6.35
C ARG C 31 3.79 -7.50 6.62
N ILE C 32 2.69 -7.17 5.94
CA ILE C 32 2.17 -5.82 5.84
C ILE C 32 0.67 -5.85 6.12
N GLY C 33 0.14 -4.77 6.67
CA GLY C 33 -1.27 -4.63 6.95
C GLY C 33 -1.84 -3.48 6.14
N ILE C 34 -3.15 -3.50 5.94
CA ILE C 34 -3.85 -2.50 5.16
C ILE C 34 -5.09 -2.10 5.95
N ASN C 35 -5.48 -0.84 5.81
CA ASN C 35 -6.58 -0.29 6.59
C ASN C 35 -7.44 0.56 5.68
N ALA C 36 -8.49 -0.06 5.12
CA ALA C 36 -9.39 0.59 4.19
C ALA C 36 -10.83 0.10 4.41
N PRO C 37 -11.81 0.90 4.00
CA PRO C 37 -13.21 0.50 3.99
C PRO C 37 -13.47 -0.59 2.96
N LYS C 38 -14.55 -1.34 3.14
CA LYS C 38 -15.00 -2.30 2.15
C LYS C 38 -15.43 -1.58 0.86
N ASP C 39 -15.37 -0.25 0.88
CA ASP C 39 -15.63 0.58 -0.28
C ASP C 39 -14.53 0.42 -1.33
N VAL C 40 -13.46 -0.30 -0.99
CA VAL C 40 -12.34 -0.55 -1.88
C VAL C 40 -11.88 -2.00 -1.71
N ALA C 41 -11.16 -2.52 -2.71
CA ALA C 41 -10.70 -3.89 -2.70
C ALA C 41 -9.21 -3.94 -2.40
N VAL C 42 -8.77 -4.94 -1.64
CA VAL C 42 -7.35 -5.13 -1.36
C VAL C 42 -7.02 -6.62 -1.34
N HIS C 43 -6.04 -7.04 -2.15
CA HIS C 43 -5.67 -8.44 -2.21
C HIS C 43 -4.24 -8.62 -2.71
N ARG C 44 -3.74 -9.85 -2.60
CA ARG C 44 -2.46 -10.25 -3.16
C ARG C 44 -2.60 -10.36 -4.68
N GLU C 45 -1.50 -10.27 -5.42
CA GLU C 45 -1.55 -10.36 -6.88
C GLU C 45 -2.24 -11.64 -7.36
N GLU C 46 -2.06 -12.76 -6.66
CA GLU C 46 -2.66 -14.01 -7.09
C GLU C 46 -4.19 -14.00 -6.92
N ILE C 47 -4.72 -13.04 -6.17
CA ILE C 47 -6.16 -12.88 -5.99
C ILE C 47 -6.68 -11.81 -6.94
N TYR C 48 -5.91 -10.71 -7.03
CA TYR C 48 -6.26 -9.53 -7.79
C TYR C 48 -6.43 -9.84 -9.26
N GLN C 49 -5.73 -10.85 -9.76
CA GLN C 49 -5.76 -11.18 -11.18
C GLN C 49 -7.08 -11.82 -11.57
N ARG C 50 -7.88 -12.30 -10.61
CA ARG C 50 -9.21 -12.85 -10.90
C ARG C 50 -10.23 -11.71 -10.94
N ILE C 51 -9.90 -10.58 -10.31
CA ILE C 51 -10.80 -9.44 -10.22
C ILE C 51 -10.69 -8.60 -11.50
N GLN C 52 -9.47 -8.43 -12.02
CA GLN C 52 -9.24 -7.68 -13.24
C GLN C 52 -9.51 -8.53 -14.49
N ALA C 53 -9.94 -9.79 -14.29
CA ALA C 53 -10.19 -10.71 -15.38
C ALA C 53 -11.29 -10.24 -16.33
N GLY C 54 -12.11 -9.25 -15.92
CA GLY C 54 -13.16 -8.72 -16.76
C GLY C 54 -14.43 -8.38 -16.00
N LEU C 55 -14.31 -8.00 -14.72
CA LEU C 55 -15.49 -7.82 -13.88
C LEU C 55 -15.32 -6.76 -12.79
N THR C 56 -14.14 -6.69 -12.17
CA THR C 56 -13.85 -5.81 -11.03
C THR C 56 -15.05 -5.65 -10.09
N ALA C 57 -15.79 -6.75 -9.87
CA ALA C 57 -16.96 -6.74 -9.01
C ALA C 57 -17.18 -8.14 -8.42
N PRO C 58 -16.36 -8.54 -7.43
CA PRO C 58 -16.45 -9.82 -6.75
C PRO C 58 -17.85 -10.20 -6.25
N ASP C 59 -17.97 -11.46 -5.84
CA ASP C 59 -19.21 -12.06 -5.39
C ASP C 59 -19.75 -11.44 -4.10
N MET A 1 -8.16 -4.04 9.86
CA MET A 1 -6.89 -4.37 9.17
C MET A 1 -7.08 -5.59 8.28
N LEU A 2 -6.54 -5.51 7.06
CA LEU A 2 -6.47 -6.65 6.15
C LEU A 2 -4.98 -6.87 5.92
N ILE A 3 -4.51 -8.11 6.11
CA ILE A 3 -3.09 -8.38 6.18
C ILE A 3 -2.69 -9.41 5.13
N LEU A 4 -1.48 -9.21 4.63
CA LEU A 4 -0.91 -10.01 3.56
C LEU A 4 0.57 -10.20 3.84
N THR A 5 1.15 -11.25 3.27
CA THR A 5 2.57 -11.53 3.42
C THR A 5 3.17 -11.60 2.03
N ARG A 6 4.40 -11.09 1.89
CA ARG A 6 5.05 -10.89 0.60
C ARG A 6 6.52 -11.25 0.73
N LYS A 7 7.28 -11.16 -0.36
CA LYS A 7 8.72 -11.33 -0.33
C LYS A 7 9.33 -10.42 -1.38
N VAL A 8 10.59 -10.02 -1.19
CA VAL A 8 11.18 -9.02 -2.07
C VAL A 8 11.05 -9.39 -3.55
N GLY A 9 10.48 -8.47 -4.31
CA GLY A 9 10.30 -8.65 -5.75
C GLY A 9 8.86 -8.97 -6.15
N GLU A 10 7.91 -8.96 -5.20
CA GLU A 10 6.51 -9.26 -5.46
C GLU A 10 5.62 -8.04 -5.23
N SER A 11 4.32 -8.15 -5.49
CA SER A 11 3.40 -7.01 -5.46
C SER A 11 2.06 -7.30 -4.79
N ILE A 12 1.30 -6.23 -4.56
CA ILE A 12 -0.02 -6.22 -3.93
C ILE A 12 -0.87 -5.14 -4.62
N ASN A 13 -2.19 -5.21 -4.49
CA ASN A 13 -3.09 -4.31 -5.20
C ASN A 13 -4.11 -3.66 -4.26
N ILE A 14 -4.57 -2.49 -4.67
CA ILE A 14 -5.58 -1.70 -3.96
C ILE A 14 -6.50 -1.02 -4.98
N GLY A 15 -7.80 -1.11 -4.76
CA GLY A 15 -8.79 -0.53 -5.67
C GLY A 15 -8.55 -1.03 -7.09
N ASP A 16 -8.79 -0.15 -8.06
CA ASP A 16 -8.57 -0.42 -9.47
C ASP A 16 -7.65 0.64 -10.08
N ASP A 17 -6.96 1.41 -9.23
CA ASP A 17 -6.07 2.49 -9.66
C ASP A 17 -4.75 2.48 -8.90
N ILE A 18 -4.52 1.53 -7.97
CA ILE A 18 -3.29 1.55 -7.19
C ILE A 18 -2.68 0.14 -7.12
N THR A 19 -1.35 0.09 -7.08
CA THR A 19 -0.57 -1.13 -6.92
C THR A 19 0.61 -0.84 -6.01
N ILE A 20 1.15 -1.87 -5.36
CA ILE A 20 2.25 -1.76 -4.41
C ILE A 20 3.27 -2.85 -4.73
N THR A 21 4.55 -2.58 -4.47
CA THR A 21 5.62 -3.53 -4.76
C THR A 21 6.71 -3.44 -3.71
N ILE A 22 7.11 -4.59 -3.18
CA ILE A 22 8.18 -4.68 -2.18
C ILE A 22 9.51 -4.83 -2.92
N LEU A 23 10.18 -3.71 -3.19
CA LEU A 23 11.37 -3.71 -4.04
C LEU A 23 12.52 -4.42 -3.36
N GLY A 24 12.53 -4.43 -2.02
CA GLY A 24 13.55 -5.15 -1.26
C GLY A 24 13.64 -4.65 0.18
N VAL A 25 14.64 -5.14 0.93
CA VAL A 25 14.89 -4.68 2.29
C VAL A 25 16.37 -4.36 2.46
N SER A 26 16.70 -3.75 3.61
CA SER A 26 18.06 -3.32 3.93
C SER A 26 18.28 -3.51 5.43
N GLY A 27 17.91 -4.68 5.93
CA GLY A 27 17.93 -4.97 7.35
C GLY A 27 16.50 -4.95 7.88
N GLN A 28 16.31 -4.46 9.10
CA GLN A 28 14.96 -4.29 9.65
C GLN A 28 14.26 -3.08 9.03
N GLN A 29 14.87 -2.45 8.02
CA GLN A 29 14.21 -1.45 7.22
C GLN A 29 13.80 -2.07 5.89
N VAL A 30 12.80 -1.50 5.24
CA VAL A 30 12.17 -2.07 4.05
C VAL A 30 11.96 -0.97 3.02
N ARG A 31 12.00 -1.32 1.74
CA ARG A 31 11.85 -0.36 0.64
C ARG A 31 10.76 -0.85 -0.30
N ILE A 32 9.76 0.02 -0.49
CA ILE A 32 8.53 -0.33 -1.17
C ILE A 32 8.16 0.78 -2.15
N GLY A 33 7.59 0.39 -3.29
CA GLY A 33 7.17 1.32 -4.31
C GLY A 33 5.65 1.37 -4.38
N ILE A 34 5.14 2.43 -4.97
CA ILE A 34 3.71 2.67 -5.09
C ILE A 34 3.45 3.09 -6.52
N ASN A 35 2.30 2.71 -7.05
CA ASN A 35 1.96 2.93 -8.44
C ASN A 35 0.51 3.35 -8.54
N ALA A 36 0.31 4.67 -8.53
CA ALA A 36 -1.01 5.27 -8.56
C ALA A 36 -1.01 6.51 -9.46
N PRO A 37 -2.19 6.88 -9.97
CA PRO A 37 -2.37 8.11 -10.73
C PRO A 37 -2.18 9.32 -9.82
N LYS A 38 -1.84 10.47 -10.41
CA LYS A 38 -1.73 11.72 -9.67
C LYS A 38 -3.13 12.17 -9.21
N ASP A 39 -4.16 11.40 -9.60
CA ASP A 39 -5.53 11.56 -9.17
C ASP A 39 -5.71 11.21 -7.69
N VAL A 40 -4.67 10.65 -7.06
CA VAL A 40 -4.69 10.27 -5.65
C VAL A 40 -3.37 10.64 -5.00
N ALA A 41 -3.37 10.72 -3.66
CA ALA A 41 -2.20 11.14 -2.92
C ALA A 41 -1.55 9.96 -2.20
N VAL A 42 -0.21 9.99 -2.07
CA VAL A 42 0.51 8.98 -1.32
C VAL A 42 1.71 9.63 -0.63
N HIS A 43 1.84 9.47 0.69
CA HIS A 43 2.96 10.06 1.42
C HIS A 43 3.23 9.34 2.74
N ARG A 44 4.40 9.63 3.34
CA ARG A 44 4.68 9.19 4.69
C ARG A 44 3.75 9.92 5.65
N GLU A 45 3.53 9.36 6.84
CA GLU A 45 2.69 10.01 7.84
C GLU A 45 3.23 11.40 8.19
N GLU A 46 4.51 11.63 7.94
CA GLU A 46 5.15 12.91 8.24
C GLU A 46 4.74 14.00 7.24
N ILE A 47 4.49 13.63 5.98
CA ILE A 47 4.05 14.59 4.98
C ILE A 47 2.53 14.63 4.99
N TYR A 48 1.92 13.48 5.30
CA TYR A 48 0.47 13.33 5.29
C TYR A 48 -0.22 14.32 6.22
N GLN A 49 0.45 14.69 7.32
CA GLN A 49 -0.12 15.62 8.29
C GLN A 49 -0.22 17.02 7.73
N ARG A 50 0.52 17.35 6.66
CA ARG A 50 0.40 18.64 6.01
C ARG A 50 -0.76 18.61 5.02
N ILE A 51 -1.14 17.41 4.60
CA ILE A 51 -2.25 17.22 3.67
C ILE A 51 -3.56 17.50 4.41
N GLN A 52 -3.78 16.79 5.51
CA GLN A 52 -5.02 16.87 6.28
C GLN A 52 -5.12 18.18 7.07
N ALA A 53 -4.12 19.06 6.94
CA ALA A 53 -4.12 20.34 7.61
C ALA A 53 -5.25 21.26 7.12
N GLY A 54 -5.91 20.90 6.01
CA GLY A 54 -7.03 21.68 5.48
C GLY A 54 -7.18 21.57 3.97
N LEU A 55 -6.64 20.52 3.35
CA LEU A 55 -6.52 20.44 1.91
C LEU A 55 -6.22 19.02 1.42
N THR A 56 -5.83 18.90 0.15
CA THR A 56 -5.36 17.63 -0.42
C THR A 56 -4.23 17.88 -1.42
N ALA A 57 -3.84 19.15 -1.60
CA ALA A 57 -2.80 19.55 -2.53
C ALA A 57 -2.10 20.80 -2.00
N PRO A 58 -1.05 20.63 -1.19
CA PRO A 58 -0.26 21.71 -0.60
C PRO A 58 0.25 22.75 -1.61
N ASP A 59 0.79 23.84 -1.07
CA ASP A 59 1.32 24.95 -1.84
C ASP A 59 2.45 24.51 -2.78
N MET C 1 6.17 5.33 -10.65
CA MET C 1 6.35 4.75 -9.30
C MET C 1 6.75 5.83 -8.32
N LEU C 2 6.36 5.66 -7.04
CA LEU C 2 6.75 6.54 -5.96
C LEU C 2 7.22 5.64 -4.82
N ILE C 3 8.50 5.76 -4.44
CA ILE C 3 9.15 4.86 -3.51
C ILE C 3 9.36 5.54 -2.17
N LEU C 4 9.34 4.71 -1.12
CA LEU C 4 9.56 5.13 0.25
C LEU C 4 10.34 4.02 0.96
N THR C 5 11.04 4.37 2.03
CA THR C 5 11.81 3.41 2.80
C THR C 5 11.45 3.59 4.26
N ARG C 6 11.16 2.47 4.95
CA ARG C 6 10.64 2.51 6.32
C ARG C 6 11.26 1.44 7.19
N LYS C 7 10.83 1.41 8.44
CA LYS C 7 11.30 0.46 9.44
C LYS C 7 10.11 -0.33 9.95
N VAL C 8 10.34 -1.55 10.43
CA VAL C 8 9.23 -2.36 10.90
C VAL C 8 8.47 -1.66 12.02
N GLY C 9 7.18 -1.40 11.78
CA GLY C 9 6.29 -0.73 12.71
C GLY C 9 5.72 0.57 12.18
N GLU C 10 6.33 1.16 11.14
CA GLU C 10 5.87 2.43 10.58
C GLU C 10 4.62 2.24 9.71
N SER C 11 4.03 3.36 9.28
CA SER C 11 2.82 3.38 8.47
C SER C 11 2.91 4.44 7.38
N ILE C 12 2.03 4.34 6.38
CA ILE C 12 1.99 5.19 5.18
C ILE C 12 0.53 5.42 4.81
N ASN C 13 0.24 6.46 4.01
CA ASN C 13 -1.14 6.79 3.65
C ASN C 13 -1.33 6.85 2.13
N ILE C 14 -2.56 6.55 1.70
CA ILE C 14 -2.98 6.59 0.32
C ILE C 14 -4.40 7.17 0.26
N GLY C 15 -4.62 8.12 -0.66
CA GLY C 15 -5.91 8.78 -0.77
C GLY C 15 -6.30 9.39 0.58
N ASP C 16 -7.61 9.35 0.88
CA ASP C 16 -8.15 9.85 2.14
C ASP C 16 -8.94 8.74 2.83
N ASP C 17 -8.77 7.49 2.39
CA ASP C 17 -9.54 6.35 2.89
C ASP C 17 -8.67 5.11 3.12
N ILE C 18 -7.36 5.18 2.87
CA ILE C 18 -6.52 4.00 3.02
C ILE C 18 -5.23 4.34 3.76
N THR C 19 -4.76 3.38 4.57
CA THR C 19 -3.50 3.46 5.30
C THR C 19 -2.80 2.11 5.18
N ILE C 20 -1.47 2.12 5.27
CA ILE C 20 -0.65 0.93 5.11
C ILE C 20 0.32 0.86 6.28
N THR C 21 0.71 -0.36 6.68
CA THR C 21 1.61 -0.55 7.81
C THR C 21 2.52 -1.75 7.56
N ILE C 22 3.79 -1.64 7.97
CA ILE C 22 4.76 -2.73 7.88
C ILE C 22 4.79 -3.40 9.26
N LEU C 23 4.02 -4.49 9.43
CA LEU C 23 3.92 -5.11 10.74
C LEU C 23 5.25 -5.76 11.12
N GLY C 24 6.07 -6.13 10.12
CA GLY C 24 7.42 -6.64 10.34
C GLY C 24 7.88 -7.51 9.18
N VAL C 25 8.98 -8.24 9.38
CA VAL C 25 9.50 -9.16 8.36
C VAL C 25 9.81 -10.51 9.01
N SER C 26 10.10 -11.53 8.18
CA SER C 26 10.40 -12.88 8.64
C SER C 26 11.50 -13.46 7.77
N GLY C 27 12.55 -12.66 7.56
CA GLY C 27 13.60 -12.96 6.61
C GLY C 27 13.42 -12.05 5.41
N GLN C 28 13.69 -12.54 4.20
CA GLN C 28 13.46 -11.76 3.00
C GLN C 28 11.97 -11.65 2.68
N GLN C 29 11.11 -12.42 3.36
CA GLN C 29 9.68 -12.20 3.28
C GLN C 29 9.30 -11.05 4.22
N VAL C 30 8.14 -10.43 3.97
CA VAL C 30 7.71 -9.22 4.65
C VAL C 30 6.24 -9.36 4.98
N ARG C 31 5.79 -8.73 6.08
CA ARG C 31 4.42 -8.81 6.54
C ARG C 31 3.85 -7.41 6.64
N ILE C 32 2.74 -7.21 5.93
CA ILE C 32 2.18 -5.88 5.70
C ILE C 32 0.69 -5.89 5.98
N GLY C 33 0.20 -4.79 6.55
CA GLY C 33 -1.21 -4.63 6.87
C GLY C 33 -1.78 -3.45 6.10
N ILE C 34 -3.10 -3.47 5.92
CA ILE C 34 -3.81 -2.47 5.15
C ILE C 34 -5.04 -2.08 5.94
N ASN C 35 -5.44 -0.83 5.82
CA ASN C 35 -6.54 -0.28 6.61
C ASN C 35 -7.39 0.59 5.72
N ALA C 36 -8.44 -0.02 5.15
CA ALA C 36 -9.33 0.62 4.22
C ALA C 36 -10.77 0.19 4.46
N PRO C 37 -11.74 1.01 4.02
CA PRO C 37 -13.14 0.65 4.06
C PRO C 37 -13.43 -0.50 3.11
N LYS C 38 -14.51 -1.24 3.35
CA LYS C 38 -14.95 -2.30 2.44
C LYS C 38 -15.44 -1.71 1.13
N ASP C 39 -15.44 -0.37 1.05
CA ASP C 39 -15.75 0.40 -0.13
C ASP C 39 -14.67 0.25 -1.20
N VAL C 40 -13.56 -0.40 -0.86
CA VAL C 40 -12.44 -0.62 -1.77
C VAL C 40 -11.91 -2.03 -1.59
N ALA C 41 -11.18 -2.53 -2.60
CA ALA C 41 -10.68 -3.89 -2.59
C ALA C 41 -9.17 -3.91 -2.39
N VAL C 42 -8.66 -4.93 -1.69
CA VAL C 42 -7.22 -5.09 -1.48
C VAL C 42 -6.86 -6.58 -1.48
N HIS C 43 -5.89 -6.98 -2.31
CA HIS C 43 -5.46 -8.36 -2.37
C HIS C 43 -4.07 -8.50 -2.96
N ARG C 44 -3.48 -9.70 -2.82
CA ARG C 44 -2.25 -10.07 -3.50
C ARG C 44 -2.55 -10.24 -4.98
N GLU C 45 -1.51 -10.18 -5.83
CA GLU C 45 -1.65 -10.38 -7.26
C GLU C 45 -2.33 -11.71 -7.58
N GLU C 46 -2.27 -12.70 -6.67
CA GLU C 46 -2.90 -13.98 -6.90
C GLU C 46 -4.43 -13.84 -6.81
N ILE C 47 -4.94 -13.36 -5.67
CA ILE C 47 -6.39 -13.22 -5.50
C ILE C 47 -6.90 -12.15 -6.44
N TYR C 48 -6.09 -11.12 -6.70
CA TYR C 48 -6.50 -10.02 -7.55
C TYR C 48 -6.96 -10.49 -8.91
N GLN C 49 -6.40 -11.60 -9.40
CA GLN C 49 -6.72 -12.10 -10.72
C GLN C 49 -8.17 -12.59 -10.82
N ARG C 50 -8.90 -12.68 -9.71
CA ARG C 50 -10.34 -12.97 -9.76
C ARG C 50 -11.16 -11.69 -9.91
N ILE C 51 -10.73 -10.62 -9.24
CA ILE C 51 -11.44 -9.37 -9.05
C ILE C 51 -11.83 -8.65 -10.34
N GLN C 52 -11.07 -8.88 -11.41
CA GLN C 52 -11.24 -8.15 -12.66
C GLN C 52 -11.33 -9.09 -13.87
N ALA C 53 -11.31 -10.40 -13.65
CA ALA C 53 -11.40 -11.38 -14.73
C ALA C 53 -12.80 -11.41 -15.35
N GLY C 54 -13.78 -10.76 -14.72
CA GLY C 54 -15.15 -10.74 -15.21
C GLY C 54 -16.15 -10.93 -14.07
N LEU C 55 -15.66 -10.84 -12.83
CA LEU C 55 -16.43 -11.22 -11.65
C LEU C 55 -15.83 -10.61 -10.39
N THR C 56 -16.52 -10.78 -9.26
CA THR C 56 -16.06 -10.29 -7.96
C THR C 56 -16.36 -11.31 -6.86
N ALA C 57 -16.74 -12.53 -7.25
CA ALA C 57 -17.01 -13.62 -6.32
C ALA C 57 -16.63 -14.94 -6.98
N PRO C 58 -15.78 -15.75 -6.32
CA PRO C 58 -15.41 -17.08 -6.75
C PRO C 58 -16.59 -18.00 -7.11
N ASP C 59 -16.26 -19.19 -7.62
CA ASP C 59 -17.23 -20.18 -8.08
C ASP C 59 -18.18 -20.64 -6.97
N MET A 1 -8.15 -4.09 9.70
CA MET A 1 -6.87 -4.43 9.08
C MET A 1 -7.03 -5.64 8.16
N LEU A 2 -6.47 -5.55 6.95
CA LEU A 2 -6.41 -6.66 6.01
C LEU A 2 -4.93 -6.91 5.77
N ILE A 3 -4.48 -8.15 5.96
CA ILE A 3 -3.05 -8.44 6.02
C ILE A 3 -2.64 -9.46 4.97
N LEU A 4 -1.40 -9.32 4.50
CA LEU A 4 -0.80 -10.17 3.50
C LEU A 4 0.69 -10.32 3.80
N THR A 5 1.28 -11.39 3.29
CA THR A 5 2.69 -11.68 3.52
C THR A 5 3.34 -11.94 2.17
N ARG A 6 4.53 -11.38 1.98
CA ARG A 6 5.20 -11.38 0.67
C ARG A 6 6.70 -11.55 0.80
N LYS A 7 7.36 -11.53 -0.36
CA LYS A 7 8.80 -11.63 -0.44
C LYS A 7 9.31 -10.45 -1.25
N VAL A 8 10.62 -10.15 -1.13
CA VAL A 8 11.14 -9.00 -1.85
C VAL A 8 11.03 -9.22 -3.36
N GLY A 9 10.36 -8.28 -4.03
CA GLY A 9 10.15 -8.31 -5.47
C GLY A 9 8.69 -8.51 -5.86
N GLU A 10 7.82 -8.87 -4.91
CA GLU A 10 6.41 -9.12 -5.18
C GLU A 10 5.58 -7.83 -5.16
N SER A 11 4.30 -7.94 -5.52
CA SER A 11 3.41 -6.80 -5.61
C SER A 11 2.03 -7.13 -5.04
N ILE A 12 1.19 -6.10 -4.88
CA ILE A 12 -0.16 -6.18 -4.31
C ILE A 12 -1.04 -5.14 -5.00
N ASN A 13 -2.37 -5.28 -4.90
CA ASN A 13 -3.29 -4.42 -5.61
C ASN A 13 -4.29 -3.77 -4.65
N ILE A 14 -4.70 -2.55 -5.00
CA ILE A 14 -5.67 -1.75 -4.24
C ILE A 14 -6.60 -1.06 -5.24
N GLY A 15 -7.92 -1.13 -4.98
CA GLY A 15 -8.91 -0.57 -5.86
C GLY A 15 -8.70 -1.07 -7.29
N ASP A 16 -8.94 -0.19 -8.26
CA ASP A 16 -8.72 -0.49 -9.67
C ASP A 16 -7.79 0.56 -10.30
N ASP A 17 -7.10 1.35 -9.46
CA ASP A 17 -6.21 2.40 -9.91
C ASP A 17 -4.87 2.40 -9.17
N ILE A 18 -4.63 1.45 -8.25
CA ILE A 18 -3.39 1.46 -7.47
C ILE A 18 -2.77 0.06 -7.39
N THR A 19 -1.44 0.03 -7.32
CA THR A 19 -0.66 -1.19 -7.13
C THR A 19 0.50 -0.85 -6.19
N ILE A 20 1.00 -1.86 -5.48
CA ILE A 20 2.05 -1.70 -4.46
C ILE A 20 3.11 -2.77 -4.70
N THR A 21 4.37 -2.47 -4.35
CA THR A 21 5.47 -3.40 -4.58
C THR A 21 6.50 -3.29 -3.46
N ILE A 22 7.07 -4.42 -3.05
CA ILE A 22 8.15 -4.49 -2.07
C ILE A 22 9.46 -4.58 -2.85
N LEU A 23 10.16 -3.46 -3.02
CA LEU A 23 11.36 -3.44 -3.85
C LEU A 23 12.49 -4.20 -3.14
N GLY A 24 12.45 -4.23 -1.81
CA GLY A 24 13.38 -5.02 -1.02
C GLY A 24 13.51 -4.49 0.40
N VAL A 25 14.51 -4.99 1.14
CA VAL A 25 14.77 -4.54 2.50
C VAL A 25 16.24 -4.14 2.65
N SER A 26 16.56 -3.52 3.78
CA SER A 26 17.89 -3.01 4.09
C SER A 26 18.15 -3.24 5.57
N GLY A 27 17.81 -4.44 6.06
CA GLY A 27 17.85 -4.76 7.47
C GLY A 27 16.42 -4.80 7.99
N GLN A 28 16.21 -4.35 9.24
CA GLN A 28 14.87 -4.24 9.79
C GLN A 28 14.12 -3.05 9.19
N GLN A 29 14.75 -2.35 8.24
CA GLN A 29 14.06 -1.34 7.45
C GLN A 29 13.68 -1.93 6.10
N VAL A 30 12.68 -1.35 5.45
CA VAL A 30 12.06 -1.91 4.26
C VAL A 30 11.86 -0.78 3.25
N ARG A 31 11.90 -1.12 1.96
CA ARG A 31 11.70 -0.12 0.91
C ARG A 31 10.64 -0.62 -0.06
N ILE A 32 9.64 0.25 -0.26
CA ILE A 32 8.40 -0.09 -0.92
C ILE A 32 8.11 0.94 -2.01
N GLY A 33 7.40 0.51 -3.05
CA GLY A 33 7.04 1.38 -4.15
C GLY A 33 5.52 1.40 -4.30
N ILE A 34 5.01 2.45 -4.94
CA ILE A 34 3.59 2.66 -5.12
C ILE A 34 3.37 3.05 -6.57
N ASN A 35 2.23 2.65 -7.11
CA ASN A 35 1.93 2.85 -8.52
C ASN A 35 0.48 3.28 -8.66
N ALA A 36 0.27 4.60 -8.67
CA ALA A 36 -1.05 5.19 -8.76
C ALA A 36 -1.03 6.42 -9.67
N PRO A 37 -2.18 6.80 -10.23
CA PRO A 37 -2.32 8.03 -10.98
C PRO A 37 -2.13 9.23 -10.05
N LYS A 38 -1.78 10.38 -10.62
CA LYS A 38 -1.69 11.62 -9.87
C LYS A 38 -3.07 12.04 -9.38
N ASP A 39 -4.08 11.24 -9.74
CA ASP A 39 -5.47 11.38 -9.32
C ASP A 39 -5.63 11.12 -7.81
N VAL A 40 -4.57 10.61 -7.16
CA VAL A 40 -4.61 10.26 -5.74
C VAL A 40 -3.31 10.69 -5.07
N ALA A 41 -3.34 10.80 -3.75
CA ALA A 41 -2.18 11.21 -2.96
C ALA A 41 -1.54 9.99 -2.31
N VAL A 42 -0.20 9.97 -2.23
CA VAL A 42 0.51 8.91 -1.54
C VAL A 42 1.75 9.50 -0.85
N HIS A 43 1.89 9.25 0.45
CA HIS A 43 3.03 9.75 1.21
C HIS A 43 3.27 8.89 2.46
N ARG A 44 4.45 9.01 3.05
CA ARG A 44 4.72 8.41 4.35
C ARG A 44 4.01 9.25 5.43
N GLU A 45 3.79 8.68 6.60
CA GLU A 45 3.12 9.37 7.71
C GLU A 45 3.74 10.74 7.99
N GLU A 46 5.04 10.89 7.81
CA GLU A 46 5.71 12.14 8.16
C GLU A 46 5.32 13.28 7.22
N ILE A 47 4.73 12.99 6.05
CA ILE A 47 4.25 14.02 5.14
C ILE A 47 2.73 14.07 5.22
N TYR A 48 2.11 12.90 5.35
CA TYR A 48 0.67 12.77 5.36
C TYR A 48 0.04 13.56 6.49
N GLN A 49 0.75 13.72 7.60
CA GLN A 49 0.24 14.42 8.77
C GLN A 49 0.11 15.92 8.52
N ARG A 50 0.77 16.48 7.49
CA ARG A 50 0.61 17.89 7.16
C ARG A 50 -0.60 18.06 6.26
N ILE A 51 -1.02 16.98 5.61
CA ILE A 51 -2.16 17.03 4.70
C ILE A 51 -3.45 16.98 5.54
N GLN A 52 -3.52 16.05 6.50
CA GLN A 52 -4.71 15.93 7.34
C GLN A 52 -4.78 17.03 8.40
N ALA A 53 -3.81 17.96 8.39
CA ALA A 53 -3.77 19.05 9.34
C ALA A 53 -4.96 20.01 9.21
N GLY A 54 -5.73 19.89 8.13
CA GLY A 54 -6.90 20.73 7.92
C GLY A 54 -7.25 20.91 6.44
N LEU A 55 -6.75 20.01 5.57
CA LEU A 55 -6.82 20.20 4.13
C LEU A 55 -6.62 18.87 3.40
N THR A 56 -6.38 18.95 2.08
CA THR A 56 -6.05 17.77 1.27
C THR A 56 -5.04 18.15 0.18
N ALA A 57 -4.58 19.40 0.18
CA ALA A 57 -3.61 19.90 -0.78
C ALA A 57 -2.80 21.02 -0.13
N PRO A 58 -1.54 20.75 0.23
CA PRO A 58 -0.62 21.72 0.85
C PRO A 58 -0.51 23.05 0.10
N ASP A 59 0.21 23.98 0.73
CA ASP A 59 0.45 25.32 0.20
C ASP A 59 1.31 25.31 -1.06
N MET C 1 6.15 5.23 -10.67
CA MET C 1 6.33 4.69 -9.30
C MET C 1 6.68 5.80 -8.33
N LEU C 2 6.27 5.65 -7.07
CA LEU C 2 6.63 6.56 -6.00
C LEU C 2 7.13 5.70 -4.85
N ILE C 3 8.38 5.91 -4.41
CA ILE C 3 9.03 5.03 -3.46
C ILE C 3 9.12 5.70 -2.09
N LEU C 4 9.04 4.86 -1.06
CA LEU C 4 9.11 5.25 0.33
C LEU C 4 9.88 4.19 1.10
N THR C 5 10.45 4.59 2.24
CA THR C 5 11.24 3.69 3.06
C THR C 5 10.70 3.71 4.48
N ARG C 6 10.71 2.56 5.14
CA ARG C 6 10.05 2.36 6.41
C ARG C 6 10.86 1.41 7.29
N LYS C 7 10.42 1.22 8.53
CA LYS C 7 10.98 0.25 9.46
C LYS C 7 9.84 -0.48 10.11
N VAL C 8 10.09 -1.71 10.57
CA VAL C 8 9.02 -2.52 11.13
C VAL C 8 8.34 -1.79 12.29
N GLY C 9 7.01 -1.67 12.21
CA GLY C 9 6.22 -1.01 13.23
C GLY C 9 5.77 0.40 12.83
N GLU C 10 6.00 0.81 11.57
CA GLU C 10 5.62 2.14 11.10
C GLU C 10 4.62 2.04 9.94
N SER C 11 4.17 3.17 9.40
CA SER C 11 3.07 3.19 8.44
C SER C 11 3.29 4.14 7.26
N ILE C 12 2.42 4.03 6.25
CA ILE C 12 2.40 4.79 5.01
C ILE C 12 0.94 5.05 4.65
N ASN C 13 0.65 6.01 3.77
CA ASN C 13 -0.72 6.42 3.52
C ASN C 13 -1.03 6.57 2.03
N ILE C 14 -2.31 6.40 1.69
CA ILE C 14 -2.82 6.51 0.32
C ILE C 14 -4.20 7.16 0.36
N GLY C 15 -4.44 8.11 -0.54
CA GLY C 15 -5.71 8.82 -0.61
C GLY C 15 -6.06 9.43 0.74
N ASP C 16 -7.36 9.46 1.06
CA ASP C 16 -7.86 9.96 2.34
C ASP C 16 -8.70 8.88 3.02
N ASP C 17 -8.60 7.64 2.55
CA ASP C 17 -9.35 6.50 3.08
C ASP C 17 -8.50 5.26 3.27
N ILE C 18 -7.19 5.31 2.97
CA ILE C 18 -6.35 4.12 3.08
C ILE C 18 -5.04 4.42 3.80
N THR C 19 -4.57 3.42 4.56
CA THR C 19 -3.29 3.45 5.26
C THR C 19 -2.67 2.07 5.17
N ILE C 20 -1.34 1.99 5.31
CA ILE C 20 -0.57 0.77 5.19
C ILE C 20 0.37 0.69 6.37
N THR C 21 0.70 -0.52 6.83
CA THR C 21 1.56 -0.71 7.99
C THR C 21 2.46 -1.92 7.79
N ILE C 22 3.75 -1.76 8.12
CA ILE C 22 4.74 -2.81 8.02
C ILE C 22 4.85 -3.50 9.38
N LEU C 23 4.04 -4.55 9.59
CA LEU C 23 3.94 -5.17 10.91
C LEU C 23 5.27 -5.83 11.31
N GLY C 24 6.07 -6.22 10.32
CA GLY C 24 7.40 -6.78 10.57
C GLY C 24 7.89 -7.60 9.38
N VAL C 25 9.01 -8.31 9.58
CA VAL C 25 9.56 -9.21 8.57
C VAL C 25 9.87 -10.56 9.20
N SER C 26 10.21 -11.55 8.36
CA SER C 26 10.47 -12.92 8.82
C SER C 26 11.56 -13.53 7.93
N GLY C 27 12.63 -12.76 7.72
CA GLY C 27 13.67 -13.09 6.78
C GLY C 27 13.52 -12.19 5.55
N GLN C 28 13.79 -12.72 4.35
CA GLN C 28 13.60 -11.95 3.13
C GLN C 28 12.12 -11.92 2.72
N GLN C 29 11.24 -12.41 3.60
CA GLN C 29 9.81 -12.21 3.46
C GLN C 29 9.37 -11.09 4.41
N VAL C 30 8.23 -10.48 4.12
CA VAL C 30 7.76 -9.30 4.82
C VAL C 30 6.28 -9.46 5.13
N ARG C 31 5.83 -8.85 6.24
CA ARG C 31 4.46 -8.95 6.71
C ARG C 31 3.88 -7.56 6.86
N ILE C 32 2.77 -7.32 6.15
CA ILE C 32 2.23 -5.97 5.98
C ILE C 32 0.72 -6.02 6.12
N GLY C 33 0.17 -4.96 6.72
CA GLY C 33 -1.26 -4.81 6.91
C GLY C 33 -1.76 -3.62 6.11
N ILE C 34 -3.08 -3.59 5.90
CA ILE C 34 -3.73 -2.59 5.10
C ILE C 34 -4.95 -2.12 5.89
N ASN C 35 -5.30 -0.85 5.74
CA ASN C 35 -6.33 -0.24 6.56
C ASN C 35 -7.19 0.65 5.69
N ALA C 36 -8.27 0.07 5.16
CA ALA C 36 -9.18 0.75 4.27
C ALA C 36 -10.61 0.30 4.55
N PRO C 37 -11.59 1.13 4.19
CA PRO C 37 -12.99 0.76 4.27
C PRO C 37 -13.28 -0.37 3.29
N LYS C 38 -14.35 -1.12 3.54
CA LYS C 38 -14.80 -2.15 2.61
C LYS C 38 -15.30 -1.50 1.32
N ASP C 39 -15.25 -0.16 1.28
CA ASP C 39 -15.56 0.67 0.13
C ASP C 39 -14.56 0.47 -1.00
N VAL C 40 -13.45 -0.20 -0.71
CA VAL C 40 -12.38 -0.43 -1.69
C VAL C 40 -11.89 -1.87 -1.59
N ALA C 41 -11.23 -2.34 -2.64
CA ALA C 41 -10.74 -3.71 -2.71
C ALA C 41 -9.23 -3.75 -2.45
N VAL C 42 -8.76 -4.76 -1.72
CA VAL C 42 -7.34 -4.97 -1.50
C VAL C 42 -7.04 -6.46 -1.46
N HIS C 43 -6.14 -6.94 -2.32
CA HIS C 43 -5.84 -8.37 -2.38
C HIS C 43 -4.47 -8.66 -2.96
N ARG C 44 -4.01 -9.90 -2.76
CA ARG C 44 -2.82 -10.44 -3.41
C ARG C 44 -3.09 -10.49 -4.91
N GLU C 45 -2.04 -10.44 -5.74
CA GLU C 45 -2.17 -10.48 -7.19
C GLU C 45 -2.97 -11.68 -7.66
N GLU C 46 -2.97 -12.76 -6.86
CA GLU C 46 -3.72 -13.97 -7.19
C GLU C 46 -5.22 -13.72 -7.06
N ILE C 47 -5.68 -13.25 -5.89
CA ILE C 47 -7.11 -13.02 -5.68
C ILE C 47 -7.56 -11.87 -6.57
N TYR C 48 -6.65 -10.93 -6.83
CA TYR C 48 -6.96 -9.78 -7.66
C TYR C 48 -7.44 -10.20 -9.04
N GLN C 49 -7.02 -11.36 -9.52
CA GLN C 49 -7.40 -11.82 -10.84
C GLN C 49 -8.89 -12.18 -10.90
N ARG C 50 -9.56 -12.26 -9.75
CA ARG C 50 -11.01 -12.39 -9.70
C ARG C 50 -11.68 -11.01 -9.73
N ILE C 51 -11.07 -10.04 -9.05
CA ILE C 51 -11.62 -8.71 -8.82
C ILE C 51 -12.03 -8.02 -10.12
N GLN C 52 -11.06 -7.77 -10.99
CA GLN C 52 -11.31 -7.02 -12.22
C GLN C 52 -11.94 -7.90 -13.31
N ALA C 53 -12.21 -9.17 -12.99
CA ALA C 53 -12.87 -10.08 -13.93
C ALA C 53 -14.36 -9.76 -14.02
N GLY C 54 -14.88 -8.96 -13.10
CA GLY C 54 -16.30 -8.57 -13.12
C GLY C 54 -16.86 -8.26 -11.73
N LEU C 55 -16.00 -7.88 -10.76
CA LEU C 55 -16.42 -7.74 -9.37
C LEU C 55 -16.06 -6.36 -8.79
N THR C 56 -15.36 -5.53 -9.56
CA THR C 56 -14.95 -4.20 -9.10
C THR C 56 -16.14 -3.24 -9.02
N ALA C 57 -17.34 -3.71 -9.38
CA ALA C 57 -18.54 -2.89 -9.37
C ALA C 57 -19.76 -3.76 -9.06
N PRO C 58 -19.88 -4.26 -7.82
CA PRO C 58 -20.97 -5.12 -7.38
C PRO C 58 -22.35 -4.65 -7.80
N ASP C 59 -22.57 -3.34 -7.78
CA ASP C 59 -23.87 -2.75 -8.06
C ASP C 59 -23.75 -1.25 -8.32
N MET A 1 -8.30 -4.09 9.59
CA MET A 1 -6.97 -4.37 9.03
C MET A 1 -7.00 -5.62 8.16
N LEU A 2 -6.23 -5.61 7.07
CA LEU A 2 -6.09 -6.75 6.18
C LEU A 2 -4.58 -6.97 5.99
N ILE A 3 -4.11 -8.19 6.27
CA ILE A 3 -2.69 -8.48 6.27
C ILE A 3 -2.35 -9.52 5.21
N LEU A 4 -1.14 -9.38 4.66
CA LEU A 4 -0.60 -10.25 3.62
C LEU A 4 0.90 -10.39 3.84
N THR A 5 1.50 -11.47 3.35
CA THR A 5 2.95 -11.61 3.32
C THR A 5 3.42 -11.50 1.88
N ARG A 6 4.61 -10.92 1.70
CA ARG A 6 5.18 -10.66 0.39
C ARG A 6 6.70 -10.75 0.46
N LYS A 7 7.30 -11.52 -0.44
CA LYS A 7 8.74 -11.61 -0.51
C LYS A 7 9.29 -10.48 -1.37
N VAL A 8 10.53 -10.07 -1.13
CA VAL A 8 11.09 -9.00 -1.93
C VAL A 8 11.00 -9.33 -3.41
N GLY A 9 10.54 -8.37 -4.21
CA GLY A 9 10.41 -8.52 -5.65
C GLY A 9 9.00 -8.86 -6.11
N GLU A 10 8.03 -8.90 -5.19
CA GLU A 10 6.64 -9.23 -5.52
C GLU A 10 5.73 -8.01 -5.31
N SER A 11 4.44 -8.14 -5.61
CA SER A 11 3.52 -6.99 -5.59
C SER A 11 2.17 -7.30 -4.97
N ILE A 12 1.38 -6.25 -4.74
CA ILE A 12 0.06 -6.27 -4.10
C ILE A 12 -0.81 -5.18 -4.74
N ASN A 13 -2.13 -5.27 -4.58
CA ASN A 13 -3.05 -4.33 -5.24
C ASN A 13 -4.04 -3.72 -4.24
N ILE A 14 -4.51 -2.51 -4.59
CA ILE A 14 -5.48 -1.75 -3.81
C ILE A 14 -6.44 -1.04 -4.77
N GLY A 15 -7.74 -1.20 -4.53
CA GLY A 15 -8.75 -0.59 -5.37
C GLY A 15 -8.57 -1.01 -6.83
N ASP A 16 -8.85 -0.08 -7.75
CA ASP A 16 -8.69 -0.32 -9.18
C ASP A 16 -7.77 0.76 -9.79
N ASP A 17 -7.05 1.51 -8.95
CA ASP A 17 -6.15 2.57 -9.40
C ASP A 17 -4.79 2.53 -8.69
N ILE A 18 -4.55 1.60 -7.76
CA ILE A 18 -3.28 1.60 -7.04
C ILE A 18 -2.68 0.19 -6.97
N THR A 19 -1.35 0.14 -7.01
CA THR A 19 -0.58 -1.10 -6.89
C THR A 19 0.59 -0.81 -5.96
N ILE A 20 1.12 -1.85 -5.30
CA ILE A 20 2.19 -1.74 -4.33
C ILE A 20 3.24 -2.80 -4.64
N THR A 21 4.50 -2.51 -4.33
CA THR A 21 5.60 -3.43 -4.62
C THR A 21 6.62 -3.37 -3.50
N ILE A 22 7.24 -4.50 -3.19
CA ILE A 22 8.25 -4.62 -2.14
C ILE A 22 9.61 -4.80 -2.81
N LEU A 23 10.23 -3.67 -3.19
CA LEU A 23 11.43 -3.67 -4.02
C LEU A 23 12.58 -4.39 -3.31
N GLY A 24 12.56 -4.40 -1.97
CA GLY A 24 13.51 -5.17 -1.17
C GLY A 24 13.52 -4.70 0.28
N VAL A 25 14.51 -5.15 1.04
CA VAL A 25 14.75 -4.64 2.39
C VAL A 25 16.21 -4.20 2.50
N SER A 26 16.54 -3.52 3.60
CA SER A 26 17.85 -2.92 3.80
C SER A 26 18.21 -2.98 5.28
N GLY A 27 18.04 -4.15 5.88
CA GLY A 27 18.14 -4.33 7.31
C GLY A 27 16.73 -4.49 7.87
N GLN A 28 16.46 -3.96 9.05
CA GLN A 28 15.10 -3.98 9.56
C GLN A 28 14.25 -2.89 8.88
N GLN A 29 14.90 -2.03 8.10
CA GLN A 29 14.20 -1.12 7.21
C GLN A 29 13.81 -1.84 5.93
N VAL A 30 12.84 -1.29 5.20
CA VAL A 30 12.22 -1.94 4.06
C VAL A 30 12.03 -0.92 2.94
N ARG A 31 12.09 -1.40 1.69
CA ARG A 31 12.03 -0.57 0.49
C ARG A 31 10.79 -0.94 -0.31
N ILE A 32 9.85 0.01 -0.43
CA ILE A 32 8.55 -0.25 -1.01
C ILE A 32 8.21 0.82 -2.04
N GLY A 33 7.52 0.42 -3.10
CA GLY A 33 7.11 1.32 -4.16
C GLY A 33 5.60 1.38 -4.24
N ILE A 34 5.09 2.44 -4.84
CA ILE A 34 3.66 2.68 -4.98
C ILE A 34 3.41 3.11 -6.41
N ASN A 35 2.27 2.70 -6.96
CA ASN A 35 1.94 2.95 -8.34
C ASN A 35 0.49 3.38 -8.43
N ALA A 36 0.26 4.69 -8.42
CA ALA A 36 -1.05 5.29 -8.48
C ALA A 36 -1.05 6.51 -9.38
N PRO A 37 -2.22 6.90 -9.89
CA PRO A 37 -2.39 8.12 -10.66
C PRO A 37 -2.17 9.34 -9.78
N LYS A 38 -1.82 10.48 -10.39
CA LYS A 38 -1.69 11.74 -9.66
C LYS A 38 -3.07 12.21 -9.18
N ASP A 39 -4.09 11.44 -9.55
CA ASP A 39 -5.47 11.65 -9.13
C ASP A 39 -5.68 11.30 -7.65
N VAL A 40 -4.65 10.74 -7.00
CA VAL A 40 -4.70 10.36 -5.60
C VAL A 40 -3.39 10.71 -4.92
N ALA A 41 -3.40 10.81 -3.60
CA ALA A 41 -2.23 11.18 -2.84
C ALA A 41 -1.59 9.96 -2.18
N VAL A 42 -0.26 9.95 -2.11
CA VAL A 42 0.48 8.89 -1.42
C VAL A 42 1.68 9.51 -0.71
N HIS A 43 1.74 9.41 0.62
CA HIS A 43 2.84 10.00 1.37
C HIS A 43 3.01 9.33 2.73
N ARG A 44 4.20 9.51 3.31
CA ARG A 44 4.48 9.06 4.67
C ARG A 44 3.73 9.96 5.63
N GLU A 45 3.46 9.47 6.85
CA GLU A 45 2.71 10.23 7.84
C GLU A 45 3.32 11.60 8.10
N GLU A 46 4.63 11.73 7.90
CA GLU A 46 5.34 12.97 8.16
C GLU A 46 5.05 14.01 7.08
N ILE A 47 4.74 13.58 5.84
CA ILE A 47 4.40 14.50 4.77
C ILE A 47 2.88 14.71 4.79
N TYR A 48 2.14 13.68 5.16
CA TYR A 48 0.69 13.69 5.16
C TYR A 48 0.12 14.80 6.05
N GLN A 49 0.86 15.20 7.08
CA GLN A 49 0.39 16.23 8.00
C GLN A 49 0.43 17.63 7.37
N ARG A 50 1.18 17.81 6.26
CA ARG A 50 1.19 19.08 5.55
C ARG A 50 -0.02 19.15 4.64
N ILE A 51 -0.58 17.99 4.31
CA ILE A 51 -1.74 17.90 3.46
C ILE A 51 -2.98 18.27 4.29
N GLN A 52 -3.19 17.57 5.41
CA GLN A 52 -4.34 17.81 6.27
C GLN A 52 -4.27 19.17 6.95
N ALA A 53 -3.22 19.95 6.69
CA ALA A 53 -3.04 21.28 7.26
C ALA A 53 -4.07 22.28 6.74
N GLY A 54 -4.82 21.92 5.69
CA GLY A 54 -5.84 22.81 5.14
C GLY A 54 -6.27 22.44 3.73
N LEU A 55 -5.92 21.25 3.25
CA LEU A 55 -6.10 20.87 1.85
C LEU A 55 -6.04 19.35 1.69
N THR A 56 -6.08 18.86 0.44
CA THR A 56 -6.00 17.43 0.17
C THR A 56 -5.34 17.15 -1.19
N ALA A 57 -4.72 18.17 -1.79
CA ALA A 57 -4.08 18.02 -3.09
C ALA A 57 -2.84 18.90 -3.20
N PRO A 58 -1.67 18.31 -3.48
CA PRO A 58 -0.43 19.02 -3.74
C PRO A 58 -0.54 20.13 -4.78
N ASP A 59 -1.50 19.99 -5.71
CA ASP A 59 -1.58 20.87 -6.86
C ASP A 59 -2.97 20.73 -7.52
N MET C 1 6.05 5.43 -10.61
CA MET C 1 6.25 4.83 -9.27
C MET C 1 6.63 5.92 -8.27
N LEU C 2 6.25 5.72 -7.00
CA LEU C 2 6.64 6.58 -5.90
C LEU C 2 7.14 5.67 -4.78
N ILE C 3 8.44 5.78 -4.46
CA ILE C 3 9.09 4.87 -3.53
C ILE C 3 9.27 5.55 -2.19
N LEU C 4 9.24 4.73 -1.14
CA LEU C 4 9.41 5.16 0.24
C LEU C 4 10.20 4.08 0.96
N THR C 5 10.87 4.46 2.05
CA THR C 5 11.65 3.53 2.85
C THR C 5 11.19 3.68 4.29
N ARG C 6 10.99 2.55 4.96
CA ARG C 6 10.44 2.52 6.31
C ARG C 6 11.13 1.46 7.13
N LYS C 7 10.71 1.28 8.38
CA LYS C 7 11.25 0.25 9.25
C LYS C 7 10.10 -0.40 10.00
N VAL C 8 10.28 -1.66 10.42
CA VAL C 8 9.18 -2.40 11.00
C VAL C 8 8.48 -1.63 12.13
N GLY C 9 7.21 -1.32 11.90
CA GLY C 9 6.37 -0.60 12.85
C GLY C 9 5.78 0.70 12.27
N GLU C 10 6.36 1.24 11.20
CA GLU C 10 5.89 2.48 10.61
C GLU C 10 4.60 2.28 9.78
N SER C 11 4.02 3.40 9.33
CA SER C 11 2.80 3.42 8.53
C SER C 11 2.89 4.48 7.44
N ILE C 12 1.98 4.40 6.47
CA ILE C 12 1.92 5.26 5.27
C ILE C 12 0.46 5.52 4.94
N ASN C 13 0.18 6.55 4.13
CA ASN C 13 -1.18 6.95 3.81
C ASN C 13 -1.40 6.97 2.29
N ILE C 14 -2.64 6.67 1.90
CA ILE C 14 -3.07 6.71 0.50
C ILE C 14 -4.49 7.30 0.44
N GLY C 15 -4.70 8.27 -0.44
CA GLY C 15 -5.98 8.95 -0.56
C GLY C 15 -6.43 9.48 0.80
N ASP C 16 -7.74 9.41 1.06
CA ASP C 16 -8.32 9.82 2.33
C ASP C 16 -9.14 8.68 2.94
N ASP C 17 -8.95 7.45 2.44
CA ASP C 17 -9.69 6.28 2.90
C ASP C 17 -8.79 5.07 3.12
N ILE C 18 -7.47 5.19 2.91
CA ILE C 18 -6.58 4.04 3.06
C ILE C 18 -5.32 4.41 3.84
N THR C 19 -4.82 3.42 4.59
CA THR C 19 -3.58 3.52 5.35
C THR C 19 -2.86 2.18 5.23
N ILE C 20 -1.53 2.20 5.37
CA ILE C 20 -0.68 1.02 5.21
C ILE C 20 0.29 0.96 6.39
N THR C 21 0.71 -0.24 6.78
CA THR C 21 1.61 -0.43 7.91
C THR C 21 2.55 -1.61 7.64
N ILE C 22 3.80 -1.49 8.08
CA ILE C 22 4.78 -2.57 7.98
C ILE C 22 4.83 -3.25 9.34
N LEU C 23 4.09 -4.36 9.49
CA LEU C 23 3.97 -5.03 10.78
C LEU C 23 5.29 -5.69 11.17
N GLY C 24 6.09 -6.08 10.18
CA GLY C 24 7.41 -6.64 10.42
C GLY C 24 7.87 -7.50 9.25
N VAL C 25 8.97 -8.24 9.44
CA VAL C 25 9.46 -9.18 8.44
C VAL C 25 9.57 -10.58 9.04
N SER C 26 9.75 -11.60 8.20
CA SER C 26 9.79 -12.99 8.64
C SER C 26 10.85 -13.73 7.84
N GLY C 27 12.03 -13.12 7.72
CA GLY C 27 13.05 -13.58 6.80
C GLY C 27 13.09 -12.60 5.64
N GLN C 28 13.32 -13.08 4.42
CA GLN C 28 13.33 -12.21 3.26
C GLN C 28 11.91 -11.96 2.74
N GLN C 29 10.91 -12.47 3.49
CA GLN C 29 9.53 -12.11 3.28
C GLN C 29 9.16 -11.01 4.27
N VAL C 30 8.10 -10.27 3.95
CA VAL C 30 7.68 -9.10 4.70
C VAL C 30 6.20 -9.26 5.02
N ARG C 31 5.75 -8.72 6.15
CA ARG C 31 4.36 -8.80 6.56
C ARG C 31 3.83 -7.38 6.69
N ILE C 32 2.80 -7.09 5.91
CA ILE C 32 2.29 -5.74 5.73
C ILE C 32 0.79 -5.74 6.01
N GLY C 33 0.30 -4.66 6.62
CA GLY C 33 -1.10 -4.50 6.95
C GLY C 33 -1.68 -3.37 6.13
N ILE C 34 -3.00 -3.43 5.92
CA ILE C 34 -3.71 -2.49 5.10
C ILE C 34 -4.98 -2.11 5.85
N ASN C 35 -5.42 -0.88 5.69
CA ASN C 35 -6.55 -0.36 6.45
C ASN C 35 -7.42 0.48 5.53
N ALA C 36 -8.42 -0.17 4.95
CA ALA C 36 -9.33 0.47 4.01
C ALA C 36 -10.75 -0.03 4.24
N PRO C 37 -11.76 0.77 3.82
CA PRO C 37 -13.15 0.37 3.84
C PRO C 37 -13.38 -0.80 2.89
N LYS C 38 -14.44 -1.57 3.12
CA LYS C 38 -14.87 -2.62 2.20
C LYS C 38 -15.28 -2.01 0.86
N ASP C 39 -15.21 -0.68 0.77
CA ASP C 39 -15.46 0.07 -0.44
C ASP C 39 -14.39 -0.21 -1.51
N VAL C 40 -13.30 -0.87 -1.12
CA VAL C 40 -12.17 -1.15 -2.00
C VAL C 40 -11.66 -2.57 -1.77
N ALA C 41 -10.92 -3.10 -2.75
CA ALA C 41 -10.38 -4.45 -2.69
C ALA C 41 -8.88 -4.39 -2.46
N VAL C 42 -8.33 -5.33 -1.68
CA VAL C 42 -6.90 -5.35 -1.39
C VAL C 42 -6.38 -6.80 -1.30
N HIS C 43 -5.51 -7.19 -2.24
CA HIS C 43 -4.97 -8.55 -2.25
C HIS C 43 -3.66 -8.63 -3.02
N ARG C 44 -2.99 -9.78 -2.92
CA ARG C 44 -1.79 -10.10 -3.69
C ARG C 44 -2.14 -10.22 -5.17
N GLU C 45 -1.14 -10.07 -6.06
CA GLU C 45 -1.39 -10.16 -7.50
C GLU C 45 -1.95 -11.52 -7.90
N GLU C 46 -1.58 -12.59 -7.18
CA GLU C 46 -2.08 -13.93 -7.46
C GLU C 46 -3.53 -14.10 -7.01
N ILE C 47 -4.10 -13.09 -6.34
CA ILE C 47 -5.51 -13.07 -5.95
C ILE C 47 -6.21 -12.02 -6.79
N TYR C 48 -5.46 -10.96 -7.14
CA TYR C 48 -5.98 -9.82 -7.89
C TYR C 48 -6.49 -10.22 -9.27
N GLN C 49 -5.88 -11.24 -9.87
CA GLN C 49 -6.27 -11.69 -11.20
C GLN C 49 -7.67 -12.32 -11.18
N ARG C 50 -8.18 -12.70 -10.01
CA ARG C 50 -9.53 -13.22 -9.89
C ARG C 50 -10.50 -12.05 -9.74
N ILE C 51 -10.00 -10.89 -9.31
CA ILE C 51 -10.80 -9.69 -9.11
C ILE C 51 -11.16 -9.09 -10.46
N GLN C 52 -10.15 -8.96 -11.33
CA GLN C 52 -10.30 -8.34 -12.64
C GLN C 52 -10.86 -9.31 -13.66
N ALA C 53 -11.19 -10.54 -13.24
CA ALA C 53 -11.72 -11.57 -14.12
C ALA C 53 -13.07 -11.17 -14.73
N GLY C 54 -13.75 -10.16 -14.17
CA GLY C 54 -15.00 -9.69 -14.72
C GLY C 54 -16.01 -9.30 -13.64
N LEU C 55 -15.56 -8.83 -12.47
CA LEU C 55 -16.46 -8.63 -11.34
C LEU C 55 -16.03 -7.51 -10.40
N THR C 56 -14.73 -7.42 -10.10
CA THR C 56 -14.18 -6.54 -9.08
C THR C 56 -15.04 -6.47 -7.80
N ALA C 57 -15.79 -7.53 -7.51
CA ALA C 57 -16.62 -7.59 -6.32
C ALA C 57 -16.88 -9.05 -5.93
N PRO C 58 -16.47 -9.47 -4.74
CA PRO C 58 -16.79 -10.77 -4.16
C PRO C 58 -18.30 -11.02 -4.07
N ASP C 59 -18.67 -12.18 -3.52
CA ASP C 59 -20.05 -12.55 -3.31
C ASP C 59 -20.79 -11.55 -2.42
N MET A 1 -7.99 -4.19 9.59
CA MET A 1 -6.72 -4.56 8.96
C MET A 1 -6.92 -5.73 8.00
N LEU A 2 -6.36 -5.62 6.79
CA LEU A 2 -6.31 -6.71 5.83
C LEU A 2 -4.82 -6.97 5.61
N ILE A 3 -4.38 -8.20 5.85
CA ILE A 3 -2.97 -8.51 5.90
C ILE A 3 -2.56 -9.45 4.78
N LEU A 4 -1.32 -9.30 4.35
CA LEU A 4 -0.73 -10.08 3.28
C LEU A 4 0.73 -10.36 3.62
N THR A 5 1.28 -11.42 3.06
CA THR A 5 2.65 -11.83 3.33
C THR A 5 3.29 -12.25 2.01
N ARG A 6 4.39 -11.58 1.65
CA ARG A 6 5.02 -11.74 0.34
C ARG A 6 6.53 -11.67 0.49
N LYS A 7 7.24 -11.73 -0.63
CA LYS A 7 8.70 -11.74 -0.63
C LYS A 7 9.25 -10.58 -1.44
N VAL A 8 10.53 -10.28 -1.27
CA VAL A 8 11.08 -9.17 -2.04
C VAL A 8 10.95 -9.43 -3.54
N GLY A 9 10.51 -8.41 -4.27
CA GLY A 9 10.32 -8.50 -5.70
C GLY A 9 8.87 -8.83 -6.09
N GLU A 10 7.96 -8.89 -5.11
CA GLU A 10 6.55 -9.18 -5.36
C GLU A 10 5.68 -7.94 -5.19
N SER A 11 4.36 -8.07 -5.45
CA SER A 11 3.47 -6.92 -5.47
C SER A 11 2.13 -7.18 -4.78
N ILE A 12 1.38 -6.11 -4.54
CA ILE A 12 0.10 -6.10 -3.84
C ILE A 12 -0.79 -5.04 -4.51
N ASN A 13 -2.10 -5.08 -4.26
CA ASN A 13 -3.04 -4.23 -4.99
C ASN A 13 -4.07 -3.56 -4.08
N ILE A 14 -4.54 -2.39 -4.51
CA ILE A 14 -5.56 -1.60 -3.81
C ILE A 14 -6.49 -0.95 -4.83
N GLY A 15 -7.78 -0.94 -4.53
CA GLY A 15 -8.79 -0.33 -5.38
C GLY A 15 -8.71 -0.87 -6.80
N ASP A 16 -8.92 0.00 -7.78
CA ASP A 16 -8.83 -0.34 -9.20
C ASP A 16 -7.86 0.61 -9.90
N ASP A 17 -7.05 1.35 -9.12
CA ASP A 17 -6.16 2.36 -9.63
C ASP A 17 -4.81 2.37 -8.89
N ILE A 18 -4.57 1.45 -7.96
CA ILE A 18 -3.32 1.47 -7.20
C ILE A 18 -2.70 0.08 -7.09
N THR A 19 -1.36 0.04 -7.06
CA THR A 19 -0.58 -1.17 -6.88
C THR A 19 0.60 -0.83 -5.99
N ILE A 20 1.15 -1.84 -5.30
CA ILE A 20 2.24 -1.69 -4.34
C ILE A 20 3.29 -2.76 -4.64
N THR A 21 4.57 -2.47 -4.38
CA THR A 21 5.65 -3.40 -4.68
C THR A 21 6.72 -3.35 -3.59
N ILE A 22 7.15 -4.52 -3.12
CA ILE A 22 8.21 -4.65 -2.13
C ILE A 22 9.54 -4.79 -2.88
N LEU A 23 10.22 -3.67 -3.12
CA LEU A 23 11.42 -3.65 -3.95
C LEU A 23 12.56 -4.41 -3.27
N GLY A 24 12.53 -4.52 -1.94
CA GLY A 24 13.50 -5.30 -1.18
C GLY A 24 13.60 -4.84 0.26
N VAL A 25 14.60 -5.35 1.00
CA VAL A 25 14.85 -4.93 2.38
C VAL A 25 16.30 -4.50 2.54
N SER A 26 16.62 -3.90 3.69
CA SER A 26 17.95 -3.38 3.99
C SER A 26 18.24 -3.57 5.47
N GLY A 27 17.97 -4.79 5.97
CA GLY A 27 18.05 -5.11 7.38
C GLY A 27 16.64 -5.20 7.93
N GLN A 28 16.34 -4.46 9.00
CA GLN A 28 14.98 -4.36 9.52
C GLN A 28 14.31 -3.17 8.85
N GLN A 29 15.08 -2.48 7.99
CA GLN A 29 14.59 -1.46 7.08
C GLN A 29 14.01 -2.19 5.86
N VAL A 30 13.08 -1.54 5.17
CA VAL A 30 12.39 -2.13 4.03
C VAL A 30 12.22 -1.05 2.96
N ARG A 31 12.21 -1.44 1.68
CA ARG A 31 12.09 -0.51 0.58
C ARG A 31 10.91 -0.93 -0.28
N ILE A 32 9.98 0.01 -0.48
CA ILE A 32 8.69 -0.29 -1.08
C ILE A 32 8.31 0.84 -2.04
N GLY A 33 7.61 0.47 -3.12
CA GLY A 33 7.18 1.40 -4.14
C GLY A 33 5.66 1.39 -4.25
N ILE A 34 5.12 2.42 -4.88
CA ILE A 34 3.70 2.64 -5.03
C ILE A 34 3.46 3.03 -6.48
N ASN A 35 2.31 2.63 -7.01
CA ASN A 35 1.99 2.82 -8.41
C ASN A 35 0.53 3.25 -8.52
N ALA A 36 0.33 4.57 -8.54
CA ALA A 36 -0.99 5.17 -8.60
C ALA A 36 -0.98 6.39 -9.51
N PRO A 37 -2.15 6.76 -10.05
CA PRO A 37 -2.32 7.97 -10.82
C PRO A 37 -2.15 9.20 -9.93
N LYS A 38 -1.82 10.34 -10.54
CA LYS A 38 -1.74 11.61 -9.82
C LYS A 38 -3.13 12.05 -9.39
N ASP A 39 -4.14 11.27 -9.76
CA ASP A 39 -5.53 11.44 -9.36
C ASP A 39 -5.72 11.10 -7.87
N VAL A 40 -4.68 10.57 -7.23
CA VAL A 40 -4.70 10.22 -5.81
C VAL A 40 -3.37 10.62 -5.18
N ALA A 41 -3.35 10.74 -3.85
CA ALA A 41 -2.17 11.17 -3.13
C ALA A 41 -1.57 10.02 -2.33
N VAL A 42 -0.24 10.02 -2.18
CA VAL A 42 0.46 9.01 -1.39
C VAL A 42 1.64 9.66 -0.68
N HIS A 43 1.73 9.48 0.63
CA HIS A 43 2.84 10.00 1.42
C HIS A 43 2.98 9.23 2.71
N ARG A 44 4.13 9.36 3.37
CA ARG A 44 4.30 8.80 4.71
C ARG A 44 3.57 9.67 5.72
N GLU A 45 3.28 9.11 6.89
CA GLU A 45 2.54 9.82 7.94
C GLU A 45 3.15 11.18 8.25
N GLU A 46 4.46 11.34 8.14
CA GLU A 46 5.08 12.61 8.48
C GLU A 46 4.65 13.71 7.50
N ILE A 47 4.51 13.41 6.21
CA ILE A 47 4.07 14.41 5.24
C ILE A 47 2.56 14.52 5.28
N TYR A 48 1.88 13.38 5.44
CA TYR A 48 0.44 13.30 5.38
C TYR A 48 -0.22 14.18 6.45
N GLN A 49 0.43 14.33 7.60
CA GLN A 49 -0.12 15.07 8.71
C GLN A 49 -0.20 16.58 8.43
N ARG A 50 0.56 17.08 7.45
CA ARG A 50 0.49 18.50 7.10
C ARG A 50 -0.63 18.71 6.07
N ILE A 51 -1.01 17.66 5.36
CA ILE A 51 -2.05 17.72 4.36
C ILE A 51 -3.42 17.74 5.04
N GLN A 52 -3.59 16.93 6.08
CA GLN A 52 -4.82 16.88 6.83
C GLN A 52 -4.90 18.01 7.87
N ALA A 53 -3.87 18.87 7.91
CA ALA A 53 -3.80 19.94 8.90
C ALA A 53 -4.93 20.97 8.74
N GLY A 54 -5.61 20.99 7.59
CA GLY A 54 -6.73 21.89 7.38
C GLY A 54 -6.82 22.41 5.94
N LEU A 55 -6.41 21.60 4.96
CA LEU A 55 -6.32 22.09 3.59
C LEU A 55 -6.51 21.01 2.53
N THR A 56 -5.97 19.82 2.75
CA THR A 56 -5.93 18.73 1.79
C THR A 56 -5.61 19.20 0.36
N ALA A 57 -4.87 20.30 0.22
CA ALA A 57 -4.49 20.83 -1.08
C ALA A 57 -3.20 21.64 -0.94
N PRO A 58 -2.14 21.28 -1.70
CA PRO A 58 -0.89 22.03 -1.74
C PRO A 58 -1.05 23.51 -2.03
N ASP A 59 0.06 24.24 -1.87
CA ASP A 59 0.14 25.68 -2.05
C ASP A 59 -0.11 26.10 -3.50
N MET C 1 6.22 5.23 -10.60
CA MET C 1 6.42 4.69 -9.24
C MET C 1 6.76 5.82 -8.26
N LEU C 2 6.24 5.72 -7.04
CA LEU C 2 6.59 6.60 -5.94
C LEU C 2 7.10 5.69 -4.84
N ILE C 3 8.30 5.97 -4.32
CA ILE C 3 9.00 5.02 -3.48
C ILE C 3 9.39 5.62 -2.15
N LEU C 4 9.48 4.74 -1.14
CA LEU C 4 9.80 5.10 0.23
C LEU C 4 10.63 4.00 0.86
N THR C 5 11.36 4.34 1.92
CA THR C 5 12.13 3.38 2.70
C THR C 5 11.71 3.55 4.15
N ARG C 6 11.38 2.43 4.80
CA ARG C 6 10.79 2.43 6.13
C ARG C 6 11.37 1.29 6.97
N LYS C 7 10.83 1.07 8.16
CA LYS C 7 11.23 -0.05 9.01
C LYS C 7 10.02 -0.73 9.60
N VAL C 8 10.22 -1.93 10.15
CA VAL C 8 9.12 -2.68 10.72
C VAL C 8 8.43 -1.89 11.82
N GLY C 9 7.16 -1.58 11.57
CA GLY C 9 6.32 -0.81 12.48
C GLY C 9 5.87 0.53 11.91
N GLU C 10 6.52 1.01 10.84
CA GLU C 10 6.13 2.28 10.23
C GLU C 10 4.81 2.16 9.48
N SER C 11 4.21 3.29 9.11
CA SER C 11 2.94 3.35 8.40
C SER C 11 2.99 4.43 7.32
N ILE C 12 2.14 4.29 6.30
CA ILE C 12 2.09 5.13 5.11
C ILE C 12 0.62 5.37 4.75
N ASN C 13 0.34 6.40 3.94
CA ASN C 13 -1.03 6.79 3.64
C ASN C 13 -1.29 6.85 2.13
N ILE C 14 -2.54 6.59 1.75
CA ILE C 14 -3.00 6.64 0.36
C ILE C 14 -4.39 7.23 0.32
N GLY C 15 -4.64 8.16 -0.61
CA GLY C 15 -5.93 8.82 -0.74
C GLY C 15 -6.35 9.43 0.58
N ASP C 16 -7.65 9.37 0.88
CA ASP C 16 -8.21 9.87 2.12
C ASP C 16 -9.00 8.78 2.83
N ASP C 17 -8.79 7.51 2.42
CA ASP C 17 -9.54 6.38 2.94
C ASP C 17 -8.65 5.16 3.18
N ILE C 18 -7.34 5.24 2.92
CA ILE C 18 -6.47 4.07 3.08
C ILE C 18 -5.20 4.43 3.83
N THR C 19 -4.69 3.45 4.59
CA THR C 19 -3.42 3.53 5.31
C THR C 19 -2.75 2.16 5.17
N ILE C 20 -1.43 2.14 5.22
CA ILE C 20 -0.62 0.95 5.01
C ILE C 20 0.40 0.83 6.13
N THR C 21 0.78 -0.40 6.48
CA THR C 21 1.72 -0.64 7.57
C THR C 21 2.61 -1.84 7.24
N ILE C 22 3.86 -1.78 7.70
CA ILE C 22 4.83 -2.86 7.58
C ILE C 22 4.89 -3.54 8.94
N LEU C 23 4.05 -4.56 9.16
CA LEU C 23 3.92 -5.14 10.49
C LEU C 23 5.24 -5.81 10.91
N GLY C 24 6.02 -6.28 9.93
CA GLY C 24 7.37 -6.79 10.19
C GLY C 24 7.88 -7.65 9.04
N VAL C 25 8.95 -8.41 9.28
CA VAL C 25 9.44 -9.38 8.29
C VAL C 25 9.65 -10.74 8.95
N SER C 26 9.90 -11.76 8.13
CA SER C 26 10.00 -13.14 8.56
C SER C 26 11.02 -13.88 7.70
N GLY C 27 12.21 -13.29 7.53
CA GLY C 27 13.19 -13.78 6.60
C GLY C 27 13.19 -12.84 5.39
N GLN C 28 13.38 -13.37 4.18
CA GLN C 28 13.32 -12.53 3.00
C GLN C 28 11.86 -12.32 2.55
N GLN C 29 10.93 -12.89 3.32
CA GLN C 29 9.51 -12.57 3.19
C GLN C 29 9.20 -11.40 4.12
N VAL C 30 8.06 -10.74 3.89
CA VAL C 30 7.68 -9.51 4.56
C VAL C 30 6.20 -9.58 4.92
N ARG C 31 5.82 -8.94 6.02
CA ARG C 31 4.46 -8.95 6.53
C ARG C 31 3.92 -7.53 6.45
N ILE C 32 2.87 -7.35 5.65
CA ILE C 32 2.31 -6.04 5.37
C ILE C 32 0.83 -6.04 5.70
N GLY C 33 0.33 -4.90 6.18
CA GLY C 33 -1.06 -4.75 6.54
C GLY C 33 -1.65 -3.53 5.84
N ILE C 34 -2.98 -3.54 5.70
CA ILE C 34 -3.71 -2.51 5.00
C ILE C 34 -4.91 -2.12 5.84
N ASN C 35 -5.30 -0.85 5.77
CA ASN C 35 -6.36 -0.31 6.59
C ASN C 35 -7.25 0.56 5.71
N ALA C 36 -8.29 -0.04 5.16
CA ALA C 36 -9.22 0.63 4.25
C ALA C 36 -10.65 0.15 4.50
N PRO C 37 -11.62 0.96 4.07
CA PRO C 37 -13.03 0.60 4.12
C PRO C 37 -13.30 -0.57 3.16
N LYS C 38 -14.40 -1.28 3.40
CA LYS C 38 -14.84 -2.34 2.50
C LYS C 38 -15.40 -1.72 1.20
N ASP C 39 -15.39 -0.39 1.15
CA ASP C 39 -15.73 0.40 -0.02
C ASP C 39 -14.66 0.25 -1.12
N VAL C 40 -13.54 -0.41 -0.78
CA VAL C 40 -12.45 -0.64 -1.73
C VAL C 40 -11.92 -2.06 -1.53
N ALA C 41 -11.21 -2.57 -2.53
CA ALA C 41 -10.69 -3.93 -2.49
C ALA C 41 -9.17 -3.91 -2.31
N VAL C 42 -8.64 -4.86 -1.55
CA VAL C 42 -7.20 -4.94 -1.32
C VAL C 42 -6.77 -6.40 -1.19
N HIS C 43 -5.83 -6.82 -2.06
CA HIS C 43 -5.35 -8.20 -2.07
C HIS C 43 -3.99 -8.27 -2.74
N ARG C 44 -3.33 -9.42 -2.66
CA ARG C 44 -2.11 -9.69 -3.42
C ARG C 44 -2.47 -9.97 -4.88
N GLU C 45 -1.50 -9.80 -5.79
CA GLU C 45 -1.71 -9.95 -7.23
C GLU C 45 -2.43 -11.24 -7.61
N GLU C 46 -2.20 -12.34 -6.88
CA GLU C 46 -2.80 -13.60 -7.26
C GLU C 46 -4.32 -13.54 -7.16
N ILE C 47 -4.84 -12.72 -6.25
CA ILE C 47 -6.27 -12.62 -6.04
C ILE C 47 -6.83 -11.51 -6.92
N TYR C 48 -6.06 -10.43 -7.04
CA TYR C 48 -6.45 -9.24 -7.77
C TYR C 48 -6.74 -9.53 -9.24
N GLN C 49 -6.04 -10.52 -9.81
CA GLN C 49 -6.20 -10.86 -11.21
C GLN C 49 -7.56 -11.52 -11.49
N ARG C 50 -8.24 -12.03 -10.46
CA ARG C 50 -9.58 -12.60 -10.63
C ARG C 50 -10.61 -11.49 -10.53
N ILE C 51 -10.23 -10.37 -9.91
CA ILE C 51 -11.13 -9.25 -9.70
C ILE C 51 -11.20 -8.40 -10.97
N GLN C 52 -10.05 -8.01 -11.52
CA GLN C 52 -10.00 -7.20 -12.73
C GLN C 52 -10.47 -7.98 -13.95
N ALA C 53 -10.86 -9.25 -13.77
CA ALA C 53 -11.37 -10.08 -14.82
C ALA C 53 -12.72 -9.58 -15.35
N GLY C 54 -13.38 -8.66 -14.62
CA GLY C 54 -14.63 -8.08 -15.08
C GLY C 54 -15.55 -7.62 -13.95
N LEU C 55 -15.01 -7.42 -12.75
CA LEU C 55 -15.85 -7.22 -11.58
C LEU C 55 -15.09 -6.61 -10.39
N THR C 56 -15.76 -6.56 -9.24
CA THR C 56 -15.16 -6.14 -7.97
C THR C 56 -15.71 -6.96 -6.80
N ALA C 57 -16.47 -8.01 -7.10
CA ALA C 57 -17.04 -8.88 -6.08
C ALA C 57 -17.17 -10.30 -6.64
N PRO C 58 -16.52 -11.30 -6.02
CA PRO C 58 -16.60 -12.70 -6.39
C PRO C 58 -18.03 -13.26 -6.47
N ASP C 59 -18.11 -14.52 -6.88
CA ASP C 59 -19.35 -15.28 -6.99
C ASP C 59 -19.98 -15.52 -5.61
N MET A 1 -7.92 -4.20 9.81
CA MET A 1 -6.66 -4.48 9.10
C MET A 1 -6.84 -5.69 8.19
N LEU A 2 -6.33 -5.58 6.95
CA LEU A 2 -6.28 -6.68 6.02
C LEU A 2 -4.80 -6.90 5.72
N ILE A 3 -4.33 -8.15 5.87
CA ILE A 3 -2.90 -8.42 5.88
C ILE A 3 -2.52 -9.41 4.79
N LEU A 4 -1.33 -9.20 4.23
CA LEU A 4 -0.81 -9.96 3.11
C LEU A 4 0.69 -10.19 3.31
N THR A 5 1.21 -11.23 2.67
CA THR A 5 2.62 -11.60 2.81
C THR A 5 3.26 -11.68 1.43
N ARG A 6 4.50 -11.20 1.34
CA ARG A 6 5.25 -11.09 0.10
C ARG A 6 6.72 -11.41 0.36
N LYS A 7 7.53 -11.34 -0.69
CA LYS A 7 8.98 -11.42 -0.61
C LYS A 7 9.53 -10.42 -1.61
N VAL A 8 10.75 -9.94 -1.37
CA VAL A 8 11.29 -8.85 -2.18
C VAL A 8 11.17 -9.12 -3.68
N GLY A 9 10.43 -8.23 -4.34
CA GLY A 9 10.18 -8.29 -5.78
C GLY A 9 8.69 -8.50 -6.12
N GLU A 10 7.88 -8.96 -5.15
CA GLU A 10 6.46 -9.23 -5.37
C GLU A 10 5.61 -7.95 -5.15
N SER A 11 4.30 -8.05 -5.38
CA SER A 11 3.42 -6.89 -5.36
C SER A 11 2.06 -7.16 -4.71
N ILE A 12 1.32 -6.07 -4.46
CA ILE A 12 0.03 -6.04 -3.80
C ILE A 12 -0.85 -5.03 -4.56
N ASN A 13 -2.17 -5.08 -4.42
CA ASN A 13 -3.08 -4.24 -5.18
C ASN A 13 -4.14 -3.59 -4.29
N ILE A 14 -4.59 -2.40 -4.72
CA ILE A 14 -5.61 -1.62 -4.01
C ILE A 14 -6.51 -0.95 -5.04
N GLY A 15 -7.83 -1.03 -4.83
CA GLY A 15 -8.80 -0.47 -5.74
C GLY A 15 -8.58 -0.97 -7.16
N ASP A 16 -8.81 -0.10 -8.15
CA ASP A 16 -8.59 -0.40 -9.55
C ASP A 16 -7.67 0.65 -10.17
N ASP A 17 -6.98 1.43 -9.33
CA ASP A 17 -6.08 2.51 -9.77
C ASP A 17 -4.76 2.49 -9.01
N ILE A 18 -4.53 1.55 -8.08
CA ILE A 18 -3.30 1.54 -7.30
C ILE A 18 -2.70 0.15 -7.21
N THR A 19 -1.37 0.10 -7.17
CA THR A 19 -0.59 -1.11 -6.98
C THR A 19 0.60 -0.77 -6.08
N ILE A 20 1.13 -1.78 -5.38
CA ILE A 20 2.22 -1.62 -4.43
C ILE A 20 3.24 -2.72 -4.69
N THR A 21 4.52 -2.45 -4.42
CA THR A 21 5.58 -3.41 -4.69
C THR A 21 6.67 -3.33 -3.63
N ILE A 22 7.10 -4.48 -3.11
CA ILE A 22 8.18 -4.57 -2.14
C ILE A 22 9.49 -4.64 -2.92
N LEU A 23 10.11 -3.49 -3.19
CA LEU A 23 11.30 -3.43 -4.03
C LEU A 23 12.47 -4.15 -3.35
N GLY A 24 12.47 -4.19 -2.02
CA GLY A 24 13.47 -4.94 -1.25
C GLY A 24 13.59 -4.41 0.18
N VAL A 25 14.59 -4.89 0.91
CA VAL A 25 14.87 -4.40 2.26
C VAL A 25 16.33 -4.01 2.39
N SER A 26 16.67 -3.34 3.50
CA SER A 26 18.00 -2.81 3.76
C SER A 26 18.30 -2.92 5.25
N GLY A 27 18.05 -4.10 5.82
CA GLY A 27 18.10 -4.29 7.25
C GLY A 27 16.66 -4.41 7.74
N GLN A 28 16.36 -3.87 8.91
CA GLN A 28 15.01 -3.91 9.45
C GLN A 28 14.16 -2.77 8.89
N GLN A 29 14.74 -1.98 7.98
CA GLN A 29 13.98 -1.04 7.17
C GLN A 29 13.52 -1.78 5.92
N VAL A 30 12.53 -1.24 5.22
CA VAL A 30 11.95 -1.86 4.05
C VAL A 30 11.75 -0.78 3.00
N ARG A 31 11.89 -1.17 1.72
CA ARG A 31 11.81 -0.25 0.60
C ARG A 31 10.64 -0.69 -0.28
N ILE A 32 9.69 0.22 -0.44
CA ILE A 32 8.40 -0.08 -1.05
C ILE A 32 8.09 0.97 -2.10
N GLY A 33 7.48 0.54 -3.20
CA GLY A 33 7.10 1.42 -4.29
C GLY A 33 5.59 1.43 -4.41
N ILE A 34 5.05 2.48 -5.04
CA ILE A 34 3.64 2.70 -5.21
C ILE A 34 3.40 3.11 -6.65
N ASN A 35 2.25 2.73 -7.19
CA ASN A 35 1.94 2.95 -8.58
C ASN A 35 0.49 3.39 -8.70
N ALA A 36 0.28 4.71 -8.66
CA ALA A 36 -1.03 5.32 -8.69
C ALA A 36 -1.03 6.60 -9.53
N PRO A 37 -2.21 7.00 -10.04
CA PRO A 37 -2.40 8.27 -10.71
C PRO A 37 -2.30 9.44 -9.74
N LYS A 38 -2.01 10.62 -10.28
CA LYS A 38 -2.03 11.85 -9.48
C LYS A 38 -3.45 12.18 -9.04
N ASP A 39 -4.43 11.40 -9.53
CA ASP A 39 -5.82 11.50 -9.10
C ASP A 39 -5.97 11.10 -7.64
N VAL A 40 -4.89 10.57 -7.04
CA VAL A 40 -4.87 10.15 -5.64
C VAL A 40 -3.54 10.58 -5.03
N ALA A 41 -3.48 10.63 -3.69
CA ALA A 41 -2.29 11.08 -2.99
C ALA A 41 -1.63 9.93 -2.24
N VAL A 42 -0.31 9.94 -2.15
CA VAL A 42 0.42 8.90 -1.41
C VAL A 42 1.62 9.53 -0.72
N HIS A 43 1.75 9.34 0.60
CA HIS A 43 2.87 9.88 1.35
C HIS A 43 3.10 9.10 2.64
N ARG A 44 4.26 9.31 3.27
CA ARG A 44 4.51 8.79 4.61
C ARG A 44 3.72 9.62 5.60
N GLU A 45 3.50 9.10 6.82
CA GLU A 45 2.75 9.83 7.83
C GLU A 45 3.35 11.22 8.06
N GLU A 46 4.68 11.31 8.07
CA GLU A 46 5.38 12.55 8.32
C GLU A 46 5.20 13.60 7.21
N ILE A 47 4.56 13.24 6.10
CA ILE A 47 4.19 14.21 5.07
C ILE A 47 2.67 14.36 5.08
N TYR A 48 1.97 13.24 5.30
CA TYR A 48 0.52 13.18 5.28
C TYR A 48 -0.10 14.10 6.35
N GLN A 49 0.60 14.28 7.46
CA GLN A 49 0.11 15.11 8.55
C GLN A 49 0.11 16.60 8.19
N ARG A 50 0.84 17.01 7.15
CA ARG A 50 0.82 18.39 6.69
C ARG A 50 -0.35 18.58 5.75
N ILE A 51 -0.85 17.49 5.17
CA ILE A 51 -1.96 17.54 4.24
C ILE A 51 -3.25 17.65 5.04
N GLN A 52 -3.46 16.77 6.02
CA GLN A 52 -4.68 16.79 6.82
C GLN A 52 -4.72 17.99 7.78
N ALA A 53 -3.70 18.85 7.72
CA ALA A 53 -3.61 20.02 8.56
C ALA A 53 -4.68 21.06 8.22
N GLY A 54 -5.39 20.91 7.09
CA GLY A 54 -6.43 21.83 6.70
C GLY A 54 -6.76 21.79 5.21
N LEU A 55 -6.31 20.75 4.51
CA LEU A 55 -6.35 20.69 3.06
C LEU A 55 -6.21 19.24 2.57
N THR A 56 -5.98 19.05 1.26
CA THR A 56 -5.80 17.72 0.69
C THR A 56 -4.76 17.72 -0.43
N ALA A 57 -4.09 18.86 -0.66
CA ALA A 57 -3.09 18.96 -1.71
C ALA A 57 -2.02 19.99 -1.35
N PRO A 58 -0.74 19.57 -1.34
CA PRO A 58 0.42 20.44 -1.19
C PRO A 58 0.43 21.60 -2.19
N ASP A 59 1.44 22.47 -2.05
CA ASP A 59 1.58 23.66 -2.88
C ASP A 59 1.64 23.34 -4.37
N MET C 1 6.32 5.31 -10.59
CA MET C 1 6.48 4.71 -9.25
C MET C 1 6.84 5.79 -8.23
N LEU C 2 6.21 5.75 -7.06
CA LEU C 2 6.54 6.62 -5.96
C LEU C 2 7.07 5.71 -4.85
N ILE C 3 8.28 5.99 -4.35
CA ILE C 3 9.00 5.04 -3.51
C ILE C 3 9.43 5.69 -2.20
N LEU C 4 9.35 4.93 -1.12
CA LEU C 4 9.65 5.41 0.22
C LEU C 4 10.20 4.28 1.07
N THR C 5 10.87 4.62 2.17
CA THR C 5 11.35 3.63 3.12
C THR C 5 10.62 3.75 4.44
N ARG C 6 10.49 2.61 5.11
CA ARG C 6 9.87 2.46 6.42
C ARG C 6 10.63 1.40 7.19
N LYS C 7 10.19 1.12 8.40
CA LYS C 7 10.79 0.12 9.25
C LYS C 7 9.67 -0.67 9.90
N VAL C 8 9.98 -1.86 10.40
CA VAL C 8 8.89 -2.68 10.93
C VAL C 8 8.16 -1.96 12.06
N GLY C 9 6.84 -1.75 11.85
CA GLY C 9 5.98 -1.09 12.80
C GLY C 9 5.52 0.30 12.31
N GLU C 10 6.16 0.85 11.28
CA GLU C 10 5.80 2.15 10.73
C GLU C 10 4.68 2.04 9.69
N SER C 11 4.20 3.17 9.19
CA SER C 11 3.06 3.20 8.26
C SER C 11 3.20 4.25 7.16
N ILE C 12 2.30 4.15 6.17
CA ILE C 12 2.23 4.99 4.99
C ILE C 12 0.75 5.26 4.69
N ASN C 13 0.44 6.26 3.87
CA ASN C 13 -0.95 6.64 3.63
C ASN C 13 -1.25 6.73 2.13
N ILE C 14 -2.53 6.53 1.79
CA ILE C 14 -3.02 6.58 0.42
C ILE C 14 -4.42 7.19 0.41
N GLY C 15 -4.66 8.12 -0.53
CA GLY C 15 -5.94 8.80 -0.65
C GLY C 15 -6.33 9.42 0.69
N ASP C 16 -7.64 9.41 0.98
CA ASP C 16 -8.18 9.92 2.24
C ASP C 16 -9.01 8.84 2.94
N ASP C 17 -8.86 7.58 2.51
CA ASP C 17 -9.61 6.46 3.05
C ASP C 17 -8.73 5.23 3.28
N ILE C 18 -7.41 5.29 3.01
CA ILE C 18 -6.57 4.11 3.14
C ILE C 18 -5.27 4.44 3.88
N THR C 19 -4.77 3.45 4.61
CA THR C 19 -3.49 3.51 5.29
C THR C 19 -2.81 2.14 5.14
N ILE C 20 -1.48 2.12 5.23
CA ILE C 20 -0.67 0.93 5.00
C ILE C 20 0.33 0.82 6.13
N THR C 21 0.71 -0.42 6.49
CA THR C 21 1.63 -0.65 7.59
C THR C 21 2.53 -1.83 7.27
N ILE C 22 3.76 -1.81 7.79
CA ILE C 22 4.74 -2.86 7.63
C ILE C 22 4.84 -3.58 8.97
N LEU C 23 4.03 -4.62 9.15
CA LEU C 23 3.89 -5.25 10.46
C LEU C 23 5.19 -5.96 10.85
N GLY C 24 6.00 -6.36 9.87
CA GLY C 24 7.29 -6.97 10.15
C GLY C 24 7.84 -7.77 8.97
N VAL C 25 8.95 -8.48 9.19
CA VAL C 25 9.54 -9.34 8.18
C VAL C 25 9.85 -10.70 8.80
N SER C 26 10.18 -11.68 7.95
CA SER C 26 10.48 -13.04 8.35
C SER C 26 11.55 -13.59 7.42
N GLY C 27 12.62 -12.81 7.24
CA GLY C 27 13.65 -13.08 6.27
C GLY C 27 13.48 -12.10 5.12
N GLN C 28 13.73 -12.56 3.90
CA GLN C 28 13.45 -11.74 2.72
C GLN C 28 11.95 -11.65 2.46
N GLN C 29 11.14 -12.48 3.12
CA GLN C 29 9.70 -12.33 3.06
C GLN C 29 9.29 -11.22 4.03
N VAL C 30 8.14 -10.60 3.77
CA VAL C 30 7.69 -9.41 4.48
C VAL C 30 6.19 -9.49 4.71
N ARG C 31 5.71 -8.90 5.81
CA ARG C 31 4.30 -8.86 6.14
C ARG C 31 3.83 -7.42 6.30
N ILE C 32 2.71 -7.16 5.62
CA ILE C 32 2.20 -5.83 5.39
C ILE C 32 0.71 -5.83 5.68
N GLY C 33 0.21 -4.73 6.24
CA GLY C 33 -1.19 -4.60 6.58
C GLY C 33 -1.79 -3.41 5.86
N ILE C 34 -3.10 -3.42 5.72
CA ILE C 34 -3.86 -2.41 5.01
C ILE C 34 -5.06 -2.05 5.87
N ASN C 35 -5.48 -0.79 5.79
CA ASN C 35 -6.55 -0.27 6.62
C ASN C 35 -7.44 0.60 5.75
N ALA C 36 -8.48 -0.01 5.19
CA ALA C 36 -9.41 0.66 4.28
C ALA C 36 -10.83 0.17 4.51
N PRO C 37 -11.82 0.98 4.12
CA PRO C 37 -13.22 0.61 4.11
C PRO C 37 -13.50 -0.45 3.08
N LYS C 38 -14.64 -1.15 3.23
CA LYS C 38 -15.10 -2.11 2.24
C LYS C 38 -15.53 -1.37 0.97
N ASP C 39 -15.43 -0.04 0.99
CA ASP C 39 -15.66 0.83 -0.15
C ASP C 39 -14.61 0.61 -1.22
N VAL C 40 -13.54 -0.15 -0.89
CA VAL C 40 -12.45 -0.42 -1.80
C VAL C 40 -12.00 -1.88 -1.66
N ALA C 41 -11.30 -2.38 -2.69
CA ALA C 41 -10.83 -3.75 -2.71
C ALA C 41 -9.33 -3.78 -2.44
N VAL C 42 -8.86 -4.78 -1.68
CA VAL C 42 -7.43 -4.92 -1.42
C VAL C 42 -7.07 -6.42 -1.40
N HIS C 43 -6.08 -6.80 -2.21
CA HIS C 43 -5.64 -8.18 -2.29
C HIS C 43 -4.21 -8.24 -2.80
N ARG C 44 -3.57 -9.41 -2.69
CA ARG C 44 -2.27 -9.61 -3.33
C ARG C 44 -2.49 -9.95 -4.80
N GLU C 45 -1.46 -9.79 -5.62
CA GLU C 45 -1.55 -10.06 -7.06
C GLU C 45 -2.19 -11.41 -7.34
N GLU C 46 -1.96 -12.42 -6.50
CA GLU C 46 -2.48 -13.75 -6.76
C GLU C 46 -4.01 -13.79 -6.73
N ILE C 47 -4.65 -12.95 -5.90
CA ILE C 47 -6.11 -12.90 -5.86
C ILE C 47 -6.60 -11.85 -6.86
N TYR C 48 -5.87 -10.74 -6.97
CA TYR C 48 -6.25 -9.62 -7.81
C TYR C 48 -6.41 -10.04 -9.26
N GLN C 49 -5.63 -11.01 -9.71
CA GLN C 49 -5.66 -11.47 -11.09
C GLN C 49 -6.95 -12.21 -11.43
N ARG C 50 -7.70 -12.68 -10.42
CA ARG C 50 -8.99 -13.33 -10.66
C ARG C 50 -10.08 -12.28 -10.77
N ILE C 51 -9.82 -11.09 -10.20
CA ILE C 51 -10.79 -10.01 -10.19
C ILE C 51 -10.77 -9.32 -11.55
N GLN C 52 -9.59 -8.94 -12.03
CA GLN C 52 -9.48 -8.27 -13.33
C GLN C 52 -9.74 -9.23 -14.50
N ALA C 53 -10.07 -10.49 -14.19
CA ALA C 53 -10.36 -11.48 -15.21
C ALA C 53 -11.64 -11.16 -15.98
N GLY C 54 -12.45 -10.20 -15.51
CA GLY C 54 -13.67 -9.79 -16.20
C GLY C 54 -14.74 -9.25 -15.26
N LEU C 55 -14.36 -8.82 -14.06
CA LEU C 55 -15.32 -8.50 -13.01
C LEU C 55 -14.72 -7.62 -11.92
N THR C 56 -15.45 -7.42 -10.83
CA THR C 56 -14.99 -6.65 -9.67
C THR C 56 -15.56 -7.25 -8.39
N ALA C 57 -15.94 -8.52 -8.42
CA ALA C 57 -16.56 -9.20 -7.28
C ALA C 57 -16.07 -10.64 -7.19
N PRO C 58 -15.10 -10.91 -6.30
CA PRO C 58 -14.50 -12.21 -6.09
C PRO C 58 -15.51 -13.36 -5.98
N ASP C 59 -16.61 -13.12 -5.28
CA ASP C 59 -17.60 -14.16 -5.02
C ASP C 59 -18.90 -13.59 -4.48
#